data_9B8S
#
_entry.id   9B8S
#
_cell.length_a   1.00
_cell.length_b   1.00
_cell.length_c   1.00
_cell.angle_alpha   90.00
_cell.angle_beta   90.00
_cell.angle_gamma   90.00
#
_symmetry.space_group_name_H-M   'P 1'
#
loop_
_entity.id
_entity.type
_entity.pdbx_description
1 polymer 'DNA polymerase epsilon catalytic subunit A'
2 polymer 'Proliferating cell nuclear antigen'
3 polymer "DNA (5'-D(P*GP*TP*GP*AP*TP*GP*CP*TP*TP*TP*AP*GP*AP*TP*TP*TP*TP*TP*C)-3')"
4 polymer "DNA (5'-D(P*AP*AP*AP*GP*TP*GP*AP*AP*AP*AP*AP*TP*CP*TP*AP*AP*AP*GP*CP*AP*TP*CP*AP*C)-3')"
5 non-polymer 'IRON/SULFUR CLUSTER'
#
loop_
_entity_poly.entity_id
_entity_poly.type
_entity_poly.pdbx_seq_one_letter_code
_entity_poly.pdbx_strand_id
1 'polypeptide(L)'
;MSLRSGGRRRADPGADGEASRDDGATSSVSALKRLERSQWTDKMDLRFGFERLKEPGEKTGWLINMHPTEILDEDKRLGS
AVDYYFIQDDGSRFKVALPYKPYFYIATRKGCEREVSSFLSKKFQGKIAKVETVPKEDLDLPNHLVGLKRNYIRLSFHTV
EDLVKVRKEISPAVKKNREQDHASDAYTALLSSVLQRGGVITDEEETSKKIADQLDNIVDMREYDVPYHIRLSIDLKIHV
AHWYNVRYRGNAFPVEITRRDDLVERPDPVVLAFAIATTKLPLKFPDAETDQIMMISYMIDGQGYLITNREIVSEDIEDF
EFTPKPEYEGPFCVFNEPDEAHLIQRWFEHVQETKPTIMVTYNGDFFDWPFVEARAAVHGLSMQQEIGFQKDSQGEYKAP
QCIHMDCLRWVKRDSYLPVGSHNLKAAAKAKLGYDPVELDPEDMCRMATEQPQTLATYSVSDAVATYYLYMKYVHPFIFA
LCTIIPMEPDEVLRKGSGTLCEALLMVQAFHANIIFPNKQEQEFNKLTDDGHVLDSETYVGGHVEALESGVFRSDIPCRF
RMNPAAFDFLLQRVEKTLRHALEEEEKVPVEQVTNFEEVCDEIKSKLASLKDVPSRIECPLIYHLDVGAMYPNIILTNRL
QPSAMVDEATCAACDFNKPGANCQRKMAWQWRGEFMPASRSEYHRIQHQLESEKFPPLFPEGPARAFHELSREEQAKYEK
RRLADYCRKAYKKIHITKVEERLTTICQRENSFYVDTVRAFRDRRYEFKGLHKVWKKKLSAAVEVGDAAEVKRCKNMEVL
YDSLQLAHKCILNSFYGYVMRKGARWYSMEMAGIVCFTGANIITQARELIEQIGRPLELDTDGIWCVLPNSFPENFVFKT
TNVKKPKVTISYPGAMLNIMVKEGFTNDQYQELAEPSSLTYVTRSENSIFFEVDGPYLAMILPASKEEGKKLKKRYAVFN
EDGSLAELKGFEVKRRGELQLIKIFQSSVFEAFLKGSTLEEVYGSVAKVADYWLDVLYSKAANMPDSELFELISENRSMS
RKLEDYGEQKSTSISTAKRLAEFLGDQMVKDAGLSCRYIISRKPEGSPVTERAIPLAIFQAEPTVRKHFLRKWLKSSSLQ
DFDIRAILDWDYYIERLGSAIQKIITIPAALQQVKNPVPRVKHPDWLHKKLLEKNDVYKQKKISELFTLEGRRQVTMAEA
SEDSPRPSAPDMEDFGLVKLPHPAAPVTVKRKRVLWESQEESQDLTPTVPWQEILGQPPALGTSQEEWLVWLRFHKKKWQ
LQARQRLARRKRQRLESAEGVLRPGAIRDGPATGLGSFLRRTARSILDLPWQIVQISETSQAGLFRLWALVGSDLHCIRL
SIPRVFYVNQRVAKAEEGASYRKVNRVLPRSNMVYNLYEYSVPEDMYQEHINEINAELSAPDIEGVYETQVPLLFRALVH
LGCVCVVNKQLVRHLSGWEAETFALEHLEMRSLAQFSYLEPGSIRHIYLYHHAQAHKALFGIFIPSQRRASVFVLDTVRS
NQMPSLGALYSAEHGLLLEKVGPELLPPPKHTFEVRAETDLKTICRAIQRFLLAYKEERRGPTLIAVQSSWELKRLASEI
PVLEEFPLVPICVADKINYGVLDWQRHGARRMIRHYLNLDTCLSQAFEMSRYFHIPIGNLPEDISTFGSDLFFARHLQRH
NHLLWLSPTARPDLGGKEADDNCLVMEFDDQATVEINSSGCYSTVCVELDLQNLAVNTILQSHHVNDMEGADSMGISFDV
IQQASLEDMITGGQAASAPASYDETALCSNTFRILKSMVVGWVKEITQYHNIYADNQVMHFYRWLRSPSSLLHDPALHRT
LHNMMKKLFLQLIAEFKRLGSSVIYANFNRIILCTKKRRVEDAIAYVEYITSSIHSKETFHSLTISFSRCWEFLLWMDPS
NYGGIKGKVSSRIHCGLQDSQKAGGAEDEQENEDDEEERDGEEEEEAEESNVEDLLENNWNILQFLPQAASCQNYFLMIV
SAYIVAVYHCMKDGLRRSAPGSTPVRRRGASQLSQEAEGAVGALPGMITFSQDYVANELTQSFFTITQKIQKKVTGSRNS
TELSEMFPVLPGSHLLLNNPALEFIKYVCKVLSLDTNITNQVNKLNRDLLRLVDVGEFSEEAQFRDPCRSYVLPEVICRS
CNFCRDLDLCKDSSFSEDGAVLPQWLCSNCQAPYDSSAIEMTLVEVLQKKLMAFTLQDLVCLKCRGVKETSMPVYCSCAG
DFALTIHTQVFMEQIGIFRNIAQHYGMSYLLETLEWLLQKNPQLGH
;
A
2 'polypeptide(L)'
;MFEARLVQGSILKKVLEALKDLINEACWDISSSGVNLQSMDSSHVSLVQLTLRSEGFDTYRCDRNLAMGVNLTSMSKILK
CAGNEDIITLRAEDNADTLALVFEAPNQEKVSDYEMKLMDLDVEQLGIPEQEYSCVVKMPSGEFARICRDLSHIGDAVVI
SCAKDGVKFSASGELGNGNIKLSQTSNVDKEEEAVTIEMNEPVQLTFALRYLNFFTKATPLSSTVTLSMSADVPLVVEYK
IADMGHLKYYLAPKIEDEEGS
;
B,C,D
3 'polydeoxyribonucleotide'
;(DT)(DG)(DA)(DG)(DG)(DT)(DT)(DC)(DA)(DG)(DC)(DA)(DA)(DG)(DG)(DT)(DG)(DA)(DT)(DG)
(DC)(DT)(DT)(DT)(DA)(DG)(DA)(DT)(DT)(DT)(DT)(DT)(DC)(DA)(DC)
;
P
4 'polydeoxyribonucleotide'
;(DG)(DC)(DC)(DA)(DC)(DG)(DC)(DT)(DG)(DA)(DG)(DA)(DG)(DC)(DC)(DA)(DG)(DC)(DA)(DG)
(DC)(DA)(DA)(DA)(DG)(DT)(DG)(DA)(DA)(DA)(DA)(DA)(DT)(DC)(DT)(DA)(DA)(DA)(DG)(DC)
(DA)(DT)(DC)(DA)(DC)(DC)(DT)(DT)(DG)(DC)(DT)(DG)(DA)(DA)(DC)(DC)(DT)(DC)(DA)
;
T
#
# COMPACT_ATOMS: atom_id res chain seq x y z
N SER A 27 26.81 35.30 -31.01
CA SER A 27 28.24 35.41 -31.29
C SER A 27 28.85 36.61 -30.57
N SER A 28 29.19 37.64 -31.35
CA SER A 28 29.72 38.86 -30.75
C SER A 28 28.66 39.59 -29.93
N VAL A 29 27.39 39.46 -30.32
CA VAL A 29 26.32 40.03 -29.52
C VAL A 29 26.21 39.33 -28.17
N SER A 30 26.40 38.00 -28.15
CA SER A 30 26.42 37.27 -26.89
C SER A 30 27.63 37.67 -26.05
N ALA A 31 28.78 37.90 -26.70
CA ALA A 31 29.98 38.31 -25.98
C ALA A 31 29.79 39.68 -25.33
N LEU A 32 29.22 40.63 -26.07
CA LEU A 32 28.99 41.96 -25.49
C LEU A 32 27.88 41.93 -24.44
N LYS A 33 26.89 41.05 -24.62
CA LYS A 33 25.85 40.87 -23.60
C LYS A 33 26.45 40.36 -22.30
N ARG A 34 27.33 39.35 -22.39
CA ARG A 34 28.01 38.85 -21.21
C ARG A 34 28.92 39.90 -20.60
N LEU A 35 29.58 40.69 -21.43
CA LEU A 35 30.46 41.74 -20.93
C LEU A 35 29.69 42.81 -20.17
N GLU A 36 28.56 43.26 -20.72
CA GLU A 36 27.79 44.29 -20.05
C GLU A 36 27.09 43.75 -18.81
N ARG A 37 26.70 42.47 -18.83
CA ARG A 37 26.20 41.82 -17.62
C ARG A 37 27.28 41.81 -16.54
N SER A 38 28.51 41.48 -16.94
CA SER A 38 29.63 41.48 -16.00
C SER A 38 29.87 42.86 -15.43
N GLN A 39 29.87 43.89 -16.28
CA GLN A 39 30.16 45.24 -15.80
C GLN A 39 29.04 45.76 -14.90
N TRP A 40 27.78 45.43 -15.25
CA TRP A 40 26.65 45.77 -14.39
C TRP A 40 26.78 45.12 -13.02
N THR A 41 27.12 43.84 -12.99
CA THR A 41 27.30 43.16 -11.72
C THR A 41 28.49 43.71 -10.95
N ASP A 42 29.52 44.17 -11.66
CA ASP A 42 30.70 44.71 -10.99
C ASP A 42 30.40 46.04 -10.33
N LYS A 43 29.72 46.94 -11.04
CA LYS A 43 29.39 48.23 -10.43
C LYS A 43 28.36 48.04 -9.32
N MET A 44 27.43 47.10 -9.51
CA MET A 44 26.50 46.69 -8.46
C MET A 44 27.25 46.18 -7.23
N ASP A 45 28.30 45.39 -7.45
CA ASP A 45 29.03 44.81 -6.34
C ASP A 45 29.81 45.88 -5.59
N LEU A 46 30.50 46.75 -6.32
CA LEU A 46 31.28 47.79 -5.66
C LEU A 46 30.39 48.85 -5.03
N ARG A 47 29.10 48.89 -5.41
CA ARG A 47 28.16 49.74 -4.70
C ARG A 47 28.01 49.32 -3.24
N PHE A 48 28.19 48.03 -2.94
CA PHE A 48 27.91 47.52 -1.60
C PHE A 48 29.18 47.15 -0.84
N GLY A 49 30.27 47.89 -1.08
CA GLY A 49 31.54 47.53 -0.48
C GLY A 49 32.23 46.47 -1.32
N PHE A 50 33.08 45.65 -0.67
CA PHE A 50 33.81 44.54 -1.32
C PHE A 50 34.65 45.06 -2.49
N GLU A 51 35.66 45.83 -2.13
CA GLU A 51 36.42 46.57 -3.13
C GLU A 51 37.24 45.64 -4.02
N ARG A 52 37.54 46.13 -5.22
CA ARG A 52 38.40 45.43 -6.16
C ARG A 52 39.84 45.56 -5.68
N LEU A 53 40.36 44.53 -5.02
CA LEU A 53 41.73 44.55 -4.53
C LEU A 53 42.67 44.39 -5.71
N LYS A 54 43.22 45.51 -6.17
CA LYS A 54 44.15 45.52 -7.30
C LYS A 54 45.49 46.14 -6.96
N GLU A 55 45.76 46.44 -5.68
CA GLU A 55 47.10 46.89 -5.38
C GLU A 55 47.93 45.74 -4.83
N PRO A 56 49.23 45.72 -5.10
CA PRO A 56 50.08 44.65 -4.55
C PRO A 56 50.15 44.72 -3.03
N GLY A 57 50.17 43.55 -2.41
CA GLY A 57 50.26 43.46 -0.97
C GLY A 57 49.66 42.17 -0.46
N GLU A 58 49.93 41.91 0.82
CA GLU A 58 49.45 40.72 1.52
C GLU A 58 48.53 41.14 2.64
N LYS A 59 47.34 40.54 2.68
CA LYS A 59 46.33 40.90 3.66
C LYS A 59 45.75 39.65 4.30
N THR A 60 45.49 39.73 5.60
CA THR A 60 44.72 38.69 6.26
C THR A 60 43.30 38.69 5.71
N GLY A 61 42.72 37.49 5.64
CA GLY A 61 41.41 37.35 5.03
C GLY A 61 40.63 36.23 5.66
N TRP A 62 39.31 36.39 5.66
CA TRP A 62 38.39 35.44 6.28
C TRP A 62 37.14 35.39 5.40
N LEU A 63 36.97 34.26 4.72
CA LEU A 63 36.01 34.14 3.64
C LEU A 63 34.58 34.09 4.19
N ILE A 64 33.63 34.55 3.38
CA ILE A 64 32.22 34.36 3.71
C ILE A 64 31.50 33.66 2.56
N ASN A 65 31.71 34.13 1.33
CA ASN A 65 30.98 33.56 0.21
C ASN A 65 31.85 33.57 -1.05
N MET A 66 31.36 32.86 -2.05
CA MET A 66 32.01 32.68 -3.33
C MET A 66 31.00 32.97 -4.43
N HIS A 67 31.49 33.45 -5.59
CA HIS A 67 30.61 33.56 -6.74
C HIS A 67 31.42 33.60 -8.03
N PRO A 68 30.94 32.96 -9.10
CA PRO A 68 31.62 33.06 -10.39
C PRO A 68 31.21 34.31 -11.16
N THR A 69 32.10 34.73 -12.06
CA THR A 69 31.86 35.89 -12.90
C THR A 69 32.77 35.81 -14.12
N GLU A 70 32.81 36.91 -14.88
CA GLU A 70 33.76 37.10 -15.97
C GLU A 70 34.45 38.43 -15.77
N ILE A 71 35.78 38.40 -15.82
CA ILE A 71 36.61 39.60 -15.83
C ILE A 71 37.56 39.47 -17.01
N LEU A 72 37.75 40.57 -17.74
CA LEU A 72 38.64 40.57 -18.90
C LEU A 72 40.07 40.25 -18.49
N ASP A 73 40.72 39.41 -19.29
CA ASP A 73 42.06 38.93 -18.99
C ASP A 73 43.11 39.92 -19.49
N GLU A 74 44.37 39.48 -19.47
CA GLU A 74 45.45 40.25 -20.07
C GLU A 74 45.57 40.02 -21.57
N ASP A 75 44.76 39.11 -22.14
CA ASP A 75 44.86 38.74 -23.54
C ASP A 75 43.55 38.94 -24.30
N LYS A 76 42.70 39.87 -23.83
CA LYS A 76 41.51 40.38 -24.53
C LYS A 76 40.38 39.35 -24.59
N ARG A 77 40.65 38.12 -24.17
CA ARG A 77 39.65 37.06 -24.23
C ARG A 77 38.64 37.23 -23.09
N LEU A 78 37.38 36.92 -23.38
CA LEU A 78 36.34 36.93 -22.36
C LEU A 78 36.68 35.84 -21.35
N GLY A 79 37.17 36.24 -20.18
CA GLY A 79 37.73 35.28 -19.24
C GLY A 79 36.86 35.00 -18.04
N SER A 80 36.28 33.80 -18.00
CA SER A 80 35.47 33.39 -16.86
C SER A 80 36.34 33.23 -15.63
N ALA A 81 35.73 33.50 -14.47
CA ALA A 81 36.47 33.48 -13.21
C ALA A 81 35.47 33.24 -12.08
N VAL A 82 36.00 33.17 -10.85
CA VAL A 82 35.17 33.18 -9.65
C VAL A 82 35.75 34.20 -8.68
N ASP A 83 34.92 34.61 -7.73
CA ASP A 83 35.29 35.66 -6.79
C ASP A 83 35.17 35.14 -5.37
N TYR A 84 36.12 35.53 -4.54
CA TYR A 84 36.14 35.16 -3.13
C TYR A 84 35.94 36.41 -2.29
N TYR A 85 35.05 36.33 -1.32
CA TYR A 85 34.64 37.49 -0.52
C TYR A 85 35.19 37.36 0.90
N PHE A 86 36.13 38.23 1.26
CA PHE A 86 36.78 38.17 2.56
C PHE A 86 36.43 39.38 3.42
N ILE A 87 36.41 39.18 4.73
CA ILE A 87 36.35 40.25 5.71
C ILE A 87 37.45 40.00 6.74
N GLN A 88 37.59 40.95 7.66
CA GLN A 88 38.54 40.84 8.76
C GLN A 88 37.87 41.24 10.06
N ASP A 89 38.69 41.32 11.13
CA ASP A 89 38.15 41.63 12.46
C ASP A 89 37.58 43.04 12.51
N ASP A 90 38.24 43.99 11.85
CA ASP A 90 37.71 45.34 11.78
C ASP A 90 36.44 45.43 10.94
N GLY A 91 36.27 44.50 10.01
CA GLY A 91 35.18 44.58 9.06
C GLY A 91 35.59 45.03 7.68
N SER A 92 36.87 44.91 7.32
CA SER A 92 37.36 45.32 6.01
C SER A 92 36.79 44.44 4.92
N ARG A 93 35.79 44.95 4.21
CA ARG A 93 35.05 44.18 3.21
C ARG A 93 35.71 44.39 1.85
N PHE A 94 36.37 43.35 1.35
CA PHE A 94 37.02 43.39 0.05
C PHE A 94 36.77 42.07 -0.65
N LYS A 95 37.32 41.93 -1.85
CA LYS A 95 37.14 40.71 -2.63
C LYS A 95 38.32 40.54 -3.58
N VAL A 96 38.52 39.30 -4.03
CA VAL A 96 39.57 38.96 -4.98
C VAL A 96 39.02 38.03 -6.05
N ALA A 97 39.47 38.23 -7.29
CA ALA A 97 38.99 37.43 -8.40
C ALA A 97 39.89 36.24 -8.65
N LEU A 98 39.29 35.08 -8.90
CA LEU A 98 40.02 33.84 -9.13
C LEU A 98 39.65 33.26 -10.48
N PRO A 99 40.48 33.40 -11.49
CA PRO A 99 40.22 32.72 -12.77
C PRO A 99 40.90 31.37 -12.87
N TYR A 100 40.21 30.39 -13.44
CA TYR A 100 40.84 29.12 -13.80
C TYR A 100 40.12 28.52 -14.98
N LYS A 101 40.87 27.78 -15.79
CA LYS A 101 40.34 27.21 -17.02
C LYS A 101 39.36 26.08 -16.71
N PRO A 102 38.13 26.15 -17.23
CA PRO A 102 37.20 25.02 -17.06
C PRO A 102 37.69 23.77 -17.81
N TYR A 103 37.36 22.61 -17.24
CA TYR A 103 37.90 21.36 -17.75
C TYR A 103 36.98 20.20 -17.40
N PHE A 104 37.17 19.09 -18.12
CA PHE A 104 36.65 17.80 -17.69
C PHE A 104 37.49 16.70 -18.35
N TYR A 105 37.40 15.51 -17.78
CA TYR A 105 38.24 14.39 -18.16
C TYR A 105 37.51 13.44 -19.10
N ILE A 106 38.25 12.82 -20.01
CA ILE A 106 37.71 11.84 -20.95
C ILE A 106 38.67 10.67 -21.01
N ALA A 107 38.12 9.45 -20.93
CA ALA A 107 38.88 8.23 -21.17
C ALA A 107 38.35 7.53 -22.40
N THR A 108 39.28 7.02 -23.21
CA THR A 108 38.96 6.23 -24.40
C THR A 108 39.56 4.83 -24.21
N ARG A 109 39.56 4.06 -25.29
CA ARG A 109 40.24 2.78 -25.27
C ARG A 109 41.76 2.98 -25.27
N LYS A 110 42.48 1.89 -25.02
CA LYS A 110 43.94 1.95 -24.98
C LYS A 110 44.50 2.23 -26.36
N GLY A 111 45.40 3.21 -26.44
CA GLY A 111 45.99 3.60 -27.70
C GLY A 111 45.20 4.63 -28.49
N CYS A 112 44.26 5.32 -27.85
CA CYS A 112 43.40 6.30 -28.50
C CYS A 112 43.31 7.57 -27.66
N GLU A 113 44.47 8.11 -27.27
CA GLU A 113 44.50 9.33 -26.47
C GLU A 113 45.27 10.46 -27.14
N ARG A 114 46.35 10.16 -27.84
CA ARG A 114 47.14 11.20 -28.50
C ARG A 114 46.39 11.79 -29.68
N GLU A 115 45.86 10.93 -30.55
CA GLU A 115 45.12 11.40 -31.71
C GLU A 115 43.84 12.11 -31.30
N VAL A 116 43.18 11.61 -30.24
CA VAL A 116 41.99 12.26 -29.71
C VAL A 116 42.32 13.67 -29.24
N SER A 117 43.46 13.82 -28.56
CA SER A 117 43.90 15.14 -28.12
C SER A 117 44.17 16.06 -29.31
N SER A 118 44.79 15.52 -30.36
CA SER A 118 45.11 16.33 -31.54
C SER A 118 43.85 16.82 -32.25
N PHE A 119 42.92 15.90 -32.53
CA PHE A 119 41.69 16.31 -33.20
C PHE A 119 40.82 17.20 -32.33
N LEU A 120 40.82 16.99 -31.01
CA LEU A 120 40.05 17.88 -30.14
C LEU A 120 40.68 19.27 -30.08
N SER A 121 42.01 19.34 -30.17
CA SER A 121 42.68 20.63 -30.23
C SER A 121 42.35 21.36 -31.54
N LYS A 122 42.27 20.61 -32.64
CA LYS A 122 42.02 21.26 -33.92
C LYS A 122 40.54 21.34 -34.31
N LYS A 123 39.61 20.90 -33.46
CA LYS A 123 38.20 21.21 -33.72
C LYS A 123 37.60 22.20 -32.73
N PHE A 124 38.18 22.35 -31.55
CA PHE A 124 37.62 23.20 -30.52
C PHE A 124 38.48 24.42 -30.25
N GLN A 125 39.11 24.95 -31.29
CA GLN A 125 39.89 26.18 -31.15
C GLN A 125 38.96 27.35 -30.86
N GLY A 126 39.46 28.28 -30.05
CA GLY A 126 38.64 29.35 -29.52
C GLY A 126 37.85 28.98 -28.30
N LYS A 127 37.76 27.69 -27.97
CA LYS A 127 37.12 27.22 -26.76
C LYS A 127 38.12 26.60 -25.79
N ILE A 128 38.91 25.64 -26.27
CA ILE A 128 39.91 24.97 -25.44
C ILE A 128 41.14 25.86 -25.33
N ALA A 129 41.57 26.15 -24.10
CA ALA A 129 42.85 26.83 -23.90
C ALA A 129 44.01 25.92 -24.24
N LYS A 130 44.05 24.73 -23.63
CA LYS A 130 45.08 23.74 -23.93
C LYS A 130 44.55 22.35 -23.63
N VAL A 131 45.19 21.36 -24.24
CA VAL A 131 44.82 19.96 -24.10
C VAL A 131 45.96 19.23 -23.39
N GLU A 132 45.63 18.56 -22.28
CA GLU A 132 46.65 17.89 -21.48
C GLU A 132 46.18 16.50 -21.09
N THR A 133 47.12 15.56 -21.04
CA THR A 133 46.84 14.18 -20.63
C THR A 133 47.06 14.08 -19.13
N VAL A 134 45.99 13.92 -18.37
CA VAL A 134 46.04 13.78 -16.92
C VAL A 134 45.47 12.42 -16.56
N PRO A 135 46.33 11.44 -16.30
CA PRO A 135 45.84 10.15 -15.79
C PRO A 135 45.19 10.30 -14.43
N LYS A 136 44.14 9.54 -14.20
CA LYS A 136 43.44 9.53 -12.93
C LYS A 136 43.11 8.09 -12.55
N GLU A 137 43.01 7.84 -11.25
CA GLU A 137 42.91 6.47 -10.77
C GLU A 137 41.48 5.99 -10.88
N ASP A 138 41.28 4.89 -11.59
CA ASP A 138 39.96 4.28 -11.66
C ASP A 138 39.64 3.59 -10.33
N LEU A 139 38.36 3.39 -10.09
CA LEU A 139 37.91 2.60 -8.95
C LEU A 139 37.13 1.38 -9.40
N ASP A 140 36.27 1.51 -10.40
CA ASP A 140 35.54 0.38 -10.96
C ASP A 140 36.30 -0.12 -12.19
N LEU A 141 37.19 -1.08 -11.97
CA LEU A 141 38.01 -1.61 -13.06
C LEU A 141 38.53 -2.99 -12.67
N PRO A 142 38.61 -3.93 -13.62
CA PRO A 142 39.31 -5.18 -13.34
C PRO A 142 40.79 -4.94 -13.11
N ASN A 143 41.43 -5.92 -12.46
CA ASN A 143 42.76 -5.76 -11.86
C ASN A 143 42.76 -4.55 -10.95
N HIS A 144 41.90 -4.61 -9.92
CA HIS A 144 41.56 -3.46 -9.10
C HIS A 144 42.73 -2.98 -8.25
N LEU A 145 43.31 -1.84 -8.64
CA LEU A 145 44.43 -1.20 -7.93
C LEU A 145 45.63 -2.14 -7.80
N VAL A 146 46.00 -2.76 -8.92
CA VAL A 146 47.20 -3.59 -8.98
C VAL A 146 48.40 -2.72 -9.29
N GLY A 147 48.20 -1.41 -9.33
CA GLY A 147 49.22 -0.48 -9.76
C GLY A 147 49.01 0.10 -11.15
N LEU A 148 47.89 -0.22 -11.79
CA LEU A 148 47.58 0.32 -13.11
C LEU A 148 46.70 1.55 -12.97
N LYS A 149 47.09 2.63 -13.63
CA LYS A 149 46.38 3.91 -13.57
C LYS A 149 45.87 4.22 -14.97
N ARG A 150 44.56 4.39 -15.10
CA ARG A 150 43.98 4.76 -16.38
C ARG A 150 44.36 6.19 -16.74
N ASN A 151 44.60 6.41 -18.03
CA ASN A 151 45.05 7.71 -18.52
C ASN A 151 43.87 8.43 -19.17
N TYR A 152 43.53 9.60 -18.65
CA TYR A 152 42.47 10.43 -19.17
C TYR A 152 43.05 11.60 -19.94
N ILE A 153 42.18 12.29 -20.68
CA ILE A 153 42.56 13.52 -21.39
C ILE A 153 41.72 14.66 -20.82
N ARG A 154 42.37 15.80 -20.60
CA ARG A 154 41.75 16.95 -19.94
C ARG A 154 41.77 18.14 -20.89
N LEU A 155 40.60 18.71 -21.13
CA LEU A 155 40.43 19.80 -22.08
C LEU A 155 40.17 21.09 -21.30
N SER A 156 41.18 21.95 -21.23
CA SER A 156 41.07 23.21 -20.50
C SER A 156 40.35 24.23 -21.37
N PHE A 157 39.13 24.59 -20.97
CA PHE A 157 38.31 25.53 -21.72
C PHE A 157 38.56 26.95 -21.23
N HIS A 158 37.70 27.88 -21.65
CA HIS A 158 37.78 29.27 -21.24
C HIS A 158 36.61 29.72 -20.38
N THR A 159 35.38 29.53 -20.84
CA THR A 159 34.21 29.97 -20.12
C THR A 159 33.27 28.80 -19.85
N VAL A 160 32.41 28.98 -18.86
CA VAL A 160 31.41 27.97 -18.56
C VAL A 160 30.33 27.90 -19.64
N GLU A 161 30.14 28.99 -20.39
CA GLU A 161 29.17 28.96 -21.48
C GLU A 161 29.70 28.16 -22.66
N ASP A 162 30.99 28.34 -22.97
CA ASP A 162 31.64 27.47 -23.95
C ASP A 162 31.64 26.03 -23.47
N LEU A 163 31.77 25.82 -22.16
CA LEU A 163 31.64 24.49 -21.58
C LEU A 163 30.26 23.91 -21.83
N VAL A 164 29.23 24.72 -21.67
CA VAL A 164 27.86 24.26 -21.88
C VAL A 164 27.64 23.90 -23.35
N LYS A 165 28.12 24.75 -24.26
CA LYS A 165 27.89 24.46 -25.68
C LYS A 165 28.71 23.26 -26.15
N VAL A 166 29.92 23.09 -25.62
CA VAL A 166 30.73 21.93 -25.98
C VAL A 166 30.11 20.66 -25.40
N ARG A 167 29.61 20.71 -24.18
CA ARG A 167 29.02 19.52 -23.58
C ARG A 167 27.70 19.17 -24.27
N LYS A 168 26.98 20.15 -24.80
CA LYS A 168 25.80 19.83 -25.57
C LYS A 168 26.17 19.28 -26.95
N GLU A 169 27.32 19.72 -27.49
CA GLU A 169 27.78 19.15 -28.75
C GLU A 169 28.27 17.72 -28.58
N ILE A 170 28.80 17.39 -27.41
CA ILE A 170 29.44 16.08 -27.21
C ILE A 170 28.51 15.05 -26.55
N SER A 171 27.51 15.49 -25.77
CA SER A 171 26.65 14.56 -25.05
C SER A 171 25.89 13.55 -25.91
N PRO A 172 25.23 13.90 -27.03
CA PRO A 172 24.65 12.81 -27.84
C PRO A 172 25.70 12.03 -28.60
N ALA A 173 26.87 12.62 -28.86
CA ALA A 173 27.95 11.88 -29.50
C ALA A 173 28.45 10.76 -28.59
N VAL A 174 28.75 11.07 -27.33
CA VAL A 174 29.19 10.01 -26.42
C VAL A 174 28.04 9.10 -26.05
N LYS A 175 26.80 9.61 -26.08
CA LYS A 175 25.64 8.74 -25.85
C LYS A 175 25.53 7.68 -26.93
N LYS A 176 25.69 8.06 -28.19
CA LYS A 176 25.66 7.06 -29.25
C LYS A 176 26.92 6.20 -29.21
N ASN A 177 28.05 6.75 -28.75
CA ASN A 177 29.27 5.96 -28.62
C ASN A 177 29.08 4.81 -27.65
N ARG A 178 28.56 5.11 -26.45
CA ARG A 178 28.27 4.03 -25.51
C ARG A 178 27.12 3.16 -26.00
N GLU A 179 26.27 3.69 -26.89
CA GLU A 179 25.23 2.85 -27.48
C GLU A 179 25.82 1.78 -28.39
N GLN A 180 26.80 2.13 -29.25
CA GLN A 180 27.45 1.04 -29.99
C GLN A 180 28.35 0.21 -29.10
N ASP A 181 28.84 0.77 -27.99
CA ASP A 181 29.59 -0.04 -27.03
C ASP A 181 28.71 -1.13 -26.43
N HIS A 182 27.46 -0.80 -26.11
CA HIS A 182 26.49 -1.81 -25.72
C HIS A 182 26.18 -2.75 -26.89
N ALA A 183 26.07 -2.19 -28.10
CA ALA A 183 25.77 -3.01 -29.27
C ALA A 183 26.94 -3.92 -29.63
N SER A 184 28.17 -3.43 -29.50
CA SER A 184 29.35 -4.23 -29.82
C SER A 184 30.09 -4.63 -28.55
N ALA A 212 37.31 4.28 -36.30
CA ALA A 212 37.22 5.26 -37.37
C ALA A 212 37.53 6.66 -36.86
N ASP A 213 36.50 7.50 -36.76
CA ASP A 213 36.68 8.85 -36.24
C ASP A 213 36.98 8.80 -34.75
N GLN A 214 37.82 9.73 -34.29
CA GLN A 214 38.15 9.79 -32.87
C GLN A 214 37.02 10.34 -32.03
N LEU A 215 36.01 10.96 -32.66
CA LEU A 215 34.81 11.35 -31.93
C LEU A 215 34.02 10.14 -31.44
N ASP A 216 34.17 8.99 -32.11
CA ASP A 216 33.58 7.75 -31.62
C ASP A 216 34.45 7.09 -30.56
N ASN A 217 35.76 7.31 -30.60
CA ASN A 217 36.66 6.66 -29.64
C ASN A 217 36.46 7.21 -28.23
N ILE A 218 36.05 8.47 -28.13
CA ILE A 218 35.68 9.00 -26.82
C ILE A 218 34.37 8.34 -26.38
N VAL A 219 34.36 7.82 -25.16
CA VAL A 219 33.29 6.94 -24.73
C VAL A 219 32.76 7.34 -23.37
N ASP A 220 33.16 8.51 -22.87
CA ASP A 220 32.69 8.95 -21.56
C ASP A 220 32.73 10.47 -21.49
N MET A 221 31.68 11.04 -20.92
CA MET A 221 31.69 12.40 -20.43
C MET A 221 31.44 12.34 -18.93
N ARG A 222 32.03 13.26 -18.18
CA ARG A 222 31.90 13.20 -16.74
C ARG A 222 31.92 14.60 -16.14
N GLU A 223 31.62 14.64 -14.84
CA GLU A 223 31.42 15.82 -13.99
C GLU A 223 30.47 16.84 -14.63
N TYR A 224 29.61 16.40 -15.55
CA TYR A 224 28.73 17.32 -16.23
C TYR A 224 27.57 17.78 -15.37
N ASP A 225 27.04 16.91 -14.51
CA ASP A 225 25.98 17.34 -13.60
C ASP A 225 26.53 18.28 -12.54
N VAL A 226 27.75 18.05 -12.08
CA VAL A 226 28.29 18.86 -10.98
C VAL A 226 29.01 20.09 -11.56
N PRO A 227 28.58 21.29 -11.24
CA PRO A 227 29.06 22.47 -11.96
C PRO A 227 30.45 22.92 -11.55
N TYR A 228 30.84 24.06 -12.13
CA TYR A 228 32.22 24.55 -12.15
C TYR A 228 32.71 24.96 -10.77
N HIS A 229 31.79 25.44 -9.93
CA HIS A 229 32.07 25.83 -8.55
C HIS A 229 32.80 24.73 -7.78
N ILE A 230 32.29 23.51 -7.92
CA ILE A 230 32.78 22.40 -7.10
C ILE A 230 34.19 21.99 -7.50
N ARG A 231 34.44 21.84 -8.80
CA ARG A 231 35.76 21.36 -9.18
C ARG A 231 36.81 22.45 -9.08
N LEU A 232 36.42 23.73 -9.21
CA LEU A 232 37.38 24.77 -8.86
C LEU A 232 37.62 24.80 -7.36
N SER A 233 36.58 24.48 -6.57
CA SER A 233 36.72 24.47 -5.12
C SER A 233 37.67 23.39 -4.65
N ILE A 234 37.66 22.23 -5.33
CA ILE A 234 38.59 21.18 -4.96
C ILE A 234 39.92 21.28 -5.69
N ASP A 235 40.00 22.08 -6.76
CA ASP A 235 41.24 22.17 -7.53
C ASP A 235 42.31 22.94 -6.78
N LEU A 236 41.94 24.04 -6.13
CA LEU A 236 42.88 24.88 -5.41
C LEU A 236 42.87 24.63 -3.92
N LYS A 237 42.24 23.53 -3.48
CA LYS A 237 42.10 23.16 -2.06
C LYS A 237 41.42 24.24 -1.24
N ILE A 238 40.59 25.08 -1.86
CA ILE A 238 40.01 26.19 -1.13
C ILE A 238 38.86 25.69 -0.29
N HIS A 239 38.96 25.89 1.01
CA HIS A 239 37.91 25.54 1.95
C HIS A 239 37.36 26.84 2.50
N VAL A 240 36.04 26.99 2.45
CA VAL A 240 35.42 28.28 2.64
C VAL A 240 35.32 28.65 4.11
N ALA A 241 35.14 29.95 4.38
CA ALA A 241 34.87 30.52 5.70
C ALA A 241 35.94 30.12 6.72
N HIS A 242 37.19 30.34 6.36
CA HIS A 242 38.33 30.15 7.26
C HIS A 242 39.31 31.29 7.05
N TRP A 243 40.22 31.44 8.01
CA TRP A 243 41.21 32.50 7.92
C TRP A 243 42.27 32.14 6.90
N TYR A 244 42.35 32.91 5.81
CA TYR A 244 43.32 32.68 4.75
C TYR A 244 44.15 33.94 4.54
N ASN A 245 45.39 33.74 4.10
CA ASN A 245 46.26 34.84 3.69
C ASN A 245 46.18 35.01 2.19
N VAL A 246 45.92 36.24 1.75
CA VAL A 246 45.75 36.54 0.34
C VAL A 246 46.82 37.56 -0.06
N ARG A 247 47.48 37.33 -1.19
CA ARG A 247 48.51 38.22 -1.69
C ARG A 247 48.32 38.42 -3.18
N TYR A 248 48.20 39.67 -3.59
CA TYR A 248 48.14 40.04 -5.00
C TYR A 248 49.51 40.52 -5.44
N ARG A 249 49.99 40.00 -6.58
CA ARG A 249 51.31 40.31 -7.09
C ARG A 249 51.26 40.62 -8.58
N GLY A 250 50.36 41.51 -8.97
CA GLY A 250 50.29 41.87 -10.37
C GLY A 250 49.28 41.05 -11.13
N ASN A 251 48.82 41.61 -12.25
CA ASN A 251 47.87 40.89 -13.09
C ASN A 251 48.56 39.78 -13.89
N ALA A 252 49.87 39.87 -14.06
CA ALA A 252 50.59 38.86 -14.83
C ALA A 252 50.62 37.52 -14.09
N PHE A 253 50.58 37.56 -12.77
CA PHE A 253 50.58 36.34 -11.98
C PHE A 253 49.21 36.12 -11.36
N PRO A 254 48.76 34.88 -11.22
CA PRO A 254 47.49 34.64 -10.52
C PRO A 254 47.62 35.00 -9.04
N VAL A 255 46.51 35.46 -8.46
CA VAL A 255 46.51 35.77 -7.04
C VAL A 255 46.66 34.49 -6.25
N GLU A 256 47.52 34.52 -5.24
CA GLU A 256 47.84 33.33 -4.46
C GLU A 256 47.10 33.38 -3.13
N ILE A 257 46.55 32.24 -2.74
CA ILE A 257 45.79 32.09 -1.50
C ILE A 257 46.41 30.95 -0.71
N THR A 258 46.59 31.14 0.58
CA THR A 258 47.11 30.11 1.47
C THR A 258 46.17 29.92 2.65
N ARG A 259 46.08 28.68 3.12
CA ARG A 259 45.31 28.38 4.31
C ARG A 259 46.14 28.72 5.54
N ARG A 260 45.61 29.60 6.40
CA ARG A 260 46.15 29.81 7.73
C ARG A 260 45.38 28.92 8.69
N ASP A 261 46.09 28.11 9.46
CA ASP A 261 45.48 27.01 10.22
C ASP A 261 45.25 27.31 11.70
N ASP A 262 46.17 28.05 12.33
CA ASP A 262 46.13 28.18 13.78
C ASP A 262 45.05 29.15 14.26
N LEU A 263 44.69 30.14 13.44
CA LEU A 263 43.78 31.20 13.89
C LEU A 263 42.34 30.67 13.88
N VAL A 264 41.98 29.98 14.96
CA VAL A 264 40.61 29.49 15.09
C VAL A 264 39.67 30.58 15.55
N GLU A 265 40.21 31.70 16.05
CA GLU A 265 39.38 32.83 16.40
C GLU A 265 38.80 33.47 15.14
N ARG A 266 37.54 33.90 15.23
CA ARG A 266 36.85 34.35 14.03
C ARG A 266 35.78 35.37 14.38
N PRO A 267 35.54 36.37 13.53
CA PRO A 267 34.61 37.44 13.89
C PRO A 267 33.17 37.12 13.52
N ASP A 268 32.27 38.07 13.73
CA ASP A 268 30.88 37.94 13.31
C ASP A 268 30.59 38.86 12.13
N PRO A 269 30.21 38.33 10.98
CA PRO A 269 29.82 39.20 9.87
C PRO A 269 28.48 39.88 10.13
N VAL A 270 28.25 40.94 9.36
CA VAL A 270 27.02 41.72 9.48
C VAL A 270 25.83 40.86 9.05
N VAL A 271 24.81 40.83 9.89
CA VAL A 271 23.63 40.02 9.65
C VAL A 271 22.44 40.95 9.43
N LEU A 272 21.44 40.45 8.73
CA LEU A 272 20.13 41.08 8.64
C LEU A 272 19.09 40.01 8.93
N ALA A 273 18.21 40.27 9.88
CA ALA A 273 17.08 39.40 10.15
C ALA A 273 15.81 40.24 10.07
N PHE A 274 15.30 40.43 8.85
CA PHE A 274 14.10 41.23 8.63
C PHE A 274 12.88 40.37 8.92
N ALA A 275 11.87 40.96 9.55
CA ALA A 275 10.66 40.26 9.97
C ALA A 275 9.47 40.76 9.16
N ILE A 276 8.92 39.89 8.32
CA ILE A 276 7.88 40.28 7.38
C ILE A 276 6.52 40.16 8.04
N ALA A 277 5.56 40.91 7.50
CA ALA A 277 4.15 40.78 7.81
C ALA A 277 3.38 41.29 6.60
N THR A 278 2.27 40.63 6.27
CA THR A 278 1.52 40.96 5.06
C THR A 278 0.02 40.82 5.35
N THR A 279 -0.72 41.91 5.20
CA THR A 279 -2.18 41.83 5.29
C THR A 279 -2.74 41.13 4.06
N LYS A 280 -3.65 40.19 4.31
CA LYS A 280 -4.26 39.36 3.28
C LYS A 280 -5.77 39.49 3.40
N LEU A 281 -6.42 39.80 2.27
CA LEU A 281 -7.88 39.83 2.25
C LEU A 281 -8.43 38.42 2.40
N PRO A 282 -9.55 38.25 3.10
CA PRO A 282 -10.13 36.91 3.26
C PRO A 282 -10.57 36.31 1.93
N LEU A 283 -10.35 35.00 1.76
CA LEU A 283 -10.71 34.32 0.49
C LEU A 283 -9.85 34.90 -0.64
N LYS A 284 -8.52 34.84 -0.50
CA LYS A 284 -7.60 35.34 -1.50
C LYS A 284 -6.19 34.86 -1.15
N PHE A 285 -5.42 34.56 -2.17
CA PHE A 285 -3.99 34.30 -1.98
C PHE A 285 -3.31 35.61 -1.62
N PRO A 286 -2.47 35.63 -0.58
CA PRO A 286 -1.81 36.90 -0.21
C PRO A 286 -0.75 37.28 -1.24
N ASP A 287 -0.82 38.51 -1.72
CA ASP A 287 0.08 38.96 -2.78
C ASP A 287 0.34 40.45 -2.63
N ALA A 288 1.44 40.89 -3.24
CA ALA A 288 1.88 42.27 -3.09
C ALA A 288 1.03 43.23 -3.93
N GLU A 289 0.49 42.74 -5.05
CA GLU A 289 -0.28 43.60 -5.94
C GLU A 289 -1.59 44.03 -5.29
N THR A 290 -2.23 43.13 -4.54
CA THR A 290 -3.54 43.44 -3.96
C THR A 290 -3.42 44.38 -2.77
N ASP A 291 -2.46 44.14 -1.88
CA ASP A 291 -2.48 44.81 -0.58
C ASP A 291 -1.14 45.51 -0.35
N GLN A 292 -0.87 45.96 0.89
CA GLN A 292 0.31 46.80 1.12
C GLN A 292 1.01 46.40 2.42
N ILE A 293 2.33 46.66 2.47
CA ILE A 293 3.16 46.32 3.63
C ILE A 293 2.84 47.24 4.80
N MET A 294 3.12 46.76 6.01
CA MET A 294 3.01 47.56 7.21
C MET A 294 4.34 48.16 7.65
N MET A 295 5.34 47.34 7.92
CA MET A 295 6.60 47.83 8.49
C MET A 295 7.69 46.78 8.26
N ILE A 296 8.85 47.03 8.84
CA ILE A 296 9.96 46.08 8.84
C ILE A 296 10.84 46.38 10.06
N SER A 297 11.38 45.32 10.65
CA SER A 297 12.37 45.39 11.72
C SER A 297 13.46 44.36 11.45
N TYR A 298 14.68 44.68 11.87
CA TYR A 298 15.80 43.87 11.44
C TYR A 298 16.93 43.98 12.46
N MET A 299 17.78 42.97 12.50
CA MET A 299 18.79 42.79 13.54
C MET A 299 20.18 42.69 12.92
N ILE A 300 21.15 43.35 13.53
CA ILE A 300 22.53 43.35 13.05
C ILE A 300 23.49 43.04 14.20
N ASP A 301 23.97 41.80 14.27
CA ASP A 301 25.04 41.37 15.16
C ASP A 301 24.75 41.67 16.63
N GLY A 302 23.47 41.56 16.99
CA GLY A 302 23.06 41.87 18.35
C GLY A 302 22.27 43.15 18.46
N GLN A 303 22.64 44.15 17.66
CA GLN A 303 21.95 45.44 17.66
C GLN A 303 20.92 45.47 16.54
N GLY A 304 19.68 45.81 16.88
CA GLY A 304 18.63 45.81 15.89
C GLY A 304 18.08 47.18 15.56
N TYR A 305 17.22 47.24 14.53
CA TYR A 305 16.57 48.47 14.13
C TYR A 305 15.16 48.14 13.65
N LEU A 306 14.41 49.16 13.28
CA LEU A 306 13.11 48.97 12.65
C LEU A 306 12.81 50.17 11.78
N ILE A 307 12.08 49.91 10.69
CA ILE A 307 11.63 50.92 9.76
C ILE A 307 10.15 50.70 9.47
N THR A 308 9.32 51.70 9.78
CA THR A 308 7.87 51.51 9.87
C THR A 308 7.13 52.52 9.02
N ASN A 309 6.30 52.02 8.11
CA ASN A 309 5.49 52.85 7.22
C ASN A 309 4.26 53.35 7.98
N ARG A 310 4.10 54.67 8.05
CA ARG A 310 3.10 55.28 8.91
C ARG A 310 1.82 55.69 8.19
N GLU A 311 1.70 55.43 6.88
CA GLU A 311 0.50 55.87 6.17
C GLU A 311 -0.71 55.04 6.57
N ILE A 312 -0.51 53.77 6.90
CA ILE A 312 -1.58 52.95 7.44
C ILE A 312 -1.37 52.65 8.93
N VAL A 313 -0.15 52.78 9.44
CA VAL A 313 0.09 52.63 10.86
C VAL A 313 -0.44 53.86 11.59
N SER A 314 -1.28 53.63 12.59
CA SER A 314 -2.03 54.72 13.22
C SER A 314 -1.13 55.62 14.06
N GLU A 315 -0.24 55.03 14.85
CA GLU A 315 0.50 55.78 15.86
C GLU A 315 1.99 55.57 15.70
N ASP A 316 2.76 56.59 16.06
CA ASP A 316 4.20 56.45 16.11
C ASP A 316 4.62 55.55 17.29
N ILE A 317 5.83 55.01 17.20
CA ILE A 317 6.30 53.99 18.12
C ILE A 317 7.68 54.36 18.64
N GLU A 318 8.07 53.70 19.74
CA GLU A 318 9.34 53.97 20.39
C GLU A 318 10.14 52.69 20.60
N ASP A 319 11.26 52.78 21.30
CA ASP A 319 12.21 51.68 21.40
C ASP A 319 11.63 50.50 22.20
N PHE A 320 11.93 49.29 21.72
CA PHE A 320 11.53 48.06 22.38
C PHE A 320 12.76 47.31 22.87
N GLU A 321 12.55 46.44 23.85
CA GLU A 321 13.56 45.49 24.31
C GLU A 321 12.89 44.13 24.50
N PHE A 322 13.60 43.08 24.11
CA PHE A 322 13.11 41.71 24.23
C PHE A 322 14.21 40.85 24.85
N THR A 323 14.15 40.69 26.18
CA THR A 323 15.18 39.94 26.92
C THR A 323 14.50 38.89 27.78
N PRO A 324 14.06 37.77 27.17
CA PRO A 324 13.47 36.69 27.97
C PRO A 324 14.50 35.79 28.62
N LYS A 325 15.78 35.92 28.27
CA LYS A 325 16.85 35.07 28.73
C LYS A 325 18.00 35.95 29.23
N PRO A 326 18.74 35.50 30.24
CA PRO A 326 19.89 36.29 30.71
C PRO A 326 20.95 36.56 29.67
N GLU A 327 21.19 35.62 28.75
CA GLU A 327 22.20 35.80 27.71
C GLU A 327 21.59 36.27 26.39
N TYR A 328 20.37 36.79 26.42
CA TYR A 328 19.68 37.30 25.24
C TYR A 328 19.39 38.79 25.41
N GLU A 329 19.80 39.59 24.42
CA GLU A 329 19.62 41.04 24.49
C GLU A 329 19.72 41.62 23.08
N GLY A 330 18.68 42.34 22.65
CA GLY A 330 18.75 43.08 21.42
C GLY A 330 18.13 44.47 21.54
N PRO A 331 18.94 45.51 21.36
CA PRO A 331 18.40 46.88 21.36
C PRO A 331 18.00 47.34 19.97
N PHE A 332 16.98 48.21 19.93
CA PHE A 332 16.36 48.65 18.69
C PHE A 332 16.48 50.16 18.54
N CYS A 333 15.91 50.67 17.45
CA CYS A 333 15.74 52.09 17.19
C CYS A 333 14.64 52.25 16.15
N VAL A 334 13.80 53.25 16.33
CA VAL A 334 12.59 53.41 15.52
C VAL A 334 12.86 54.44 14.43
N PHE A 335 12.61 54.03 13.19
CA PHE A 335 12.51 54.95 12.05
C PHE A 335 11.08 54.83 11.53
N ASN A 336 10.38 55.95 11.46
CA ASN A 336 8.98 55.97 11.05
C ASN A 336 8.86 56.74 9.73
N GLU A 337 8.14 56.16 8.78
CA GLU A 337 8.13 56.62 7.40
C GLU A 337 6.72 56.98 6.99
N PRO A 338 6.48 58.23 6.57
CA PRO A 338 5.11 58.64 6.22
C PRO A 338 4.56 57.94 4.99
N ASP A 339 5.43 57.46 4.10
CA ASP A 339 5.01 56.90 2.82
C ASP A 339 5.56 55.49 2.67
N GLU A 340 4.80 54.66 1.95
CA GLU A 340 5.28 53.31 1.64
C GLU A 340 6.50 53.37 0.72
N ALA A 341 6.53 54.35 -0.18
CA ALA A 341 7.76 54.63 -0.90
C ALA A 341 8.85 55.08 0.06
N HIS A 342 8.50 55.91 1.06
CA HIS A 342 9.48 56.34 2.05
C HIS A 342 9.94 55.13 2.88
N LEU A 343 9.02 54.21 3.17
CA LEU A 343 9.37 52.92 3.78
C LEU A 343 10.43 52.18 2.99
N ILE A 344 10.14 51.90 1.71
CA ILE A 344 11.00 50.99 0.94
C ILE A 344 12.35 51.65 0.64
N GLN A 345 12.35 52.95 0.35
CA GLN A 345 13.62 53.64 0.19
C GLN A 345 14.41 53.68 1.49
N ARG A 346 13.79 54.10 2.62
CA ARG A 346 14.49 54.18 3.89
C ARG A 346 15.13 52.84 4.27
N TRP A 347 14.43 51.73 4.02
CA TRP A 347 15.02 50.41 4.18
C TRP A 347 16.19 50.21 3.22
N PHE A 348 16.06 50.68 1.98
CA PHE A 348 17.11 50.39 0.99
C PHE A 348 18.37 51.24 1.19
N GLU A 349 18.25 52.52 1.49
CA GLU A 349 19.46 53.25 1.89
C GLU A 349 19.99 52.80 3.25
N HIS A 350 19.13 52.26 4.13
CA HIS A 350 19.68 51.70 5.37
C HIS A 350 20.52 50.46 5.10
N VAL A 351 20.10 49.63 4.14
CA VAL A 351 20.95 48.50 3.80
C VAL A 351 22.08 48.93 2.87
N GLN A 352 21.97 50.10 2.25
CA GLN A 352 23.11 50.66 1.51
C GLN A 352 24.25 51.01 2.47
N GLU A 353 23.92 51.72 3.55
CA GLU A 353 24.94 52.06 4.53
C GLU A 353 25.36 50.87 5.38
N THR A 354 24.59 49.77 5.35
CA THR A 354 24.91 48.62 6.18
C THR A 354 26.14 47.88 5.70
N LYS A 355 26.40 47.90 4.37
CA LYS A 355 27.34 47.02 3.69
C LYS A 355 26.99 45.59 4.05
N PRO A 356 25.87 45.06 3.57
CA PRO A 356 25.34 43.81 4.12
C PRO A 356 25.87 42.55 3.46
N THR A 357 26.13 41.54 4.28
CA THR A 357 26.55 40.22 3.81
C THR A 357 25.57 39.11 4.15
N ILE A 358 24.85 39.20 5.27
CA ILE A 358 23.95 38.14 5.70
C ILE A 358 22.58 38.76 5.84
N MET A 359 21.58 38.14 5.19
CA MET A 359 20.22 38.69 5.22
C MET A 359 19.25 37.51 5.20
N VAL A 360 18.81 37.08 6.39
CA VAL A 360 18.15 35.80 6.56
C VAL A 360 16.76 36.00 7.16
N THR A 361 15.75 35.50 6.45
CA THR A 361 14.43 35.24 7.00
C THR A 361 13.91 33.97 6.34
N TYR A 362 13.17 33.19 7.12
CA TYR A 362 12.70 31.89 6.68
C TYR A 362 11.70 32.01 5.54
N ASN A 363 11.81 31.08 4.59
CA ASN A 363 10.95 31.00 3.41
C ASN A 363 10.94 32.31 2.62
N GLY A 364 12.14 32.87 2.43
CA GLY A 364 12.25 34.07 1.64
C GLY A 364 11.90 33.85 0.19
N ASP A 365 12.40 32.75 -0.38
CA ASP A 365 12.33 32.47 -1.81
C ASP A 365 10.96 31.97 -2.27
N PHE A 366 9.92 32.09 -1.43
CA PHE A 366 8.56 31.88 -1.91
C PHE A 366 7.57 32.93 -1.44
N PHE A 367 7.89 33.73 -0.43
CA PHE A 367 6.92 34.70 0.08
C PHE A 367 7.50 36.10 0.33
N ASP A 368 8.80 36.31 0.14
CA ASP A 368 9.39 37.60 0.45
C ASP A 368 10.05 38.27 -0.74
N TRP A 369 10.91 37.55 -1.46
CA TRP A 369 11.66 38.22 -2.52
C TRP A 369 10.84 38.48 -3.78
N PRO A 370 10.02 37.53 -4.28
CA PRO A 370 9.04 37.94 -5.30
C PRO A 370 8.07 39.00 -4.79
N PHE A 371 7.71 38.91 -3.51
CA PHE A 371 6.88 39.93 -2.86
C PHE A 371 7.51 41.31 -2.93
N VAL A 372 8.77 41.42 -2.50
CA VAL A 372 9.45 42.72 -2.46
C VAL A 372 9.73 43.24 -3.87
N GLU A 373 10.07 42.37 -4.82
CA GLU A 373 10.29 42.88 -6.17
C GLU A 373 8.98 43.31 -6.82
N ALA A 374 7.86 42.66 -6.46
CA ALA A 374 6.56 43.16 -6.90
C ALA A 374 6.26 44.52 -6.29
N ARG A 375 6.65 44.71 -5.02
CA ARG A 375 6.49 46.01 -4.37
C ARG A 375 7.27 47.10 -5.09
N ALA A 376 8.51 46.79 -5.48
CA ALA A 376 9.32 47.76 -6.21
C ALA A 376 8.79 47.98 -7.62
N ALA A 377 8.18 46.94 -8.22
CA ALA A 377 7.65 47.08 -9.57
C ALA A 377 6.38 47.92 -9.60
N VAL A 378 5.58 47.88 -8.53
CA VAL A 378 4.41 48.77 -8.45
C VAL A 378 4.85 50.22 -8.40
N HIS A 379 5.88 50.52 -7.60
CA HIS A 379 6.43 51.87 -7.53
C HIS A 379 7.45 52.14 -8.63
N GLY A 380 7.74 51.17 -9.49
CA GLY A 380 8.71 51.36 -10.55
C GLY A 380 10.15 51.29 -10.11
N LEU A 381 10.41 50.90 -8.87
CA LEU A 381 11.78 50.86 -8.37
C LEU A 381 12.54 49.67 -8.95
N SER A 382 13.79 49.89 -9.34
CA SER A 382 14.60 48.87 -10.00
C SER A 382 15.36 48.07 -8.94
N MET A 383 14.92 46.83 -8.71
CA MET A 383 15.55 46.00 -7.69
C MET A 383 16.94 45.56 -8.10
N GLN A 384 17.14 45.24 -9.38
CA GLN A 384 18.44 44.74 -9.85
C GLN A 384 19.52 45.78 -9.69
N GLN A 385 19.18 47.05 -9.93
CA GLN A 385 20.11 48.13 -9.65
C GLN A 385 20.23 48.38 -8.15
N GLU A 386 19.09 48.31 -7.44
CA GLU A 386 19.10 48.62 -6.01
C GLU A 386 19.88 47.59 -5.21
N ILE A 387 19.59 46.31 -5.40
CA ILE A 387 20.36 45.25 -4.76
C ILE A 387 20.89 44.31 -5.83
N GLY A 388 19.98 43.68 -6.57
CA GLY A 388 20.37 42.69 -7.55
C GLY A 388 19.64 41.38 -7.39
N PHE A 389 18.60 41.37 -6.55
CA PHE A 389 17.82 40.17 -6.26
C PHE A 389 17.06 39.75 -7.51
N GLN A 390 17.46 38.62 -8.08
CA GLN A 390 16.91 38.14 -9.34
C GLN A 390 16.42 36.71 -9.15
N LYS A 391 15.33 36.38 -9.84
CA LYS A 391 14.79 35.02 -9.81
C LYS A 391 15.81 34.01 -10.29
N ASP A 392 16.01 32.95 -9.53
CA ASP A 392 16.87 31.87 -9.94
C ASP A 392 16.19 31.05 -11.03
N SER A 393 16.98 30.22 -11.72
CA SER A 393 16.43 29.31 -12.71
C SER A 393 15.54 28.25 -12.10
N GLN A 394 15.66 27.99 -10.79
CA GLN A 394 14.82 27.00 -10.12
C GLN A 394 14.03 27.61 -8.96
N GLY A 395 13.80 28.91 -8.98
CA GLY A 395 12.81 29.52 -8.11
C GLY A 395 13.31 30.13 -6.81
N GLU A 396 14.48 30.76 -6.84
CA GLU A 396 15.06 31.40 -5.66
C GLU A 396 15.62 32.75 -6.06
N TYR A 397 16.27 33.43 -5.11
CA TYR A 397 16.87 34.75 -5.35
C TYR A 397 18.30 34.75 -4.82
N LYS A 398 19.25 34.28 -5.62
CA LYS A 398 20.64 34.26 -5.21
C LYS A 398 21.20 35.67 -5.10
N ALA A 399 21.97 35.90 -4.05
CA ALA A 399 22.57 37.22 -3.82
C ALA A 399 24.06 37.15 -4.11
N PRO A 400 24.56 37.84 -5.14
CA PRO A 400 25.99 37.77 -5.46
C PRO A 400 26.86 38.57 -4.52
N GLN A 401 26.28 39.43 -3.69
CA GLN A 401 27.04 40.16 -2.69
C GLN A 401 26.65 39.81 -1.26
N CYS A 402 25.56 39.09 -1.08
CA CYS A 402 24.99 38.84 0.23
C CYS A 402 24.70 37.35 0.37
N ILE A 403 24.29 36.96 1.57
CA ILE A 403 23.91 35.58 1.84
C ILE A 403 22.52 35.57 2.48
N HIS A 404 21.60 34.83 1.86
CA HIS A 404 20.23 34.72 2.33
C HIS A 404 19.93 33.26 2.63
N MET A 405 19.74 32.96 3.91
CA MET A 405 19.37 31.62 4.35
C MET A 405 17.89 31.55 4.71
N ASP A 406 17.47 30.33 5.02
CA ASP A 406 16.11 30.04 5.46
C ASP A 406 16.10 28.78 6.31
N CYS A 407 15.57 28.91 7.53
CA CYS A 407 15.68 27.83 8.49
C CYS A 407 14.78 26.66 8.12
N LEU A 408 13.74 26.91 7.33
CA LEU A 408 12.90 25.83 6.80
C LEU A 408 13.70 24.89 5.91
N ARG A 409 14.85 25.32 5.41
CA ARG A 409 15.76 24.40 4.76
C ARG A 409 16.63 23.65 5.78
N TRP A 410 16.51 23.96 7.07
CA TRP A 410 17.25 23.20 8.08
C TRP A 410 16.37 22.70 9.22
N VAL A 411 15.39 23.48 9.66
CA VAL A 411 14.53 23.00 10.75
C VAL A 411 13.60 21.89 10.24
N LYS A 412 13.23 21.94 8.96
CA LYS A 412 12.34 20.93 8.42
C LYS A 412 13.10 19.70 7.96
N ARG A 413 14.37 19.86 7.58
CA ARG A 413 15.13 18.77 7.00
C ARG A 413 16.26 18.28 7.89
N ASP A 414 17.20 19.16 8.25
CA ASP A 414 18.45 18.73 8.84
C ASP A 414 18.52 18.95 10.34
N SER A 415 17.44 19.41 10.97
CA SER A 415 17.42 19.55 12.42
C SER A 415 16.91 18.30 13.13
N TYR A 416 16.47 17.29 12.37
CA TYR A 416 15.89 16.02 12.86
C TYR A 416 14.85 16.21 13.97
N LEU A 417 14.11 17.31 13.90
CA LEU A 417 12.98 17.59 14.76
C LEU A 417 11.71 17.03 14.14
N PRO A 418 10.58 17.04 14.89
CA PRO A 418 9.29 16.69 14.27
C PRO A 418 8.98 17.53 13.04
N VAL A 419 8.50 16.87 11.98
CA VAL A 419 8.36 17.52 10.69
C VAL A 419 7.24 18.54 10.72
N GLY A 420 6.08 18.16 11.28
CA GLY A 420 4.96 19.08 11.34
C GLY A 420 5.14 20.24 12.30
N SER A 421 6.10 20.14 13.21
CA SER A 421 6.43 21.23 14.13
C SER A 421 7.62 22.05 13.63
N HIS A 422 7.71 22.24 12.31
CA HIS A 422 8.78 23.02 11.70
C HIS A 422 8.50 24.52 11.71
N ASN A 423 7.38 24.96 12.27
CA ASN A 423 7.11 26.38 12.31
C ASN A 423 8.02 27.08 13.30
N LEU A 424 8.15 28.40 13.13
CA LEU A 424 9.15 29.16 13.86
C LEU A 424 8.78 29.29 15.32
N LYS A 425 7.48 29.36 15.62
CA LYS A 425 7.03 29.30 17.00
C LYS A 425 7.38 27.95 17.61
N ALA A 426 7.17 26.88 16.85
CA ALA A 426 7.52 25.54 17.33
C ALA A 426 9.03 25.36 17.40
N ALA A 427 9.77 25.98 16.47
CA ALA A 427 11.22 25.93 16.53
C ALA A 427 11.74 26.65 17.78
N ALA A 428 11.12 27.78 18.11
CA ALA A 428 11.49 28.51 19.32
C ALA A 428 11.14 27.70 20.58
N LYS A 429 9.96 27.08 20.59
CA LYS A 429 9.58 26.26 21.74
C LYS A 429 10.41 24.99 21.82
N ALA A 430 11.07 24.59 20.74
CA ALA A 430 11.97 23.46 20.79
C ALA A 430 13.36 23.86 21.30
N LYS A 431 13.94 24.91 20.73
CA LYS A 431 15.33 25.24 20.98
C LYS A 431 15.51 26.37 21.99
N LEU A 432 14.89 27.51 21.75
CA LEU A 432 14.79 28.52 22.81
C LEU A 432 13.97 28.00 23.98
N GLY A 433 12.93 27.23 23.68
CA GLY A 433 12.03 26.71 24.70
C GLY A 433 10.85 27.58 25.01
N TYR A 434 10.72 28.74 24.35
CA TYR A 434 9.63 29.67 24.62
C TYR A 434 9.03 30.14 23.30
N ASP A 435 7.73 29.90 23.13
CA ASP A 435 7.05 30.26 21.90
C ASP A 435 6.71 31.75 21.88
N PRO A 436 6.96 32.44 20.78
CA PRO A 436 6.62 33.86 20.69
C PRO A 436 5.13 34.07 20.44
N VAL A 437 4.75 35.34 20.31
CA VAL A 437 3.35 35.69 20.08
C VAL A 437 2.99 35.40 18.62
N GLU A 438 1.72 35.09 18.39
CA GLU A 438 1.22 34.71 17.08
C GLU A 438 0.16 35.68 16.58
N LEU A 439 -0.33 35.39 15.38
CA LEU A 439 -1.44 36.13 14.78
C LEU A 439 -2.13 35.23 13.76
N ASP A 440 -3.42 35.49 13.56
CA ASP A 440 -4.18 34.78 12.54
C ASP A 440 -4.12 35.58 11.24
N PRO A 441 -3.59 35.01 10.14
CA PRO A 441 -3.50 35.79 8.89
C PRO A 441 -4.85 36.12 8.27
N GLU A 442 -5.93 35.44 8.66
CA GLU A 442 -7.25 35.80 8.16
C GLU A 442 -7.68 37.17 8.66
N ASP A 443 -7.42 37.47 9.93
CA ASP A 443 -7.95 38.69 10.56
C ASP A 443 -6.85 39.63 11.02
N MET A 444 -5.64 39.53 10.48
CA MET A 444 -4.57 40.38 11.00
C MET A 444 -4.55 41.76 10.35
N CYS A 445 -5.31 41.95 9.27
CA CYS A 445 -5.42 43.29 8.68
C CYS A 445 -6.16 44.24 9.60
N ARG A 446 -7.32 43.81 10.10
CA ARG A 446 -8.05 44.62 11.08
C ARG A 446 -7.32 44.68 12.41
N MET A 447 -6.56 43.63 12.75
CA MET A 447 -5.71 43.65 13.94
C MET A 447 -4.62 44.71 13.81
N ALA A 448 -4.07 44.88 12.61
CA ALA A 448 -3.07 45.92 12.37
C ALA A 448 -3.70 47.30 12.42
N THR A 449 -4.88 47.46 11.81
CA THR A 449 -5.47 48.78 11.73
C THR A 449 -5.97 49.25 13.08
N GLU A 450 -6.40 48.33 13.95
CA GLU A 450 -6.93 48.77 15.24
C GLU A 450 -5.81 49.22 16.18
N GLN A 451 -4.65 48.57 16.09
CA GLN A 451 -3.50 48.89 16.94
C GLN A 451 -2.24 48.43 16.24
N PRO A 452 -1.23 49.29 16.12
CA PRO A 452 0.03 48.89 15.47
C PRO A 452 1.07 48.30 16.41
N GLN A 453 0.92 48.55 17.72
CA GLN A 453 1.90 48.07 18.69
C GLN A 453 1.95 46.54 18.74
N THR A 454 0.82 45.89 18.46
CA THR A 454 0.79 44.43 18.42
C THR A 454 1.70 43.89 17.34
N LEU A 455 1.58 44.42 16.12
CA LEU A 455 2.47 43.99 15.04
C LEU A 455 3.90 44.42 15.28
N ALA A 456 4.10 45.57 15.93
CA ALA A 456 5.45 46.03 16.23
C ALA A 456 6.16 45.05 17.18
N THR A 457 5.51 44.72 18.30
CA THR A 457 6.09 43.78 19.26
C THR A 457 6.23 42.39 18.65
N TYR A 458 5.22 41.97 17.87
CA TYR A 458 5.27 40.67 17.20
C TYR A 458 6.46 40.57 16.27
N SER A 459 6.67 41.60 15.43
CA SER A 459 7.74 41.55 14.45
C SER A 459 9.10 41.64 15.12
N VAL A 460 9.27 42.48 16.14
CA VAL A 460 10.57 42.57 16.78
C VAL A 460 10.89 41.29 17.54
N SER A 461 9.90 40.67 18.17
CA SER A 461 10.12 39.40 18.86
C SER A 461 10.46 38.30 17.86
N ASP A 462 9.75 38.26 16.73
CA ASP A 462 10.00 37.25 15.71
C ASP A 462 11.40 37.42 15.14
N ALA A 463 11.82 38.66 14.89
CA ALA A 463 13.14 38.92 14.34
C ALA A 463 14.24 38.56 15.32
N VAL A 464 14.08 38.89 16.59
CA VAL A 464 15.15 38.61 17.54
C VAL A 464 15.23 37.12 17.81
N ALA A 465 14.08 36.43 17.79
CA ALA A 465 14.10 34.97 17.88
C ALA A 465 14.73 34.34 16.65
N THR A 466 14.50 34.94 15.48
CA THR A 466 15.13 34.45 14.26
C THR A 466 16.64 34.59 14.32
N TYR A 467 17.13 35.72 14.83
CA TYR A 467 18.57 35.89 15.01
C TYR A 467 19.12 34.89 16.01
N TYR A 468 18.40 34.66 17.10
CA TYR A 468 18.93 33.74 18.11
C TYR A 468 18.95 32.30 17.59
N LEU A 469 17.93 31.92 16.82
CA LEU A 469 17.91 30.60 16.21
C LEU A 469 19.03 30.45 15.19
N TYR A 470 19.29 31.51 14.42
CA TYR A 470 20.36 31.44 13.43
C TYR A 470 21.73 31.41 14.11
N MET A 471 21.91 32.19 15.16
CA MET A 471 23.23 32.32 15.78
C MET A 471 23.57 31.08 16.59
N LYS A 472 22.60 30.56 17.35
CA LYS A 472 22.89 29.42 18.20
C LYS A 472 23.02 28.12 17.40
N TYR A 473 22.43 28.06 16.20
CA TYR A 473 22.39 26.79 15.50
C TYR A 473 22.89 26.85 14.06
N VAL A 474 22.68 27.96 13.37
CA VAL A 474 22.90 27.93 11.93
C VAL A 474 24.28 28.48 11.55
N HIS A 475 24.80 29.49 12.26
CA HIS A 475 26.24 29.75 12.16
C HIS A 475 27.09 28.55 12.56
N PRO A 476 26.77 27.79 13.61
CA PRO A 476 27.45 26.49 13.76
C PRO A 476 27.31 25.59 12.55
N PHE A 477 26.16 25.63 11.88
CA PHE A 477 25.98 24.74 10.73
C PHE A 477 26.83 25.19 9.55
N ILE A 478 26.93 26.50 9.31
CA ILE A 478 27.70 26.96 8.17
C ILE A 478 29.19 26.79 8.42
N PHE A 479 29.64 27.01 9.68
CA PHE A 479 31.03 26.73 10.00
C PHE A 479 31.30 25.23 9.93
N ALA A 480 30.32 24.45 10.35
CA ALA A 480 30.38 23.00 10.33
C ALA A 480 30.58 22.48 8.91
N LEU A 481 29.81 23.02 7.98
CA LEU A 481 29.90 22.58 6.61
C LEU A 481 30.97 23.32 5.83
N CYS A 482 31.56 24.37 6.40
CA CYS A 482 32.68 25.01 5.73
C CYS A 482 34.00 24.44 6.17
N THR A 483 34.00 23.61 7.23
CA THR A 483 35.18 22.90 7.70
C THR A 483 35.97 22.25 6.58
N ILE A 484 35.35 21.34 5.84
CA ILE A 484 36.02 20.68 4.74
C ILE A 484 35.22 20.69 3.45
N ILE A 485 33.91 20.89 3.50
CA ILE A 485 33.07 20.83 2.32
C ILE A 485 33.21 22.16 1.62
N PRO A 486 33.76 22.20 0.42
CA PRO A 486 34.20 23.47 -0.17
C PRO A 486 33.08 24.19 -0.92
N MET A 487 31.92 24.29 -0.29
CA MET A 487 30.71 24.73 -0.98
C MET A 487 30.24 26.05 -0.41
N GLU A 488 29.59 26.84 -1.26
CA GLU A 488 28.91 28.04 -0.78
C GLU A 488 27.64 27.63 -0.04
N PRO A 489 27.28 28.35 1.03
CA PRO A 489 26.29 27.82 1.98
C PRO A 489 24.86 27.68 1.44
N ASP A 490 24.50 28.37 0.36
CA ASP A 490 23.12 28.32 -0.09
C ASP A 490 22.78 26.95 -0.66
N GLU A 491 23.63 26.45 -1.56
CA GLU A 491 23.43 25.09 -2.05
C GLU A 491 23.87 24.06 -1.02
N VAL A 492 24.56 24.48 0.05
CA VAL A 492 24.73 23.58 1.20
C VAL A 492 23.37 23.30 1.83
N LEU A 493 22.61 24.35 2.13
CA LEU A 493 21.31 24.13 2.75
C LEU A 493 20.33 23.49 1.78
N ARG A 494 20.26 23.99 0.54
CA ARG A 494 19.23 23.54 -0.38
C ARG A 494 19.46 22.09 -0.81
N LYS A 495 20.65 21.79 -1.33
CA LYS A 495 20.92 20.44 -1.77
C LYS A 495 21.03 19.50 -0.58
N GLY A 496 20.74 18.23 -0.82
CA GLY A 496 20.54 17.29 0.26
C GLY A 496 21.84 16.85 0.93
N SER A 497 21.65 16.18 2.07
CA SER A 497 22.79 15.59 2.77
C SER A 497 23.42 14.46 1.97
N GLY A 498 22.64 13.83 1.09
CA GLY A 498 23.22 12.88 0.16
C GLY A 498 24.20 13.54 -0.77
N THR A 499 23.85 14.74 -1.27
CA THR A 499 24.79 15.52 -2.05
C THR A 499 25.93 16.05 -1.19
N LEU A 500 25.72 16.22 0.11
CA LEU A 500 26.83 16.56 0.98
C LEU A 500 27.82 15.41 1.08
N CYS A 501 27.31 14.19 1.23
CA CYS A 501 28.18 13.02 1.19
C CYS A 501 28.87 12.90 -0.15
N GLU A 502 28.16 13.22 -1.23
CA GLU A 502 28.77 13.31 -2.55
C GLU A 502 29.94 14.27 -2.55
N ALA A 503 29.75 15.43 -1.93
CA ALA A 503 30.81 16.43 -1.86
C ALA A 503 32.02 15.91 -1.08
N LEU A 504 31.78 15.24 0.05
CA LEU A 504 32.88 14.60 0.78
C LEU A 504 33.59 13.58 -0.08
N LEU A 505 32.83 12.85 -0.90
CA LEU A 505 33.43 11.86 -1.77
C LEU A 505 34.35 12.53 -2.79
N MET A 506 33.92 13.67 -3.34
CA MET A 506 34.81 14.42 -4.22
C MET A 506 36.06 14.90 -3.47
N VAL A 507 35.88 15.38 -2.24
CA VAL A 507 36.98 15.95 -1.48
C VAL A 507 38.04 14.90 -1.22
N GLN A 508 37.65 13.77 -0.63
CA GLN A 508 38.64 12.74 -0.36
C GLN A 508 39.00 11.96 -1.60
N ALA A 509 38.24 12.10 -2.69
CA ALA A 509 38.60 11.45 -3.93
C ALA A 509 39.75 12.15 -4.60
N PHE A 510 39.74 13.49 -4.57
CA PHE A 510 40.89 14.21 -5.12
C PHE A 510 42.10 14.09 -4.20
N HIS A 511 41.85 13.95 -2.90
CA HIS A 511 42.94 13.56 -2.00
C HIS A 511 43.43 12.15 -2.32
N ALA A 512 42.53 11.28 -2.76
CA ALA A 512 42.94 9.99 -3.29
C ALA A 512 43.41 10.08 -4.74
N ASN A 513 43.13 11.20 -5.42
CA ASN A 513 43.41 11.39 -6.85
C ASN A 513 42.79 10.27 -7.68
N ILE A 514 41.56 9.90 -7.35
CA ILE A 514 40.83 8.88 -8.08
C ILE A 514 39.80 9.58 -8.95
N ILE A 515 39.38 8.91 -10.03
CA ILE A 515 38.46 9.52 -10.97
C ILE A 515 37.05 9.50 -10.39
N PHE A 516 36.23 10.48 -10.80
CA PHE A 516 34.85 10.56 -10.37
C PHE A 516 34.01 9.66 -11.26
N PRO A 517 33.29 8.69 -10.71
CA PRO A 517 32.43 7.86 -11.56
C PRO A 517 31.31 8.65 -12.19
N ASN A 518 30.92 8.26 -13.40
CA ASN A 518 29.82 8.92 -14.07
C ASN A 518 28.52 8.65 -13.33
N LYS A 519 27.69 9.70 -13.21
CA LYS A 519 26.40 9.56 -12.55
C LYS A 519 25.46 8.80 -13.46
N GLN A 520 25.08 7.59 -13.05
CA GLN A 520 24.41 6.67 -13.95
C GLN A 520 22.97 7.10 -14.22
N GLU A 521 22.45 6.65 -15.36
CA GLU A 521 21.07 6.84 -15.72
C GLU A 521 20.28 5.57 -15.43
N GLN A 522 19.01 5.73 -15.08
CA GLN A 522 18.14 4.58 -14.88
C GLN A 522 17.88 3.90 -16.21
N GLU A 523 18.04 2.58 -16.23
CA GLU A 523 17.77 1.78 -17.42
C GLU A 523 16.54 0.93 -17.16
N PHE A 524 15.60 0.93 -18.09
CA PHE A 524 14.41 0.12 -18.00
C PHE A 524 14.71 -1.28 -18.53
N ASN A 525 13.64 -2.06 -18.75
CA ASN A 525 13.62 -3.48 -19.20
C ASN A 525 14.74 -4.33 -18.60
N LYS A 526 14.88 -4.24 -17.29
CA LYS A 526 15.81 -5.11 -16.56
C LYS A 526 15.42 -6.57 -16.71
N LEU A 527 16.42 -7.39 -17.05
CA LEU A 527 16.21 -8.80 -17.33
C LEU A 527 17.03 -9.64 -16.36
N THR A 528 16.39 -10.62 -15.72
CA THR A 528 17.05 -11.46 -14.74
C THR A 528 17.85 -12.56 -15.45
N ASP A 529 18.23 -13.59 -14.69
CA ASP A 529 18.99 -14.71 -15.25
C ASP A 529 18.22 -15.40 -16.37
N ASP A 530 16.89 -15.49 -16.25
CA ASP A 530 16.07 -16.01 -17.32
C ASP A 530 15.60 -14.92 -18.28
N GLY A 531 16.23 -13.75 -18.22
CA GLY A 531 15.84 -12.64 -19.09
C GLY A 531 14.45 -12.12 -18.82
N HIS A 532 14.08 -12.05 -17.54
CA HIS A 532 12.69 -11.85 -17.16
C HIS A 532 12.51 -10.39 -16.74
N VAL A 533 11.42 -9.78 -17.22
CA VAL A 533 11.28 -8.33 -17.14
C VAL A 533 11.00 -7.92 -15.69
N LEU A 534 11.83 -7.00 -15.18
CA LEU A 534 11.68 -6.48 -13.84
C LEU A 534 10.82 -5.22 -13.86
N ASP A 535 9.98 -5.06 -12.84
CA ASP A 535 9.14 -3.88 -12.73
C ASP A 535 9.79 -2.80 -11.89
N SER A 536 10.07 -3.08 -10.63
CA SER A 536 10.75 -2.15 -9.74
C SER A 536 11.63 -2.94 -8.80
N GLU A 537 12.85 -2.48 -8.59
CA GLU A 537 13.84 -3.19 -7.78
C GLU A 537 14.12 -2.43 -6.50
N THR A 538 14.30 -3.19 -5.42
CA THR A 538 14.61 -2.64 -4.10
C THR A 538 15.29 -3.73 -3.28
N TYR A 539 15.36 -3.52 -1.98
CA TYR A 539 16.00 -4.44 -1.06
C TYR A 539 14.96 -5.24 -0.30
N VAL A 540 15.41 -5.97 0.72
CA VAL A 540 14.49 -6.58 1.67
C VAL A 540 13.78 -5.52 2.50
N GLY A 541 14.31 -4.31 2.56
CA GLY A 541 13.63 -3.20 3.20
C GLY A 541 13.95 -3.07 4.68
N GLY A 542 13.39 -2.02 5.26
CA GLY A 542 13.57 -1.75 6.68
C GLY A 542 12.91 -2.80 7.54
N HIS A 543 13.73 -3.63 8.18
CA HIS A 543 13.24 -4.71 9.02
C HIS A 543 12.75 -4.09 10.33
N VAL A 544 11.54 -3.55 10.27
CA VAL A 544 10.97 -2.75 11.34
C VAL A 544 9.74 -3.47 11.89
N GLU A 545 9.83 -3.92 13.13
CA GLU A 545 8.76 -4.70 13.74
C GLU A 545 8.57 -4.27 15.18
N ALA A 546 7.30 -4.22 15.61
CA ALA A 546 6.95 -4.01 17.01
C ALA A 546 6.29 -5.29 17.52
N LEU A 547 6.85 -5.86 18.58
CA LEU A 547 6.31 -7.11 19.10
C LEU A 547 5.04 -6.86 19.91
N GLU A 548 5.17 -6.14 21.02
CA GLU A 548 4.03 -5.75 21.83
C GLU A 548 3.70 -4.28 21.59
N SER A 549 2.57 -3.85 22.13
CA SER A 549 2.13 -2.48 21.94
C SER A 549 1.29 -2.04 23.13
N GLY A 550 1.15 -0.73 23.28
CA GLY A 550 0.34 -0.14 24.32
C GLY A 550 1.14 0.85 25.15
N VAL A 551 0.56 1.24 26.28
CA VAL A 551 1.22 2.18 27.17
C VAL A 551 2.32 1.45 27.94
N PHE A 552 3.45 2.14 28.10
CA PHE A 552 4.53 1.64 28.94
C PHE A 552 5.13 2.85 29.63
N ARG A 553 4.75 3.06 30.89
CA ARG A 553 5.33 4.10 31.72
C ARG A 553 6.17 3.41 32.78
N SER A 554 7.40 3.89 32.95
CA SER A 554 8.39 3.16 33.75
C SER A 554 7.98 3.08 35.22
N ASP A 555 7.43 4.16 35.76
CA ASP A 555 7.03 4.16 37.16
C ASP A 555 5.79 3.30 37.40
N ILE A 556 4.89 3.23 36.42
CA ILE A 556 3.72 2.36 36.54
C ILE A 556 4.17 0.92 36.34
N PRO A 557 3.99 0.05 37.34
CA PRO A 557 4.60 -1.29 37.26
C PRO A 557 3.92 -2.18 36.23
N CYS A 558 4.70 -3.13 35.70
CA CYS A 558 4.19 -4.11 34.75
C CYS A 558 4.71 -5.50 35.09
N ARG A 559 4.52 -6.44 34.18
CA ARG A 559 4.85 -7.84 34.43
C ARG A 559 6.12 -8.24 33.71
N PHE A 560 6.89 -9.10 34.37
CA PHE A 560 8.09 -9.70 33.78
C PHE A 560 8.07 -11.20 34.05
N ARG A 561 8.57 -11.97 33.08
CA ARG A 561 8.67 -13.43 33.18
C ARG A 561 10.03 -13.82 32.58
N MET A 562 11.01 -14.04 33.45
CA MET A 562 12.40 -14.18 33.01
C MET A 562 12.82 -15.64 33.01
N ASN A 563 14.11 -15.87 32.72
CA ASN A 563 14.70 -17.20 32.75
C ASN A 563 15.95 -17.13 33.61
N PRO A 564 16.00 -17.86 34.73
CA PRO A 564 17.23 -17.88 35.54
C PRO A 564 18.41 -18.53 34.83
N ALA A 565 18.16 -19.39 33.84
CA ALA A 565 19.24 -20.02 33.08
C ALA A 565 20.05 -18.97 32.32
N ALA A 566 19.36 -18.01 31.71
CA ALA A 566 20.05 -16.90 31.07
C ALA A 566 20.79 -16.05 32.08
N PHE A 567 20.29 -15.96 33.31
CA PHE A 567 20.97 -15.19 34.35
C PHE A 567 22.28 -15.86 34.75
N ASP A 568 22.26 -17.18 34.90
CA ASP A 568 23.51 -17.92 35.16
C ASP A 568 24.46 -17.80 33.97
N PHE A 569 23.89 -17.80 32.75
CA PHE A 569 24.65 -17.59 31.53
C PHE A 569 25.37 -16.25 31.56
N LEU A 570 24.70 -15.22 32.06
CA LEU A 570 25.38 -13.95 32.32
C LEU A 570 26.45 -14.11 33.39
N LEU A 571 26.17 -14.94 34.41
CA LEU A 571 27.02 -14.99 35.60
C LEU A 571 28.40 -15.52 35.31
N GLN A 572 28.54 -16.51 34.40
CA GLN A 572 29.92 -17.00 34.22
C GLN A 572 30.80 -15.99 33.49
N ARG A 573 30.21 -15.01 32.80
CA ARG A 573 30.97 -14.04 32.03
C ARG A 573 30.77 -12.60 32.51
N VAL A 574 30.26 -12.42 33.74
CA VAL A 574 30.16 -11.07 34.32
C VAL A 574 31.52 -10.38 34.34
N GLU A 575 32.55 -11.09 34.84
CA GLU A 575 33.87 -10.47 34.96
C GLU A 575 34.50 -10.22 33.59
N LYS A 576 34.29 -11.15 32.64
CA LYS A 576 34.79 -10.94 31.29
C LYS A 576 34.11 -9.75 30.63
N THR A 577 32.80 -9.59 30.88
CA THR A 577 32.06 -8.44 30.39
C THR A 577 32.64 -7.14 30.93
N LEU A 578 32.89 -7.09 32.23
CA LEU A 578 33.43 -5.87 32.84
C LEU A 578 34.83 -5.58 32.35
N ARG A 579 35.65 -6.62 32.18
CA ARG A 579 37.02 -6.44 31.71
C ARG A 579 37.03 -5.90 30.28
N HIS A 580 36.20 -6.50 29.41
CA HIS A 580 36.10 -6.00 28.04
C HIS A 580 35.55 -4.59 28.01
N ALA A 581 34.68 -4.26 28.97
CA ALA A 581 34.16 -2.90 29.08
C ALA A 581 35.28 -1.92 29.43
N LEU A 582 36.19 -2.32 30.32
CA LEU A 582 37.25 -1.40 30.72
C LEU A 582 38.32 -1.24 29.63
N GLU A 583 38.99 -2.33 29.25
CA GLU A 583 40.12 -2.16 28.31
C GLU A 583 39.70 -1.80 26.89
N GLU A 584 38.42 -1.87 26.54
CA GLU A 584 38.08 -1.57 25.15
C GLU A 584 37.20 -0.34 24.95
N GLU A 585 36.51 0.14 25.96
CA GLU A 585 35.77 1.39 25.79
C GLU A 585 36.68 2.60 25.96
N GLU A 586 37.23 2.78 27.16
CA GLU A 586 38.09 3.92 27.46
C GLU A 586 39.57 3.58 27.34
N LYS A 587 39.91 2.38 26.86
CA LYS A 587 41.28 1.88 26.77
C LYS A 587 41.99 1.94 28.12
N VAL A 588 41.26 1.61 29.17
CA VAL A 588 41.74 1.72 30.55
C VAL A 588 41.96 0.30 31.08
N PRO A 589 43.16 -0.06 31.50
CA PRO A 589 43.40 -1.41 32.03
C PRO A 589 42.75 -1.63 33.38
N VAL A 590 42.52 -2.92 33.69
CA VAL A 590 41.86 -3.31 34.93
C VAL A 590 42.73 -2.97 36.14
N GLU A 591 44.05 -3.06 36.01
CA GLU A 591 44.95 -2.91 37.15
C GLU A 591 44.89 -1.50 37.75
N GLN A 592 44.43 -0.51 37.00
CA GLN A 592 44.23 0.80 37.58
C GLN A 592 42.93 0.88 38.38
N VAL A 593 41.96 0.02 38.07
CA VAL A 593 40.68 0.06 38.76
C VAL A 593 40.85 -0.41 40.19
N THR A 594 40.35 0.40 41.14
CA THR A 594 40.50 0.10 42.56
C THR A 594 39.47 -0.90 43.06
N ASN A 595 38.19 -0.58 42.89
CA ASN A 595 37.09 -1.32 43.52
C ASN A 595 36.39 -2.26 42.56
N PHE A 596 37.17 -2.95 41.72
CA PHE A 596 36.61 -3.91 40.78
C PHE A 596 35.83 -5.02 41.49
N GLU A 597 36.38 -5.52 42.59
CA GLU A 597 35.72 -6.60 43.34
C GLU A 597 34.41 -6.13 43.94
N GLU A 598 34.35 -4.87 44.40
CA GLU A 598 33.14 -4.35 45.03
C GLU A 598 31.97 -4.33 44.05
N VAL A 599 32.18 -3.73 42.88
CA VAL A 599 31.11 -3.66 41.89
C VAL A 599 30.81 -5.03 41.31
N CYS A 600 31.81 -5.93 41.25
CA CYS A 600 31.55 -7.30 40.85
C CYS A 600 30.57 -7.98 41.81
N ASP A 601 30.82 -7.85 43.11
CA ASP A 601 29.92 -8.45 44.10
C ASP A 601 28.55 -7.78 44.08
N GLU A 602 28.50 -6.47 43.84
CA GLU A 602 27.22 -5.79 43.72
C GLU A 602 26.43 -6.31 42.52
N ILE A 603 27.11 -6.56 41.39
CA ILE A 603 26.47 -7.11 40.21
C ILE A 603 25.95 -8.52 40.50
N LYS A 604 26.76 -9.34 41.19
CA LYS A 604 26.30 -10.68 41.57
C LYS A 604 25.06 -10.61 42.45
N SER A 605 25.06 -9.70 43.42
CA SER A 605 23.94 -9.57 44.34
C SER A 605 22.66 -9.15 43.61
N LYS A 606 22.76 -8.13 42.75
CA LYS A 606 21.58 -7.66 42.05
C LYS A 606 21.08 -8.68 41.03
N LEU A 607 21.99 -9.35 40.33
CA LEU A 607 21.56 -10.29 39.31
C LEU A 607 20.97 -11.55 39.95
N ALA A 608 21.48 -11.95 41.11
CA ALA A 608 20.84 -13.05 41.84
C ALA A 608 19.50 -12.62 42.40
N SER A 609 19.39 -11.36 42.85
CA SER A 609 18.13 -10.84 43.34
C SER A 609 17.09 -10.72 42.23
N LEU A 610 17.54 -10.68 40.98
CA LEU A 610 16.61 -10.85 39.87
C LEU A 610 16.40 -12.33 39.55
N LYS A 611 17.42 -13.15 39.74
CA LYS A 611 17.41 -14.54 39.26
C LYS A 611 16.52 -15.43 40.10
N ASP A 612 16.41 -15.15 41.40
CA ASP A 612 15.72 -16.06 42.31
C ASP A 612 14.24 -16.21 41.97
N VAL A 613 13.58 -15.11 41.63
CA VAL A 613 12.20 -15.16 41.16
C VAL A 613 12.14 -14.53 39.77
N PRO A 614 12.10 -15.33 38.69
CA PRO A 614 12.13 -14.74 37.34
C PRO A 614 10.80 -14.16 36.90
N SER A 615 9.69 -14.57 37.50
CA SER A 615 8.36 -14.08 37.14
C SER A 615 7.90 -13.12 38.22
N ARG A 616 7.85 -11.84 37.89
CA ARG A 616 7.55 -10.81 38.88
C ARG A 616 6.68 -9.73 38.26
N ILE A 617 6.07 -8.95 39.15
CA ILE A 617 5.42 -7.68 38.79
C ILE A 617 6.27 -6.58 39.41
N GLU A 618 6.93 -5.79 38.57
CA GLU A 618 7.89 -4.82 39.06
C GLU A 618 7.92 -3.66 38.07
N CYS A 619 8.46 -2.52 38.52
CA CYS A 619 8.46 -1.31 37.71
C CYS A 619 9.35 -1.48 36.49
N PRO A 620 8.84 -1.22 35.29
CA PRO A 620 9.66 -1.33 34.08
C PRO A 620 10.77 -0.30 34.03
N LEU A 621 11.85 -0.66 33.35
CA LEU A 621 12.99 0.23 33.10
C LEU A 621 13.13 0.36 31.59
N ILE A 622 12.61 1.45 31.04
CA ILE A 622 12.56 1.66 29.59
C ILE A 622 13.94 2.10 29.13
N TYR A 623 14.68 1.19 28.51
CA TYR A 623 15.98 1.48 27.93
C TYR A 623 15.94 1.28 26.43
N HIS A 624 16.45 2.26 25.70
CA HIS A 624 16.56 2.20 24.26
C HIS A 624 17.92 1.61 23.91
N LEU A 625 17.91 0.48 23.20
CA LEU A 625 19.15 -0.01 22.60
C LEU A 625 19.35 0.72 21.28
N ASP A 626 19.84 1.94 21.39
CA ASP A 626 20.18 2.72 20.22
C ASP A 626 21.61 2.46 19.79
N VAL A 627 21.79 2.32 18.48
CA VAL A 627 23.10 2.32 17.87
C VAL A 627 23.10 3.29 16.69
N GLY A 628 23.38 4.56 16.99
CA GLY A 628 23.55 5.54 15.95
C GLY A 628 24.88 5.33 15.24
N ALA A 629 24.91 5.72 13.96
CA ALA A 629 26.02 5.45 13.06
C ALA A 629 26.36 3.96 13.04
N MET A 630 25.33 3.12 13.08
CA MET A 630 25.59 1.68 13.04
C MET A 630 26.08 1.26 11.66
N TYR A 631 25.56 1.91 10.60
CA TYR A 631 25.93 1.62 9.22
C TYR A 631 27.45 1.80 9.07
N PRO A 632 28.02 3.01 9.18
CA PRO A 632 29.45 3.13 8.87
C PRO A 632 30.32 2.44 9.89
N ASN A 633 29.77 2.13 11.06
CA ASN A 633 30.44 1.23 11.98
C ASN A 633 30.62 -0.16 11.35
N ILE A 634 29.56 -0.69 10.74
CA ILE A 634 29.68 -2.01 10.11
C ILE A 634 30.58 -1.96 8.88
N ILE A 635 30.44 -0.90 8.06
CA ILE A 635 31.38 -0.69 6.96
C ILE A 635 32.82 -0.59 7.47
N LEU A 636 33.02 0.01 8.65
CA LEU A 636 34.34 0.00 9.25
C LEU A 636 34.78 -1.41 9.62
N THR A 637 33.86 -2.21 10.17
CA THR A 637 34.22 -3.56 10.59
C THR A 637 34.64 -4.43 9.42
N ASN A 638 33.93 -4.34 8.30
CA ASN A 638 34.18 -5.25 7.19
C ASN A 638 34.87 -4.59 5.99
N ARG A 639 35.24 -3.31 6.11
CA ARG A 639 35.91 -2.54 5.06
C ARG A 639 35.15 -2.62 3.74
N LEU A 640 33.95 -2.04 3.75
CA LEU A 640 32.99 -2.20 2.66
C LEU A 640 33.16 -1.05 1.68
N GLN A 641 33.67 -1.36 0.51
CA GLN A 641 33.85 -0.35 -0.51
C GLN A 641 32.96 -0.62 -1.72
N PRO A 642 32.46 0.45 -2.35
CA PRO A 642 31.55 0.31 -3.48
C PRO A 642 32.11 -0.45 -4.68
N SER A 643 33.40 -0.33 -4.95
CA SER A 643 33.95 -1.11 -6.04
C SER A 643 34.84 -2.24 -5.58
N ALA A 644 35.00 -2.41 -4.27
CA ALA A 644 35.42 -3.70 -3.72
C ALA A 644 34.27 -4.69 -3.72
N MET A 645 33.07 -4.24 -4.08
CA MET A 645 31.89 -5.06 -4.26
C MET A 645 32.15 -5.98 -5.43
N VAL A 646 32.59 -7.20 -5.13
CA VAL A 646 33.25 -8.04 -6.11
C VAL A 646 32.55 -9.39 -6.19
N ASP A 647 32.27 -9.82 -7.41
CA ASP A 647 31.81 -11.18 -7.62
C ASP A 647 33.00 -12.12 -7.70
N GLU A 648 32.72 -13.42 -7.52
CA GLU A 648 33.78 -14.42 -7.46
C GLU A 648 34.53 -14.53 -8.79
N ALA A 649 33.82 -14.37 -9.91
CA ALA A 649 34.45 -14.41 -11.21
C ALA A 649 35.42 -13.25 -11.40
N THR A 650 35.19 -12.14 -10.72
CA THR A 650 36.15 -11.04 -10.69
C THR A 650 36.93 -10.97 -9.38
N CYS A 651 36.56 -11.77 -8.38
CA CYS A 651 37.44 -11.92 -7.22
C CYS A 651 38.66 -12.74 -7.58
N ALA A 652 38.49 -13.71 -8.48
CA ALA A 652 39.63 -14.45 -9.02
C ALA A 652 40.49 -13.55 -9.90
N ALA A 653 39.93 -12.48 -10.44
CA ALA A 653 40.73 -11.52 -11.20
C ALA A 653 41.68 -10.74 -10.30
N CYS A 654 41.43 -10.70 -8.99
CA CYS A 654 42.40 -10.16 -8.07
C CYS A 654 43.54 -11.15 -7.86
N ASP A 655 44.59 -10.68 -7.19
CA ASP A 655 45.80 -11.47 -6.98
C ASP A 655 45.94 -11.95 -5.53
N PHE A 656 44.85 -11.92 -4.75
CA PHE A 656 44.89 -12.26 -3.33
C PHE A 656 44.01 -13.46 -3.00
N ASN A 657 43.71 -14.30 -4.00
CA ASN A 657 42.79 -15.42 -3.80
C ASN A 657 43.55 -16.65 -3.31
N LYS A 658 44.17 -16.49 -2.13
CA LYS A 658 44.88 -17.59 -1.51
C LYS A 658 43.89 -18.55 -0.84
N PRO A 659 44.27 -19.82 -0.69
CA PRO A 659 43.40 -20.75 0.06
C PRO A 659 43.21 -20.36 1.51
N GLY A 660 44.15 -19.64 2.10
CA GLY A 660 43.94 -19.07 3.42
C GLY A 660 43.12 -17.80 3.31
N ALA A 661 41.81 -17.97 3.11
CA ALA A 661 40.93 -16.87 2.72
C ALA A 661 40.71 -15.88 3.86
N ASN A 662 41.75 -15.14 4.23
CA ASN A 662 41.67 -14.08 5.21
C ASN A 662 41.32 -12.75 4.58
N CYS A 663 40.83 -12.75 3.34
CA CYS A 663 40.44 -11.51 2.68
C CYS A 663 39.05 -11.57 2.06
N GLN A 664 38.47 -12.75 1.89
CA GLN A 664 37.12 -12.90 1.37
C GLN A 664 36.16 -13.02 2.54
N ARG A 665 35.16 -12.14 2.58
CA ARG A 665 34.11 -12.21 3.58
C ARG A 665 32.86 -12.81 2.96
N LYS A 666 32.42 -13.95 3.48
CA LYS A 666 31.27 -14.65 2.95
C LYS A 666 29.97 -13.94 3.32
N MET A 667 29.75 -12.75 2.78
CA MET A 667 28.58 -11.99 3.16
C MET A 667 27.36 -12.41 2.35
N ALA A 668 26.25 -12.67 3.05
CA ALA A 668 25.02 -13.15 2.43
C ALA A 668 23.93 -12.10 2.58
N TRP A 669 23.02 -12.10 1.62
CA TRP A 669 21.96 -11.10 1.53
C TRP A 669 20.88 -11.66 0.62
N GLN A 670 19.69 -11.09 0.72
CA GLN A 670 18.55 -11.55 -0.08
C GLN A 670 18.09 -10.44 -1.00
N TRP A 671 17.69 -10.82 -2.22
CA TRP A 671 17.26 -9.88 -3.23
C TRP A 671 15.75 -10.00 -3.42
N ARG A 672 15.05 -8.89 -3.21
CA ARG A 672 13.61 -8.85 -3.47
C ARG A 672 13.37 -8.70 -4.96
N GLY A 673 12.45 -9.52 -5.47
CA GLY A 673 12.13 -9.46 -6.88
C GLY A 673 10.67 -9.14 -7.14
N GLU A 674 10.42 -7.95 -7.69
CA GLU A 674 9.09 -7.52 -8.09
C GLU A 674 9.15 -7.27 -9.59
N PHE A 675 8.53 -8.16 -10.36
CA PHE A 675 8.88 -8.33 -11.76
C PHE A 675 7.65 -8.69 -12.59
N MET A 676 7.80 -8.47 -13.89
CA MET A 676 6.74 -8.71 -14.86
C MET A 676 6.77 -10.18 -15.27
N PRO A 677 5.61 -10.84 -15.43
CA PRO A 677 5.63 -12.27 -15.76
C PRO A 677 6.05 -12.59 -17.19
N ALA A 678 6.37 -11.57 -18.00
CA ALA A 678 6.70 -11.79 -19.40
C ALA A 678 8.02 -12.52 -19.55
N SER A 679 8.07 -13.42 -20.53
CA SER A 679 9.27 -14.19 -20.83
C SER A 679 10.07 -13.50 -21.93
N ARG A 680 11.25 -14.07 -22.21
CA ARG A 680 12.11 -13.54 -23.26
C ARG A 680 11.46 -13.70 -24.63
N SER A 681 10.82 -14.84 -24.86
CA SER A 681 10.27 -15.15 -26.18
C SER A 681 9.16 -14.18 -26.55
N GLU A 682 8.16 -14.02 -25.67
CA GLU A 682 7.06 -13.11 -25.94
C GLU A 682 7.53 -11.66 -25.97
N TYR A 683 8.59 -11.34 -25.23
CA TYR A 683 9.22 -10.02 -25.37
C TYR A 683 9.78 -9.84 -26.77
N HIS A 684 10.40 -10.89 -27.33
CA HIS A 684 10.89 -10.82 -28.70
C HIS A 684 9.75 -10.63 -29.69
N ARG A 685 8.65 -11.36 -29.49
CA ARG A 685 7.51 -11.21 -30.40
C ARG A 685 6.92 -9.81 -30.34
N ILE A 686 6.77 -9.26 -29.13
CA ILE A 686 6.16 -7.94 -29.01
C ILE A 686 7.12 -6.86 -29.51
N GLN A 687 8.43 -7.06 -29.35
CA GLN A 687 9.36 -6.06 -29.85
C GLN A 687 9.46 -6.12 -31.38
N HIS A 688 9.33 -7.31 -31.97
CA HIS A 688 9.32 -7.41 -33.42
C HIS A 688 8.03 -6.86 -33.99
N GLN A 689 6.91 -7.06 -33.29
CA GLN A 689 5.66 -6.46 -33.70
C GLN A 689 5.72 -4.94 -33.57
N LEU A 690 6.46 -4.42 -32.59
CA LEU A 690 6.60 -2.99 -32.46
C LEU A 690 7.44 -2.41 -33.59
N GLU A 691 8.59 -3.03 -33.88
CA GLU A 691 9.46 -2.50 -34.92
C GLU A 691 8.98 -2.84 -36.33
N SER A 692 7.96 -3.67 -36.47
CA SER A 692 7.48 -4.03 -37.80
C SER A 692 6.78 -2.85 -38.49
N GLU A 693 5.98 -2.08 -37.75
CA GLU A 693 5.29 -0.94 -38.32
C GLU A 693 5.64 0.33 -37.53
N LYS A 694 4.96 1.42 -37.88
CA LYS A 694 5.24 2.75 -37.35
C LYS A 694 4.41 3.00 -36.09
N PHE A 695 4.40 4.25 -35.63
CA PHE A 695 3.72 4.68 -34.43
C PHE A 695 3.10 6.05 -34.68
N PRO A 696 2.10 6.44 -33.89
CA PRO A 696 1.62 7.82 -33.93
C PRO A 696 2.73 8.79 -33.58
N PRO A 697 2.79 9.94 -34.27
CA PRO A 697 3.93 10.84 -34.09
C PRO A 697 3.83 11.63 -32.79
N LEU A 698 4.92 11.64 -32.03
CA LEU A 698 5.05 12.59 -30.93
C LEU A 698 5.20 14.00 -31.48
N PHE A 699 5.78 14.14 -32.66
CA PHE A 699 5.85 15.42 -33.36
C PHE A 699 4.45 15.85 -33.76
N PRO A 700 4.00 17.05 -33.40
CA PRO A 700 2.68 17.52 -33.85
C PRO A 700 2.68 17.76 -35.35
N GLU A 701 1.87 16.97 -36.06
CA GLU A 701 1.75 16.98 -37.52
C GLU A 701 3.10 16.75 -38.19
N GLY A 702 3.88 15.82 -37.66
CA GLY A 702 5.14 15.44 -38.24
C GLY A 702 5.02 14.16 -39.05
N PRO A 703 6.16 13.59 -39.44
CA PRO A 703 6.13 12.32 -40.17
C PRO A 703 5.73 11.16 -39.27
N ALA A 704 5.47 10.02 -39.91
CA ALA A 704 5.11 8.82 -39.17
C ALA A 704 6.27 8.35 -38.31
N ARG A 705 5.97 8.02 -37.06
CA ARG A 705 6.98 7.80 -36.04
C ARG A 705 7.44 6.36 -36.05
N ALA A 706 8.74 6.14 -36.18
CA ALA A 706 9.32 4.81 -36.28
C ALA A 706 10.14 4.46 -35.05
N PHE A 707 10.28 3.16 -34.80
CA PHE A 707 10.91 2.67 -33.57
C PHE A 707 12.39 3.03 -33.49
N HIS A 708 13.11 2.92 -34.61
CA HIS A 708 14.57 2.95 -34.55
C HIS A 708 15.13 4.34 -34.26
N GLU A 709 14.31 5.38 -34.30
CA GLU A 709 14.78 6.72 -33.93
C GLU A 709 13.97 7.35 -32.81
N LEU A 710 13.08 6.59 -32.16
CA LEU A 710 12.51 7.05 -30.91
C LEU A 710 13.56 7.07 -29.80
N SER A 711 13.28 7.88 -28.79
CA SER A 711 14.07 7.87 -27.56
C SER A 711 13.56 6.73 -26.67
N ARG A 712 14.00 6.71 -25.43
CA ARG A 712 13.90 5.53 -24.58
C ARG A 712 12.65 5.49 -23.72
N GLU A 713 12.21 6.63 -23.16
CA GLU A 713 11.17 6.60 -22.14
C GLU A 713 9.80 6.32 -22.73
N GLU A 714 9.49 6.85 -23.92
CA GLU A 714 8.19 6.58 -24.50
C GLU A 714 8.12 5.16 -25.05
N GLN A 715 9.27 4.61 -25.49
CA GLN A 715 9.31 3.20 -25.84
C GLN A 715 9.10 2.31 -24.62
N ALA A 716 9.67 2.72 -23.48
CA ALA A 716 9.44 2.00 -22.23
C ALA A 716 7.98 2.07 -21.83
N LYS A 717 7.35 3.23 -22.01
CA LYS A 717 5.93 3.38 -21.72
C LYS A 717 5.08 2.47 -22.61
N TYR A 718 5.40 2.44 -23.90
CA TYR A 718 4.72 1.54 -24.83
C TYR A 718 4.86 0.09 -24.41
N GLU A 719 6.08 -0.32 -24.05
CA GLU A 719 6.34 -1.69 -23.65
C GLU A 719 5.58 -2.04 -22.38
N LYS A 720 5.58 -1.14 -21.40
CA LYS A 720 4.95 -1.48 -20.12
C LYS A 720 3.43 -1.52 -20.26
N ARG A 721 2.86 -0.62 -21.06
CA ARG A 721 1.41 -0.69 -21.31
C ARG A 721 1.02 -1.96 -22.04
N ARG A 722 1.75 -2.31 -23.11
CA ARG A 722 1.38 -3.46 -23.92
C ARG A 722 1.57 -4.77 -23.16
N LEU A 723 2.71 -4.92 -22.49
CA LEU A 723 2.91 -6.13 -21.70
C LEU A 723 1.95 -6.16 -20.52
N ALA A 724 1.61 -5.00 -19.96
CA ALA A 724 0.74 -4.92 -18.81
C ALA A 724 -0.66 -5.42 -19.14
N ASP A 725 -1.28 -4.88 -20.19
CA ASP A 725 -2.64 -5.35 -20.47
C ASP A 725 -2.63 -6.74 -21.12
N TYR A 726 -1.55 -7.10 -21.82
CA TYR A 726 -1.46 -8.46 -22.37
C TYR A 726 -1.44 -9.50 -21.26
N CYS A 727 -0.62 -9.28 -20.22
CA CYS A 727 -0.60 -10.23 -19.12
C CYS A 727 -1.79 -10.05 -18.19
N ARG A 728 -2.41 -8.87 -18.19
CA ARG A 728 -3.64 -8.68 -17.43
C ARG A 728 -4.75 -9.56 -17.98
N LYS A 729 -4.81 -9.68 -19.31
CA LYS A 729 -5.72 -10.64 -19.92
C LYS A 729 -5.10 -12.01 -20.10
N ALA A 730 -3.84 -12.20 -19.71
CA ALA A 730 -3.12 -13.44 -20.02
C ALA A 730 -2.59 -14.18 -18.80
N TYR A 731 -2.06 -13.49 -17.79
CA TYR A 731 -1.35 -14.15 -16.71
C TYR A 731 -1.84 -13.82 -15.31
N LYS A 732 -2.94 -13.06 -15.17
CA LYS A 732 -3.71 -12.86 -13.94
C LYS A 732 -2.99 -11.95 -12.94
N LYS A 733 -1.72 -11.64 -13.22
CA LYS A 733 -0.92 -10.79 -12.36
C LYS A 733 0.22 -10.22 -13.20
N ILE A 734 0.59 -8.98 -12.91
CA ILE A 734 1.71 -8.33 -13.59
C ILE A 734 2.88 -8.07 -12.67
N HIS A 735 2.71 -8.22 -11.36
CA HIS A 735 3.77 -8.01 -10.39
C HIS A 735 3.83 -9.23 -9.48
N ILE A 736 4.95 -9.94 -9.53
CA ILE A 736 5.13 -11.17 -8.77
C ILE A 736 6.26 -10.94 -7.78
N THR A 737 6.02 -11.26 -6.52
CA THR A 737 6.95 -10.97 -5.43
C THR A 737 7.66 -12.26 -5.01
N LYS A 738 8.98 -12.23 -5.03
CA LYS A 738 9.79 -13.32 -4.49
C LYS A 738 11.08 -12.74 -3.93
N VAL A 739 11.61 -13.42 -2.93
CA VAL A 739 12.84 -13.01 -2.25
C VAL A 739 13.85 -14.14 -2.44
N GLU A 740 14.76 -13.99 -3.40
CA GLU A 740 15.79 -14.99 -3.63
C GLU A 740 16.92 -14.78 -2.62
N GLU A 741 17.98 -15.57 -2.75
CA GLU A 741 19.21 -15.35 -2.00
C GLU A 741 20.37 -15.31 -2.96
N ARG A 742 21.32 -14.41 -2.70
CA ARG A 742 22.55 -14.33 -3.47
C ARG A 742 23.72 -14.23 -2.51
N LEU A 743 24.86 -14.75 -2.95
CA LEU A 743 26.11 -14.67 -2.18
C LEU A 743 27.14 -13.90 -2.99
N THR A 744 27.71 -12.87 -2.38
CA THR A 744 28.73 -12.06 -3.04
C THR A 744 29.67 -11.51 -1.98
N THR A 745 30.95 -11.80 -2.14
CA THR A 745 31.95 -11.33 -1.19
C THR A 745 32.32 -9.88 -1.51
N ILE A 746 33.26 -9.34 -0.76
CA ILE A 746 33.75 -7.99 -0.97
C ILE A 746 35.25 -7.98 -0.77
N CYS A 747 35.94 -7.20 -1.60
CA CYS A 747 37.38 -7.05 -1.41
C CYS A 747 37.66 -6.06 -0.30
N GLN A 748 38.93 -5.94 0.03
CA GLN A 748 39.35 -5.22 1.22
C GLN A 748 40.61 -4.37 1.06
N ARG A 749 41.38 -4.53 -0.01
CA ARG A 749 42.73 -3.97 -0.06
C ARG A 749 42.81 -2.72 -0.93
N GLU A 750 41.68 -2.13 -1.30
CA GLU A 750 41.68 -0.96 -2.17
C GLU A 750 42.06 0.27 -1.36
N ASN A 751 41.91 1.45 -1.99
CA ASN A 751 42.24 2.70 -1.29
C ASN A 751 41.35 2.93 -0.09
N SER A 752 40.16 2.33 -0.06
CA SER A 752 39.25 2.32 1.08
C SER A 752 38.88 3.72 1.53
N PHE A 753 38.77 4.64 0.57
CA PHE A 753 38.67 6.06 0.88
C PHE A 753 37.42 6.36 1.68
N TYR A 754 36.30 5.71 1.34
CA TYR A 754 35.09 5.85 2.13
C TYR A 754 35.30 5.27 3.52
N VAL A 755 35.91 4.09 3.60
CA VAL A 755 36.12 3.41 4.88
C VAL A 755 37.04 4.22 5.79
N ASP A 756 38.26 4.50 5.33
CA ASP A 756 39.20 5.17 6.23
C ASP A 756 38.81 6.63 6.42
N THR A 757 38.10 7.21 5.46
CA THR A 757 37.58 8.55 5.63
C THR A 757 36.57 8.61 6.75
N VAL A 758 35.61 7.68 6.78
CA VAL A 758 34.63 7.74 7.85
C VAL A 758 35.23 7.27 9.17
N ARG A 759 36.29 6.46 9.12
CA ARG A 759 36.98 6.09 10.35
C ARG A 759 37.70 7.28 10.95
N ALA A 760 38.38 8.05 10.10
CA ALA A 760 38.99 9.29 10.55
C ALA A 760 37.93 10.24 11.08
N PHE A 761 36.78 10.30 10.40
CA PHE A 761 35.70 11.16 10.86
C PHE A 761 35.14 10.71 12.20
N ARG A 762 35.07 9.40 12.45
CA ARG A 762 34.54 8.95 13.73
C ARG A 762 35.56 9.18 14.85
N ASP A 763 36.86 9.07 14.55
CA ASP A 763 37.86 9.42 15.54
C ASP A 763 37.80 10.91 15.86
N ARG A 764 37.64 11.74 14.82
CA ARG A 764 37.50 13.17 15.01
C ARG A 764 36.23 13.49 15.79
N ARG A 765 35.16 12.73 15.55
CA ARG A 765 33.93 12.82 16.34
C ARG A 765 34.21 12.63 17.82
N TYR A 766 34.91 11.54 18.15
CA TYR A 766 35.14 11.21 19.55
C TYR A 766 36.02 12.25 20.23
N GLU A 767 37.08 12.69 19.54
CA GLU A 767 37.98 13.65 20.19
C GLU A 767 37.35 15.05 20.25
N PHE A 768 36.56 15.42 19.24
CA PHE A 768 35.80 16.67 19.32
C PHE A 768 34.78 16.65 20.45
N LYS A 769 34.09 15.54 20.67
CA LYS A 769 33.17 15.47 21.79
C LYS A 769 33.93 15.53 23.13
N GLY A 770 35.07 14.85 23.21
CA GLY A 770 35.86 14.91 24.45
C GLY A 770 36.35 16.31 24.76
N LEU A 771 36.89 17.00 23.76
CA LEU A 771 37.27 18.39 23.95
C LEU A 771 36.06 19.29 24.15
N HIS A 772 34.88 18.88 23.69
CA HIS A 772 33.67 19.64 23.94
C HIS A 772 33.32 19.62 25.42
N LYS A 773 33.36 18.43 26.04
CA LYS A 773 33.19 18.40 27.51
C LYS A 773 34.30 19.15 28.23
N VAL A 774 35.55 19.01 27.77
CA VAL A 774 36.68 19.66 28.46
C VAL A 774 36.53 21.17 28.43
N TRP A 775 36.27 21.73 27.25
CA TRP A 775 36.14 23.17 27.14
C TRP A 775 34.81 23.70 27.67
N LYS A 776 33.76 22.88 27.77
CA LYS A 776 32.58 23.39 28.44
C LYS A 776 32.76 23.40 29.96
N LYS A 777 33.54 22.47 30.50
CA LYS A 777 33.91 22.56 31.91
C LYS A 777 34.82 23.76 32.15
N LYS A 778 35.75 24.02 31.22
CA LYS A 778 36.59 25.20 31.29
C LYS A 778 35.76 26.48 31.22
N LEU A 779 34.74 26.50 30.35
CA LEU A 779 33.87 27.66 30.23
C LEU A 779 33.08 27.89 31.50
N SER A 780 32.53 26.82 32.09
CA SER A 780 31.79 26.98 33.35
C SER A 780 32.69 27.51 34.45
N ALA A 781 33.88 26.93 34.59
CA ALA A 781 34.82 27.38 35.62
C ALA A 781 35.23 28.83 35.39
N ALA A 782 35.39 29.24 34.13
CA ALA A 782 35.68 30.63 33.83
C ALA A 782 34.48 31.54 34.10
N VAL A 783 33.26 31.00 34.00
CA VAL A 783 32.07 31.77 34.39
C VAL A 783 32.10 32.05 35.89
N GLU A 784 32.45 31.04 36.71
CA GLU A 784 32.70 31.41 38.12
C GLU A 784 33.96 32.25 38.31
N VAL A 785 34.86 32.28 37.32
CA VAL A 785 35.99 33.20 37.42
C VAL A 785 35.59 34.60 36.94
N GLY A 786 35.03 34.70 35.74
CA GLY A 786 34.45 35.95 35.28
C GLY A 786 35.33 36.86 34.45
N ASP A 787 36.49 36.39 33.99
CA ASP A 787 37.36 37.21 33.16
C ASP A 787 36.87 37.21 31.72
N ALA A 788 36.67 38.41 31.15
CA ALA A 788 35.89 38.56 29.92
C ALA A 788 36.58 37.93 28.72
N ALA A 789 37.90 38.14 28.59
CA ALA A 789 38.62 37.61 27.44
C ALA A 789 38.63 36.09 27.44
N GLU A 790 38.89 35.50 28.61
CA GLU A 790 38.94 34.05 28.71
C GLU A 790 37.58 33.43 28.46
N VAL A 791 36.51 34.03 29.01
CA VAL A 791 35.19 33.45 28.79
C VAL A 791 34.78 33.59 27.33
N LYS A 792 35.12 34.70 26.68
CA LYS A 792 34.67 34.88 25.30
C LYS A 792 35.42 33.94 24.36
N ARG A 793 36.74 33.76 24.58
CA ARG A 793 37.45 32.81 23.74
C ARG A 793 37.05 31.37 24.06
N CYS A 794 36.62 31.10 25.29
CA CYS A 794 36.19 29.74 25.59
C CYS A 794 34.81 29.44 25.05
N LYS A 795 33.90 30.42 25.00
CA LYS A 795 32.67 30.23 24.24
C LYS A 795 32.95 30.02 22.76
N ASN A 796 33.93 30.75 22.21
CA ASN A 796 34.34 30.54 20.83
C ASN A 796 34.79 29.09 20.61
N MET A 797 35.63 28.58 21.52
CA MET A 797 36.14 27.22 21.38
C MET A 797 35.04 26.18 21.54
N GLU A 798 34.11 26.40 22.47
CA GLU A 798 33.09 25.38 22.69
C GLU A 798 32.04 25.40 21.59
N VAL A 799 31.72 26.57 21.02
CA VAL A 799 30.81 26.54 19.88
C VAL A 799 31.51 25.96 18.67
N LEU A 800 32.84 26.11 18.58
CA LEU A 800 33.60 25.42 17.52
C LEU A 800 33.46 23.91 17.65
N TYR A 801 33.69 23.38 18.86
CA TYR A 801 33.62 21.94 19.06
C TYR A 801 32.19 21.42 18.91
N ASP A 802 31.22 22.17 19.41
CA ASP A 802 29.82 21.79 19.25
C ASP A 802 29.41 21.79 17.78
N SER A 803 29.92 22.76 17.03
CA SER A 803 29.69 22.82 15.59
C SER A 803 30.21 21.57 14.91
N LEU A 804 31.45 21.18 15.25
CA LEU A 804 32.06 20.02 14.62
C LEU A 804 31.30 18.74 14.96
N GLN A 805 30.92 18.56 16.22
CA GLN A 805 30.26 17.31 16.58
C GLN A 805 28.87 17.23 15.98
N LEU A 806 28.13 18.36 15.94
CA LEU A 806 26.82 18.34 15.31
C LEU A 806 26.93 18.09 13.82
N ALA A 807 27.97 18.65 13.19
CA ALA A 807 28.27 18.40 11.79
C ALA A 807 28.41 16.92 11.52
N HIS A 808 29.27 16.28 12.31
CA HIS A 808 29.56 14.91 11.96
C HIS A 808 28.48 13.94 12.45
N LYS A 809 27.64 14.35 13.40
CA LYS A 809 26.41 13.62 13.66
C LYS A 809 25.50 13.66 12.44
N CYS A 810 25.40 14.83 11.80
CA CYS A 810 24.59 14.93 10.58
C CYS A 810 25.19 14.07 9.47
N ILE A 811 26.51 14.08 9.32
CA ILE A 811 27.10 13.32 8.22
C ILE A 811 26.98 11.82 8.47
N LEU A 812 27.13 11.35 9.72
CA LEU A 812 26.90 9.93 9.98
C LEU A 812 25.44 9.57 9.76
N ASN A 813 24.54 10.53 10.00
CA ASN A 813 23.15 10.32 9.60
C ASN A 813 22.95 10.45 8.10
N SER A 814 24.00 10.76 7.34
CA SER A 814 23.87 10.91 5.90
C SER A 814 24.56 9.81 5.09
N PHE A 815 25.43 9.02 5.73
CA PHE A 815 26.25 8.03 5.00
C PHE A 815 25.42 6.97 4.28
N TYR A 816 24.42 6.42 4.96
CA TYR A 816 23.69 5.28 4.42
C TYR A 816 22.85 5.66 3.21
N GLY A 817 22.38 6.91 3.17
CA GLY A 817 21.40 7.30 2.18
C GLY A 817 21.95 7.54 0.79
N TYR A 818 23.27 7.43 0.62
CA TYR A 818 23.86 7.82 -0.66
C TYR A 818 23.56 6.82 -1.77
N VAL A 819 23.35 5.56 -1.47
CA VAL A 819 23.44 4.54 -2.51
C VAL A 819 22.09 4.22 -3.14
N MET A 820 20.96 4.42 -2.45
CA MET A 820 19.68 4.16 -3.10
C MET A 820 19.12 5.40 -3.80
N ARG A 821 19.97 6.07 -4.57
CA ARG A 821 19.52 7.21 -5.36
C ARG A 821 20.30 7.21 -6.67
N LYS A 822 19.59 7.31 -7.78
CA LYS A 822 20.22 7.25 -9.08
C LYS A 822 20.99 8.53 -9.36
N GLY A 823 21.85 8.47 -10.37
CA GLY A 823 22.65 9.62 -10.75
C GLY A 823 23.66 10.02 -9.70
N ALA A 824 24.31 9.05 -9.07
CA ALA A 824 25.32 9.29 -8.06
C ALA A 824 26.64 8.67 -8.51
N ARG A 825 27.66 8.78 -7.66
CA ARG A 825 28.94 8.18 -7.97
C ARG A 825 28.92 6.67 -7.76
N TRP A 826 28.31 6.21 -6.68
CA TRP A 826 28.42 4.82 -6.24
C TRP A 826 27.07 4.26 -5.82
N TYR A 827 26.11 4.34 -6.74
CA TYR A 827 24.88 3.56 -6.65
C TYR A 827 25.22 2.10 -6.37
N SER A 828 24.50 1.50 -5.44
CA SER A 828 24.73 0.12 -5.08
C SER A 828 23.42 -0.64 -5.06
N MET A 829 23.54 -1.95 -5.21
CA MET A 829 22.43 -2.84 -4.94
C MET A 829 22.73 -3.82 -3.82
N GLU A 830 23.93 -3.76 -3.24
CA GLU A 830 24.21 -4.70 -2.16
C GLU A 830 24.78 -4.03 -0.92
N MET A 831 25.46 -2.88 -1.08
CA MET A 831 26.10 -2.21 0.05
C MET A 831 25.14 -1.96 1.20
N ALA A 832 24.10 -1.17 0.95
CA ALA A 832 23.09 -0.97 1.98
C ALA A 832 22.38 -2.28 2.28
N GLY A 833 22.26 -3.16 1.28
CA GLY A 833 21.67 -4.47 1.52
C GLY A 833 22.50 -5.32 2.47
N ILE A 834 23.80 -5.39 2.24
CA ILE A 834 24.62 -6.26 3.09
C ILE A 834 24.75 -5.64 4.48
N VAL A 835 24.79 -4.32 4.57
CA VAL A 835 24.91 -3.74 5.90
C VAL A 835 23.61 -3.88 6.67
N CYS A 836 22.46 -3.81 6.00
CA CYS A 836 21.22 -3.99 6.74
C CYS A 836 21.01 -5.46 7.05
N PHE A 837 21.64 -6.36 6.29
CA PHE A 837 21.61 -7.76 6.69
C PHE A 837 22.48 -8.03 7.91
N THR A 838 23.65 -7.40 7.97
CA THR A 838 24.48 -7.52 9.17
C THR A 838 23.76 -6.94 10.38
N GLY A 839 23.17 -5.76 10.21
CA GLY A 839 22.37 -5.17 11.27
C GLY A 839 21.15 -6.00 11.62
N ALA A 840 20.56 -6.67 10.63
CA ALA A 840 19.44 -7.55 10.88
C ALA A 840 19.86 -8.74 11.73
N ASN A 841 21.04 -9.28 11.45
CA ASN A 841 21.56 -10.37 12.29
C ASN A 841 21.79 -9.87 13.71
N ILE A 842 22.33 -8.66 13.85
CA ILE A 842 22.59 -8.09 15.17
C ILE A 842 21.29 -7.90 15.94
N ILE A 843 20.28 -7.32 15.30
CA ILE A 843 19.07 -6.99 16.02
C ILE A 843 18.24 -8.24 16.27
N THR A 844 18.34 -9.25 15.41
CA THR A 844 17.69 -10.51 15.71
C THR A 844 18.32 -11.18 16.92
N GLN A 845 19.66 -11.26 16.94
CA GLN A 845 20.37 -11.85 18.06
C GLN A 845 20.06 -11.11 19.35
N ALA A 846 19.93 -9.79 19.28
CA ALA A 846 19.40 -9.03 20.40
C ALA A 846 17.97 -9.45 20.72
N ARG A 847 17.16 -9.75 19.70
CA ARG A 847 15.76 -10.06 19.99
C ARG A 847 15.61 -11.39 20.70
N GLU A 848 16.41 -12.41 20.35
CA GLU A 848 16.41 -13.60 21.22
C GLU A 848 17.08 -13.32 22.56
N LEU A 849 18.10 -12.46 22.61
CA LEU A 849 18.82 -12.27 23.87
C LEU A 849 17.98 -11.55 24.91
N ILE A 850 17.46 -10.37 24.56
CA ILE A 850 16.47 -9.70 25.39
C ILE A 850 15.19 -10.50 25.49
N GLU A 851 14.86 -11.30 24.47
CA GLU A 851 13.71 -12.20 24.59
C GLU A 851 13.90 -13.19 25.74
N GLN A 852 15.14 -13.56 26.03
CA GLN A 852 15.41 -14.27 27.28
C GLN A 852 15.35 -13.33 28.48
N ILE A 853 15.92 -12.13 28.37
CA ILE A 853 16.21 -11.32 29.56
C ILE A 853 15.35 -10.05 29.61
N GLY A 854 14.24 -10.03 28.90
CA GLY A 854 13.34 -8.88 28.99
C GLY A 854 12.24 -8.96 27.94
N ARG A 855 11.93 -7.81 27.36
CA ARG A 855 10.93 -7.70 26.32
C ARG A 855 11.40 -6.71 25.26
N PRO A 856 11.65 -7.14 24.02
CA PRO A 856 12.01 -6.19 22.96
C PRO A 856 10.77 -5.48 22.44
N LEU A 857 10.78 -4.14 22.52
CA LEU A 857 9.61 -3.37 22.12
C LEU A 857 9.58 -3.14 20.62
N GLU A 858 10.59 -2.46 20.09
CA GLU A 858 10.62 -2.09 18.68
C GLU A 858 11.99 -2.39 18.09
N LEU A 859 12.00 -3.05 16.94
CA LEU A 859 13.22 -3.40 16.23
C LEU A 859 13.38 -2.40 15.09
N ASP A 860 13.91 -1.22 15.41
CA ASP A 860 13.95 -0.10 14.46
C ASP A 860 15.39 0.11 14.00
N THR A 861 15.80 -0.67 12.99
CA THR A 861 16.95 -0.43 12.13
C THR A 861 18.24 -0.10 12.87
N ASP A 862 18.33 1.13 13.41
CA ASP A 862 19.51 1.59 14.13
C ASP A 862 19.26 1.72 15.62
N GLY A 863 18.06 1.39 16.09
CA GLY A 863 17.76 1.51 17.50
C GLY A 863 16.70 0.52 17.94
N ILE A 864 16.89 -0.10 19.09
CA ILE A 864 16.00 -1.14 19.59
C ILE A 864 15.42 -0.65 20.91
N TRP A 865 14.21 -0.10 20.87
CA TRP A 865 13.53 0.27 22.09
C TRP A 865 13.17 -0.99 22.86
N CYS A 866 13.37 -0.93 24.18
CA CYS A 866 13.38 -2.13 25.00
C CYS A 866 13.04 -1.75 26.44
N VAL A 867 12.90 -2.78 27.27
CA VAL A 867 12.54 -2.60 28.66
C VAL A 867 13.31 -3.62 29.50
N LEU A 868 13.66 -3.21 30.73
CA LEU A 868 14.44 -4.05 31.61
C LEU A 868 13.78 -4.12 32.98
N PRO A 869 14.07 -5.15 33.76
CA PRO A 869 13.65 -5.14 35.17
C PRO A 869 14.43 -4.12 35.98
N ASN A 870 13.93 -3.87 37.20
CA ASN A 870 14.46 -2.79 38.02
C ASN A 870 15.87 -3.09 38.50
N SER A 871 16.10 -4.31 38.99
CA SER A 871 17.40 -4.68 39.54
C SER A 871 18.40 -5.10 38.48
N PHE A 872 18.16 -4.76 37.21
CA PHE A 872 19.08 -5.13 36.16
C PHE A 872 20.29 -4.20 36.18
N PRO A 873 21.50 -4.73 36.01
CA PRO A 873 22.70 -3.86 35.99
C PRO A 873 22.69 -2.96 34.76
N GLU A 874 22.73 -1.66 34.99
CA GLU A 874 22.56 -0.69 33.91
C GLU A 874 23.72 0.27 33.75
N ASN A 875 24.36 0.67 34.85
CA ASN A 875 25.44 1.65 34.79
C ASN A 875 26.26 1.53 36.07
N PHE A 876 27.58 1.45 35.95
CA PHE A 876 28.46 1.32 37.10
C PHE A 876 29.68 2.19 36.95
N VAL A 877 30.08 2.83 38.05
CA VAL A 877 31.23 3.73 38.09
C VAL A 877 32.40 2.97 38.71
N PHE A 878 33.55 3.03 38.04
CA PHE A 878 34.74 2.29 38.44
C PHE A 878 35.81 3.27 38.89
N LYS A 879 36.00 3.39 40.20
CA LYS A 879 37.03 4.26 40.74
C LYS A 879 38.41 3.68 40.44
N THR A 880 39.30 4.50 39.90
CA THR A 880 40.61 4.07 39.46
C THR A 880 41.70 4.88 40.15
N THR A 881 42.90 4.32 40.18
CA THR A 881 44.08 5.03 40.64
C THR A 881 44.65 5.98 39.58
N ASN A 882 44.17 5.89 38.35
CA ASN A 882 44.70 6.73 37.28
C ASN A 882 44.28 8.19 37.49
N VAL A 883 45.25 9.10 37.33
CA VAL A 883 44.98 10.53 37.55
C VAL A 883 44.10 11.10 36.45
N LYS A 884 44.35 10.69 35.20
CA LYS A 884 43.62 11.25 34.06
C LYS A 884 42.14 10.91 34.12
N LYS A 885 41.81 9.68 34.48
CA LYS A 885 40.43 9.23 34.64
C LYS A 885 40.30 8.60 36.02
N PRO A 886 40.03 9.41 37.05
CA PRO A 886 39.91 8.86 38.41
C PRO A 886 38.78 7.87 38.58
N LYS A 887 37.67 8.07 37.87
CA LYS A 887 36.54 7.16 37.92
C LYS A 887 36.04 6.91 36.50
N VAL A 888 35.72 5.66 36.19
CA VAL A 888 35.25 5.27 34.87
C VAL A 888 33.82 4.77 35.01
N THR A 889 32.90 5.41 34.29
CA THR A 889 31.48 5.03 34.31
C THR A 889 31.21 4.06 33.18
N ILE A 890 30.64 2.90 33.51
CA ILE A 890 30.44 1.81 32.57
C ILE A 890 28.97 1.40 32.59
N SER A 891 28.35 1.38 31.42
CA SER A 891 26.99 0.89 31.26
C SER A 891 27.02 -0.60 30.96
N TYR A 892 26.41 -1.39 31.83
CA TYR A 892 26.41 -2.85 31.68
C TYR A 892 25.73 -3.39 30.42
N PRO A 893 24.49 -3.00 30.06
CA PRO A 893 23.82 -3.73 28.96
C PRO A 893 24.47 -3.49 27.61
N GLY A 894 24.93 -2.26 27.36
CA GLY A 894 25.70 -2.00 26.17
C GLY A 894 27.00 -2.79 26.14
N ALA A 895 27.63 -2.95 27.31
CA ALA A 895 28.86 -3.72 27.39
C ALA A 895 28.62 -5.19 27.06
N MET A 896 27.54 -5.77 27.57
CA MET A 896 27.31 -7.18 27.32
C MET A 896 26.84 -7.42 25.90
N LEU A 897 26.09 -6.48 25.33
CA LEU A 897 25.79 -6.57 23.90
C LEU A 897 27.04 -6.41 23.05
N ASN A 898 28.00 -5.59 23.50
CA ASN A 898 29.23 -5.41 22.75
C ASN A 898 30.09 -6.67 22.80
N ILE A 899 30.16 -7.33 23.96
CA ILE A 899 30.93 -8.58 24.02
C ILE A 899 30.23 -9.68 23.23
N MET A 900 28.89 -9.66 23.18
CA MET A 900 28.17 -10.62 22.35
C MET A 900 28.48 -10.39 20.87
N VAL A 901 28.43 -9.13 20.43
CA VAL A 901 28.60 -8.85 19.01
C VAL A 901 30.07 -8.99 18.59
N LYS A 902 31.00 -8.90 19.54
CA LYS A 902 32.38 -9.18 19.16
C LYS A 902 32.72 -10.66 19.26
N GLU A 903 32.00 -11.41 20.12
CA GLU A 903 32.14 -12.86 20.11
C GLU A 903 31.63 -13.43 18.79
N GLY A 904 30.54 -12.86 18.27
CA GLY A 904 30.04 -13.32 16.98
C GLY A 904 30.67 -12.64 15.78
N PHE A 905 31.29 -11.47 15.97
CA PHE A 905 31.58 -10.60 14.84
C PHE A 905 32.94 -9.93 14.95
N THR A 906 33.93 -10.58 15.55
CA THR A 906 35.28 -10.02 15.52
C THR A 906 35.87 -10.23 14.15
N ASN A 907 35.94 -9.17 13.35
CA ASN A 907 36.48 -9.30 11.99
C ASN A 907 38.00 -9.42 12.08
N ASP A 908 38.51 -10.59 11.76
CA ASP A 908 39.94 -10.85 11.73
C ASP A 908 40.57 -10.54 10.40
N GLN A 909 39.82 -9.97 9.45
CA GLN A 909 40.31 -9.67 8.12
C GLN A 909 40.67 -8.20 7.95
N TYR A 910 40.79 -7.45 9.06
CA TYR A 910 41.16 -6.04 9.00
C TYR A 910 42.62 -5.93 8.61
N GLN A 911 42.87 -5.56 7.37
CA GLN A 911 44.21 -5.46 6.81
C GLN A 911 44.45 -4.03 6.35
N GLU A 912 45.55 -3.44 6.81
CA GLU A 912 45.88 -2.06 6.52
C GLU A 912 47.12 -1.98 5.64
N LEU A 913 47.14 -1.03 4.72
CA LEU A 913 48.31 -0.79 3.87
C LEU A 913 49.34 -0.05 4.71
N ALA A 914 50.17 -0.82 5.42
CA ALA A 914 51.19 -0.23 6.27
C ALA A 914 52.32 0.37 5.44
N GLU A 915 52.80 -0.36 4.43
CA GLU A 915 53.91 0.06 3.58
C GLU A 915 53.45 0.03 2.13
N PRO A 916 53.04 1.18 1.58
CA PRO A 916 52.61 1.20 0.16
C PRO A 916 53.73 0.88 -0.81
N SER A 917 54.99 1.14 -0.45
CA SER A 917 56.11 0.82 -1.33
C SER A 917 56.28 -0.69 -1.48
N SER A 918 56.14 -1.42 -0.38
CA SER A 918 56.27 -2.88 -0.40
C SER A 918 54.94 -3.59 -0.50
N LEU A 919 53.83 -2.84 -0.64
CA LEU A 919 52.46 -3.37 -0.70
C LEU A 919 52.13 -4.22 0.53
N THR A 920 52.62 -3.82 1.70
CA THR A 920 52.42 -4.58 2.92
C THR A 920 50.98 -4.42 3.41
N TYR A 921 50.32 -5.54 3.67
CA TYR A 921 48.94 -5.55 4.15
C TYR A 921 48.92 -6.29 5.48
N VAL A 922 49.09 -5.54 6.57
CA VAL A 922 49.20 -6.12 7.90
C VAL A 922 47.80 -6.51 8.37
N THR A 923 47.57 -7.81 8.51
CA THR A 923 46.28 -8.31 8.95
C THR A 923 46.17 -8.20 10.47
N ARG A 924 45.04 -7.66 10.92
CA ARG A 924 44.79 -7.52 12.34
C ARG A 924 43.31 -7.71 12.62
N SER A 925 42.95 -7.69 13.90
CA SER A 925 41.58 -7.82 14.34
C SER A 925 41.18 -6.56 15.10
N GLU A 926 40.04 -6.00 14.76
CA GLU A 926 39.55 -4.78 15.39
C GLU A 926 38.13 -4.99 15.91
N ASN A 927 37.80 -4.26 16.96
CA ASN A 927 36.43 -4.14 17.42
C ASN A 927 36.00 -2.67 17.43
N SER A 928 34.79 -2.42 16.97
CA SER A 928 34.27 -1.06 16.97
C SER A 928 32.77 -0.99 17.20
N ILE A 929 32.10 -2.11 17.48
CA ILE A 929 30.64 -2.16 17.41
C ILE A 929 30.16 -1.69 18.78
N PHE A 930 30.06 -0.37 18.93
CA PHE A 930 29.71 0.23 20.20
C PHE A 930 28.22 0.60 20.17
N PHE A 931 27.51 0.22 21.20
CA PHE A 931 26.12 0.59 21.36
C PHE A 931 26.01 1.67 22.45
N GLU A 932 24.79 2.13 22.68
CA GLU A 932 24.54 3.13 23.70
C GLU A 932 23.08 3.04 24.12
N VAL A 933 22.79 3.57 25.31
CA VAL A 933 21.44 3.67 25.82
C VAL A 933 21.22 5.09 26.30
N ASP A 934 20.23 5.77 25.70
CA ASP A 934 19.90 7.16 26.10
C ASP A 934 19.36 7.16 27.54
N GLY A 935 19.23 8.35 28.15
CA GLY A 935 18.76 8.45 29.55
C GLY A 935 17.46 7.68 29.74
N PRO A 936 17.29 6.94 30.87
CA PRO A 936 16.10 6.13 31.09
C PRO A 936 14.83 6.93 30.75
N TYR A 937 13.98 6.38 29.88
CA TYR A 937 12.76 7.11 29.44
C TYR A 937 11.59 6.78 30.37
N LEU A 938 10.83 7.81 30.78
CA LEU A 938 9.68 7.60 31.64
C LEU A 938 8.57 6.87 30.90
N ALA A 939 8.32 7.21 29.64
CA ALA A 939 7.16 6.71 28.93
C ALA A 939 7.58 6.10 27.59
N MET A 940 6.72 5.22 27.09
CA MET A 940 6.94 4.51 25.83
C MET A 940 5.58 4.07 25.30
N ILE A 941 5.15 4.66 24.19
CA ILE A 941 3.86 4.33 23.58
C ILE A 941 4.12 3.66 22.23
N LEU A 942 3.33 2.63 21.93
CA LEU A 942 3.48 1.86 20.71
C LEU A 942 2.10 1.66 20.08
N PRO A 943 1.83 2.29 18.95
CA PRO A 943 0.56 2.05 18.25
C PRO A 943 0.61 0.79 17.40
N ALA A 944 -0.58 0.29 17.08
CA ALA A 944 -0.76 -0.90 16.27
C ALA A 944 -1.61 -0.56 15.06
N SER A 945 -1.82 -1.56 14.20
CA SER A 945 -2.57 -1.35 12.97
C SER A 945 -3.92 -2.05 13.02
N LYS A 946 -4.74 -1.75 12.01
CA LYS A 946 -6.12 -2.22 11.99
C LYS A 946 -6.22 -3.71 11.66
N GLU A 947 -5.41 -4.18 10.72
CA GLU A 947 -5.64 -5.48 10.10
C GLU A 947 -5.19 -6.61 11.02
N GLU A 948 -5.35 -7.83 10.51
CA GLU A 948 -5.01 -9.03 11.28
C GLU A 948 -3.51 -9.22 11.35
N GLY A 949 -3.00 -9.40 12.57
CA GLY A 949 -1.64 -9.86 12.79
C GLY A 949 -0.51 -8.93 12.42
N LYS A 950 -0.82 -7.77 11.83
CA LYS A 950 0.20 -6.82 11.41
C LYS A 950 -0.04 -5.50 12.12
N LYS A 951 1.04 -4.89 12.59
CA LYS A 951 0.99 -3.66 13.35
C LYS A 951 1.68 -2.54 12.59
N LEU A 952 1.76 -1.37 13.23
CA LEU A 952 2.44 -0.25 12.63
C LEU A 952 3.95 -0.47 12.61
N LYS A 953 4.62 0.22 11.70
CA LYS A 953 6.08 0.15 11.57
C LYS A 953 6.63 1.56 11.58
N LYS A 954 7.66 1.78 12.41
CA LYS A 954 8.43 3.03 12.51
C LYS A 954 7.58 4.17 13.09
N ARG A 955 6.43 3.84 13.67
CA ARG A 955 5.54 4.80 14.32
C ARG A 955 5.50 4.52 15.81
N TYR A 956 5.90 5.50 16.61
CA TYR A 956 5.91 5.43 18.07
C TYR A 956 6.23 6.82 18.62
N ALA A 957 6.21 6.94 19.94
CA ALA A 957 6.59 8.17 20.63
C ALA A 957 7.09 7.83 22.02
N VAL A 958 7.93 8.72 22.57
CA VAL A 958 8.57 8.52 23.87
C VAL A 958 8.45 9.81 24.68
N PHE A 959 8.84 9.71 25.95
CA PHE A 959 8.83 10.87 26.84
C PHE A 959 9.91 10.73 27.90
N ASN A 960 10.58 11.85 28.20
CA ASN A 960 11.63 11.88 29.21
C ASN A 960 11.04 11.79 30.62
N GLU A 961 11.93 11.82 31.61
CA GLU A 961 11.53 11.71 33.01
C GLU A 961 10.64 12.88 33.44
N ASP A 962 10.94 14.08 32.94
CA ASP A 962 10.05 15.21 33.18
C ASP A 962 8.85 15.21 32.24
N GLY A 963 8.82 14.33 31.25
CA GLY A 963 7.74 14.28 30.30
C GLY A 963 7.89 15.17 29.09
N SER A 964 9.12 15.58 28.75
CA SER A 964 9.32 16.46 27.62
C SER A 964 9.12 15.72 26.30
N LEU A 965 8.70 16.46 25.28
CA LEU A 965 8.43 15.91 23.95
C LEU A 965 9.77 15.60 23.27
N ALA A 966 10.35 14.47 23.66
CA ALA A 966 11.67 14.10 23.15
C ALA A 966 11.59 13.65 21.70
N GLU A 967 10.61 12.82 21.37
CA GLU A 967 10.61 12.15 20.08
C GLU A 967 9.19 11.72 19.73
N LEU A 968 8.73 12.16 18.56
CA LEU A 968 7.42 11.79 18.03
C LEU A 968 7.47 11.97 16.52
N LYS A 969 7.00 10.97 15.77
CA LYS A 969 7.32 10.82 14.36
C LYS A 969 6.45 9.74 13.76
N GLY A 970 6.17 9.90 12.46
CA GLY A 970 5.48 8.91 11.67
C GLY A 970 3.98 9.07 11.57
N PHE A 971 3.39 9.97 12.35
CA PHE A 971 1.95 10.15 12.40
C PHE A 971 1.50 11.26 11.46
N GLU A 972 0.19 11.28 11.22
CA GLU A 972 -0.43 12.34 10.44
C GLU A 972 -0.32 13.70 11.13
N VAL A 973 -0.18 13.72 12.46
CA VAL A 973 -0.08 14.98 13.21
C VAL A 973 1.16 15.76 12.79
N LYS A 974 2.20 15.07 12.36
CA LYS A 974 3.37 15.71 11.77
C LYS A 974 3.34 15.70 10.25
N ARG A 975 2.27 15.21 9.65
CA ARG A 975 2.09 15.24 8.20
C ARG A 975 1.29 16.47 7.83
N ARG A 976 1.83 17.26 6.89
CA ARG A 976 1.12 18.45 6.43
C ARG A 976 -0.07 18.06 5.57
N GLY A 977 -1.00 19.00 5.43
CA GLY A 977 -2.17 18.78 4.60
C GLY A 977 -3.10 17.73 5.17
N GLU A 978 -3.86 17.09 4.28
CA GLU A 978 -4.81 16.01 4.58
C GLU A 978 -5.84 16.55 5.58
N LEU A 979 -6.16 15.81 6.63
CA LEU A 979 -7.17 16.23 7.60
C LEU A 979 -6.50 16.71 8.88
N GLN A 980 -7.07 17.75 9.47
CA GLN A 980 -6.43 18.47 10.58
C GLN A 980 -7.07 18.20 11.92
N LEU A 981 -8.36 17.89 11.96
CA LEU A 981 -9.03 17.54 13.21
C LEU A 981 -8.47 16.26 13.82
N ILE A 982 -8.09 15.30 12.98
CA ILE A 982 -7.42 14.12 13.50
C ILE A 982 -6.06 14.50 14.07
N LYS A 983 -5.38 15.47 13.45
CA LYS A 983 -4.12 15.97 13.98
C LYS A 983 -4.31 16.60 15.35
N ILE A 984 -5.41 17.33 15.55
CA ILE A 984 -5.59 17.98 16.84
C ILE A 984 -6.06 16.99 17.91
N PHE A 985 -6.77 15.92 17.55
CA PHE A 985 -6.97 14.88 18.58
C PHE A 985 -5.65 14.21 18.93
N GLN A 986 -4.77 14.02 17.94
CA GLN A 986 -3.45 13.47 18.25
C GLN A 986 -2.69 14.36 19.22
N SER A 987 -2.72 15.68 19.00
CA SER A 987 -2.07 16.61 19.93
C SER A 987 -2.67 16.53 21.33
N SER A 988 -4.00 16.48 21.42
CA SER A 988 -4.65 16.44 22.72
C SER A 988 -4.32 15.15 23.47
N VAL A 989 -4.33 14.01 22.78
CA VAL A 989 -4.06 12.76 23.48
C VAL A 989 -2.59 12.64 23.84
N PHE A 990 -1.70 13.24 23.05
CA PHE A 990 -0.28 13.24 23.43
C PHE A 990 -0.05 14.11 24.64
N GLU A 991 -0.81 15.20 24.77
CA GLU A 991 -0.76 15.98 26.01
C GLU A 991 -1.31 15.18 27.18
N ALA A 992 -2.39 14.43 26.96
CA ALA A 992 -3.05 13.72 28.05
C ALA A 992 -2.38 12.41 28.43
N PHE A 993 -1.38 11.96 27.67
CA PHE A 993 -0.70 10.70 27.98
C PHE A 993 -0.05 10.70 29.35
N LEU A 994 0.59 11.81 29.72
CA LEU A 994 1.57 11.79 30.80
C LEU A 994 0.96 11.68 32.18
N LYS A 995 -0.32 12.02 32.34
CA LYS A 995 -0.93 11.98 33.65
C LYS A 995 -1.23 10.54 34.08
N GLY A 996 -1.33 10.35 35.38
CA GLY A 996 -1.73 9.06 35.93
C GLY A 996 -0.58 8.30 36.53
N SER A 997 -0.91 7.38 37.45
CA SER A 997 0.06 6.48 38.06
C SER A 997 -0.36 5.02 37.98
N THR A 998 -1.61 4.73 37.64
CA THR A 998 -2.07 3.40 37.30
C THR A 998 -2.55 3.43 35.86
N LEU A 999 -2.21 2.40 35.08
CA LEU A 999 -2.51 2.42 33.65
C LEU A 999 -4.00 2.42 33.37
N GLU A 1000 -4.80 1.88 34.30
CA GLU A 1000 -6.25 1.95 34.17
C GLU A 1000 -6.73 3.38 34.22
N GLU A 1001 -6.20 4.17 35.15
CA GLU A 1001 -6.60 5.57 35.23
C GLU A 1001 -6.03 6.38 34.06
N VAL A 1002 -4.85 6.02 33.56
CA VAL A 1002 -4.29 6.68 32.39
C VAL A 1002 -5.20 6.45 31.18
N TYR A 1003 -5.60 5.19 30.97
CA TYR A 1003 -6.54 4.88 29.90
C TYR A 1003 -7.88 5.57 30.12
N GLY A 1004 -8.31 5.71 31.38
CA GLY A 1004 -9.54 6.43 31.66
C GLY A 1004 -9.46 7.90 31.32
N SER A 1005 -8.30 8.52 31.56
CA SER A 1005 -8.14 9.93 31.23
C SER A 1005 -8.07 10.14 29.71
N VAL A 1006 -7.39 9.24 29.00
CA VAL A 1006 -7.38 9.29 27.55
C VAL A 1006 -8.79 9.07 27.01
N ALA A 1007 -9.55 8.18 27.64
CA ALA A 1007 -10.93 7.97 27.29
C ALA A 1007 -11.77 9.21 27.54
N LYS A 1008 -11.47 9.94 28.61
CA LYS A 1008 -12.22 11.16 28.92
C LYS A 1008 -11.97 12.24 27.88
N VAL A 1009 -10.71 12.42 27.46
CA VAL A 1009 -10.43 13.45 26.46
C VAL A 1009 -11.00 13.02 25.09
N ALA A 1010 -11.00 11.72 24.81
CA ALA A 1010 -11.63 11.24 23.57
C ALA A 1010 -13.14 11.42 23.62
N ASP A 1011 -13.74 11.18 24.79
CA ASP A 1011 -15.17 11.38 24.97
C ASP A 1011 -15.54 12.84 24.78
N TYR A 1012 -14.71 13.75 25.31
CA TYR A 1012 -14.90 15.18 25.06
C TYR A 1012 -14.86 15.50 23.58
N TRP A 1013 -13.81 15.07 22.88
CA TRP A 1013 -13.68 15.54 21.50
C TRP A 1013 -14.53 14.75 20.52
N LEU A 1014 -15.18 13.67 20.95
CA LEU A 1014 -16.18 13.01 20.12
C LEU A 1014 -17.61 13.40 20.47
N ASP A 1015 -17.86 13.87 21.70
CA ASP A 1015 -19.14 14.51 21.99
C ASP A 1015 -19.18 15.93 21.48
N VAL A 1016 -18.02 16.50 21.12
CA VAL A 1016 -18.01 17.78 20.40
C VAL A 1016 -18.72 17.62 19.05
N LEU A 1017 -18.39 16.57 18.31
CA LEU A 1017 -18.96 16.39 16.98
C LEU A 1017 -20.27 15.61 16.99
N TYR A 1018 -20.52 14.79 18.00
CA TYR A 1018 -21.79 14.08 18.09
C TYR A 1018 -22.93 14.98 18.56
N SER A 1019 -22.61 16.15 19.09
CA SER A 1019 -23.63 17.15 19.42
C SER A 1019 -23.83 18.17 18.31
N LYS A 1020 -23.17 17.98 17.17
CA LYS A 1020 -23.26 18.79 15.95
C LYS A 1020 -22.75 20.22 16.14
N ALA A 1021 -22.17 20.53 17.30
CA ALA A 1021 -21.51 21.81 17.59
C ALA A 1021 -22.44 23.00 17.40
N ALA A 1022 -23.65 22.90 17.96
CA ALA A 1022 -24.65 23.94 17.78
C ALA A 1022 -24.37 25.19 18.62
N ASN A 1023 -23.80 25.02 19.81
CA ASN A 1023 -23.61 26.12 20.76
C ASN A 1023 -22.21 26.70 20.68
N MET A 1024 -21.54 26.44 19.54
CA MET A 1024 -20.11 26.84 19.36
C MET A 1024 -19.93 27.34 17.92
N PRO A 1025 -19.07 28.34 17.66
CA PRO A 1025 -18.97 28.97 16.32
C PRO A 1025 -18.45 28.03 15.24
N ASP A 1026 -18.55 28.51 14.00
CA ASP A 1026 -18.39 27.66 12.83
C ASP A 1026 -17.07 27.83 12.10
N SER A 1027 -16.29 28.86 12.42
CA SER A 1027 -15.05 29.09 11.68
C SER A 1027 -13.99 28.03 11.97
N GLU A 1028 -13.85 27.66 13.25
CA GLU A 1028 -12.87 26.62 13.56
C GLU A 1028 -13.38 25.26 13.08
N LEU A 1029 -14.70 25.10 13.03
CA LEU A 1029 -15.28 23.92 12.38
C LEU A 1029 -14.90 23.88 10.90
N PHE A 1030 -14.95 25.04 10.22
CA PHE A 1030 -14.55 25.13 8.83
C PHE A 1030 -13.10 24.71 8.64
N GLU A 1031 -12.21 25.25 9.48
CA GLU A 1031 -10.80 24.90 9.30
C GLU A 1031 -10.51 23.46 9.73
N LEU A 1032 -11.37 22.89 10.58
CA LEU A 1032 -11.20 21.49 10.94
C LEU A 1032 -11.63 20.57 9.80
N ILE A 1033 -12.74 20.90 9.13
CA ILE A 1033 -13.26 20.05 8.07
C ILE A 1033 -12.72 20.42 6.69
N SER A 1034 -11.82 21.40 6.62
CA SER A 1034 -11.26 21.83 5.35
C SER A 1034 -10.32 20.75 4.81
N GLU A 1035 -10.83 19.92 3.91
CA GLU A 1035 -10.02 18.89 3.26
C GLU A 1035 -9.51 19.45 1.94
N ASN A 1036 -8.20 19.49 1.78
CA ASN A 1036 -7.56 20.11 0.63
C ASN A 1036 -6.70 19.08 -0.09
N ARG A 1037 -6.93 18.94 -1.40
CA ARG A 1037 -6.15 18.04 -2.23
C ARG A 1037 -5.68 18.81 -3.46
N SER A 1038 -4.37 18.80 -3.68
CA SER A 1038 -3.74 19.67 -4.68
C SER A 1038 -3.95 19.11 -6.09
N MET A 1039 -4.06 20.02 -7.05
CA MET A 1039 -4.12 19.67 -8.47
C MET A 1039 -2.70 19.66 -9.02
N SER A 1040 -2.13 18.46 -9.12
CA SER A 1040 -0.80 18.32 -9.71
C SER A 1040 -0.83 18.59 -11.22
N ARG A 1041 -1.95 18.29 -11.87
CA ARG A 1041 -2.17 18.63 -13.27
C ARG A 1041 -3.51 19.36 -13.37
N LYS A 1042 -3.91 19.67 -14.60
CA LYS A 1042 -5.16 20.37 -14.82
C LYS A 1042 -6.34 19.41 -14.65
N LEU A 1043 -7.54 20.00 -14.66
CA LEU A 1043 -8.76 19.20 -14.60
C LEU A 1043 -8.91 18.35 -15.86
N GLU A 1044 -8.60 18.92 -17.01
CA GLU A 1044 -8.75 18.21 -18.28
C GLU A 1044 -7.60 17.24 -18.56
N ASP A 1045 -6.50 17.32 -17.81
CA ASP A 1045 -5.40 16.39 -18.01
C ASP A 1045 -5.78 14.98 -17.55
N TYR A 1046 -6.33 14.86 -16.34
CA TYR A 1046 -6.69 13.54 -15.83
C TYR A 1046 -7.95 13.03 -16.50
N GLY A 1047 -8.96 13.88 -16.65
CA GLY A 1047 -10.14 13.53 -17.41
C GLY A 1047 -10.96 12.39 -16.85
N GLU A 1048 -10.83 11.22 -17.49
CA GLU A 1048 -11.61 10.04 -17.11
C GLU A 1048 -11.23 9.48 -15.75
N GLN A 1049 -10.09 9.91 -15.18
CA GLN A 1049 -9.74 9.50 -13.84
C GLN A 1049 -10.73 10.07 -12.83
N LYS A 1050 -11.06 9.28 -11.82
CA LYS A 1050 -12.04 9.66 -10.81
C LYS A 1050 -11.36 9.76 -9.46
N SER A 1051 -11.50 10.92 -8.82
CA SER A 1051 -11.02 11.14 -7.47
C SER A 1051 -11.82 12.29 -6.88
N THR A 1052 -11.64 12.51 -5.57
CA THR A 1052 -12.32 13.61 -4.91
C THR A 1052 -11.77 14.96 -5.37
N SER A 1053 -10.49 15.02 -5.73
CA SER A 1053 -9.91 16.26 -6.25
C SER A 1053 -10.47 16.59 -7.63
N ILE A 1054 -10.57 15.57 -8.49
CA ILE A 1054 -11.09 15.78 -9.83
C ILE A 1054 -12.58 16.14 -9.77
N SER A 1055 -13.31 15.51 -8.85
CA SER A 1055 -14.72 15.86 -8.65
C SER A 1055 -14.86 17.28 -8.13
N THR A 1056 -13.98 17.69 -7.21
CA THR A 1056 -14.00 19.07 -6.71
C THR A 1056 -13.70 20.07 -7.83
N ALA A 1057 -12.74 19.73 -8.70
CA ALA A 1057 -12.42 20.59 -9.83
C ALA A 1057 -13.58 20.66 -10.81
N LYS A 1058 -14.29 19.55 -11.00
CA LYS A 1058 -15.50 19.58 -11.84
C LYS A 1058 -16.59 20.44 -11.23
N ARG A 1059 -16.74 20.39 -9.89
CA ARG A 1059 -17.72 21.24 -9.23
C ARG A 1059 -17.35 22.72 -9.35
N LEU A 1060 -16.05 23.04 -9.27
CA LEU A 1060 -15.61 24.40 -9.55
C LEU A 1060 -15.88 24.79 -11.00
N ALA A 1061 -15.71 23.85 -11.93
CA ALA A 1061 -15.98 24.13 -13.34
C ALA A 1061 -17.45 24.42 -13.57
N GLU A 1062 -18.33 23.71 -12.87
CA GLU A 1062 -19.76 24.03 -12.95
C GLU A 1062 -20.09 25.34 -12.26
N PHE A 1063 -19.37 25.66 -11.17
CA PHE A 1063 -19.70 26.84 -10.37
C PHE A 1063 -19.25 28.11 -11.07
N LEU A 1064 -17.94 28.29 -11.27
CA LEU A 1064 -17.38 29.54 -11.75
C LEU A 1064 -16.76 29.41 -13.13
N GLY A 1065 -17.20 28.43 -13.91
CA GLY A 1065 -16.61 28.23 -15.22
C GLY A 1065 -15.24 27.59 -15.12
N ASP A 1066 -14.55 27.59 -16.26
CA ASP A 1066 -13.24 26.95 -16.36
C ASP A 1066 -12.10 27.86 -15.93
N GLN A 1067 -12.39 29.12 -15.58
CA GLN A 1067 -11.32 30.04 -15.21
C GLN A 1067 -10.72 29.68 -13.86
N MET A 1068 -11.51 29.10 -12.95
CA MET A 1068 -10.96 28.68 -11.67
C MET A 1068 -10.13 27.40 -11.80
N VAL A 1069 -10.40 26.59 -12.82
CA VAL A 1069 -9.71 25.32 -13.02
C VAL A 1069 -8.90 25.35 -14.31
N LYS A 1070 -8.43 26.54 -14.69
CA LYS A 1070 -7.72 26.68 -15.96
C LYS A 1070 -6.34 26.03 -15.90
N ASP A 1071 -5.75 25.93 -14.70
CA ASP A 1071 -4.40 25.39 -14.58
C ASP A 1071 -4.27 24.47 -13.38
N ALA A 1072 -3.05 24.07 -13.05
CA ALA A 1072 -2.77 23.19 -11.93
C ALA A 1072 -2.38 24.00 -10.70
N GLY A 1073 -2.00 23.30 -9.63
CA GLY A 1073 -1.56 23.95 -8.42
C GLY A 1073 -2.64 24.59 -7.59
N LEU A 1074 -3.91 24.32 -7.89
CA LEU A 1074 -5.01 24.92 -7.17
C LEU A 1074 -5.19 24.26 -5.82
N SER A 1075 -5.33 25.07 -4.77
CA SER A 1075 -5.60 24.58 -3.42
C SER A 1075 -7.11 24.35 -3.30
N CYS A 1076 -7.57 23.27 -3.93
CA CYS A 1076 -9.00 22.97 -4.00
C CYS A 1076 -9.48 22.45 -2.65
N ARG A 1077 -10.15 23.31 -1.90
CA ARG A 1077 -10.70 22.96 -0.60
C ARG A 1077 -12.12 22.41 -0.79
N TYR A 1078 -12.46 21.40 -0.01
CA TYR A 1078 -13.74 20.72 -0.18
C TYR A 1078 -14.10 19.99 1.10
N ILE A 1079 -15.37 19.57 1.17
CA ILE A 1079 -15.86 18.64 2.16
C ILE A 1079 -16.63 17.53 1.45
N ILE A 1080 -17.25 16.66 2.25
CA ILE A 1080 -18.01 15.52 1.74
C ILE A 1080 -19.48 15.70 2.11
N SER A 1081 -20.37 15.39 1.16
CA SER A 1081 -21.83 15.53 1.40
C SER A 1081 -22.47 14.16 1.66
N ARG A 1082 -23.58 14.12 2.41
CA ARG A 1082 -24.19 12.82 2.78
C ARG A 1082 -25.58 12.67 2.14
N LYS A 1083 -26.31 13.77 1.99
CA LYS A 1083 -27.72 13.68 1.47
C LYS A 1083 -27.76 12.91 0.16
N PRO A 1084 -26.89 13.15 -0.86
CA PRO A 1084 -26.92 12.35 -2.09
C PRO A 1084 -26.81 10.86 -1.76
N GLU A 1085 -27.71 10.04 -2.31
CA GLU A 1085 -27.70 8.58 -2.02
C GLU A 1085 -27.32 7.80 -3.29
N GLY A 1086 -26.87 6.55 -3.13
CA GLY A 1086 -26.47 5.73 -4.28
C GLY A 1086 -25.43 6.43 -5.13
N SER A 1087 -24.45 7.06 -4.49
CA SER A 1087 -23.40 7.83 -5.24
C SER A 1087 -22.02 7.50 -4.67
N PRO A 1088 -20.99 7.26 -5.50
CA PRO A 1088 -19.62 7.03 -5.02
C PRO A 1088 -19.12 8.16 -4.14
N VAL A 1089 -18.23 7.81 -3.21
CA VAL A 1089 -17.73 8.76 -2.22
C VAL A 1089 -16.88 9.83 -2.88
N THR A 1090 -16.21 9.50 -3.99
CA THR A 1090 -15.47 10.49 -4.74
C THR A 1090 -16.41 11.52 -5.36
N GLU A 1091 -17.60 11.07 -5.76
CA GLU A 1091 -18.61 12.00 -6.32
C GLU A 1091 -19.12 12.90 -5.18
N ARG A 1092 -19.79 14.01 -5.52
CA ARG A 1092 -20.37 14.92 -4.49
C ARG A 1092 -19.27 15.44 -3.55
N ALA A 1093 -18.08 15.74 -4.08
CA ALA A 1093 -17.02 16.35 -3.24
C ALA A 1093 -17.32 17.85 -3.14
N ILE A 1094 -18.35 18.23 -2.39
CA ILE A 1094 -18.77 19.66 -2.31
C ILE A 1094 -17.59 20.55 -1.91
N PRO A 1095 -17.16 21.51 -2.75
CA PRO A 1095 -16.10 22.45 -2.40
C PRO A 1095 -16.54 23.47 -1.35
N LEU A 1096 -15.56 24.09 -0.71
CA LEU A 1096 -15.81 25.23 0.14
C LEU A 1096 -15.90 26.53 -0.66
N ALA A 1097 -15.48 26.51 -1.92
CA ALA A 1097 -15.49 27.72 -2.75
C ALA A 1097 -16.90 28.16 -3.12
N ILE A 1098 -17.89 27.27 -2.97
CA ILE A 1098 -19.28 27.62 -3.24
C ILE A 1098 -19.79 28.69 -2.27
N PHE A 1099 -19.17 28.80 -1.08
CA PHE A 1099 -19.65 29.69 -0.03
C PHE A 1099 -19.52 31.17 -0.37
N GLN A 1100 -18.74 31.51 -1.40
CA GLN A 1100 -18.64 32.91 -1.81
C GLN A 1100 -19.89 33.39 -2.56
N ALA A 1101 -20.65 32.45 -3.13
CA ALA A 1101 -21.81 32.83 -3.92
C ALA A 1101 -22.92 33.37 -3.03
N GLU A 1102 -23.68 34.32 -3.56
CA GLU A 1102 -24.82 34.89 -2.85
C GLU A 1102 -25.90 33.81 -2.70
N PRO A 1103 -26.73 33.89 -1.64
CA PRO A 1103 -27.52 32.71 -1.21
C PRO A 1103 -28.45 32.11 -2.25
N THR A 1104 -29.00 32.90 -3.17
CA THR A 1104 -29.86 32.30 -4.20
C THR A 1104 -29.04 31.47 -5.19
N VAL A 1105 -27.94 32.04 -5.69
CA VAL A 1105 -27.08 31.32 -6.63
C VAL A 1105 -26.34 30.18 -5.92
N ARG A 1106 -25.91 30.42 -4.68
CA ARG A 1106 -25.26 29.38 -3.89
C ARG A 1106 -26.21 28.21 -3.65
N LYS A 1107 -27.46 28.51 -3.29
CA LYS A 1107 -28.46 27.47 -3.12
C LYS A 1107 -28.72 26.73 -4.42
N HIS A 1108 -28.90 27.47 -5.52
CA HIS A 1108 -29.18 26.85 -6.83
C HIS A 1108 -28.06 25.91 -7.25
N PHE A 1109 -26.82 26.30 -6.97
CA PHE A 1109 -25.70 25.40 -7.27
C PHE A 1109 -25.70 24.18 -6.37
N LEU A 1110 -26.12 24.32 -5.10
CA LEU A 1110 -26.11 23.13 -4.25
C LEU A 1110 -27.30 22.22 -4.57
N ARG A 1111 -28.42 22.78 -5.04
CA ARG A 1111 -29.48 21.95 -5.62
C ARG A 1111 -28.98 21.21 -6.85
N LYS A 1112 -28.20 21.89 -7.70
CA LYS A 1112 -27.70 21.27 -8.91
C LYS A 1112 -26.74 20.13 -8.61
N TRP A 1113 -25.85 20.32 -7.63
CA TRP A 1113 -24.91 19.27 -7.26
C TRP A 1113 -25.59 18.18 -6.43
N LEU A 1114 -26.60 18.55 -5.65
CA LEU A 1114 -27.26 17.62 -4.74
C LEU A 1114 -28.30 16.77 -5.46
N LYS A 1115 -28.80 17.25 -6.60
CA LYS A 1115 -29.89 16.62 -7.36
C LYS A 1115 -31.15 16.47 -6.52
N SER A 1116 -31.40 17.45 -5.64
CA SER A 1116 -32.60 17.45 -4.79
C SER A 1116 -32.96 18.90 -4.53
N SER A 1117 -34.11 19.33 -5.06
CA SER A 1117 -34.57 20.70 -4.90
C SER A 1117 -35.53 20.87 -3.72
N SER A 1118 -35.83 19.81 -2.98
CA SER A 1118 -36.86 19.90 -1.95
C SER A 1118 -36.37 20.64 -0.71
N LEU A 1119 -35.07 20.61 -0.44
CA LEU A 1119 -34.54 21.22 0.77
C LEU A 1119 -34.62 22.74 0.67
N GLN A 1120 -34.91 23.38 1.82
CA GLN A 1120 -35.05 24.83 1.90
C GLN A 1120 -34.06 25.51 2.83
N ASP A 1121 -33.52 24.81 3.82
CA ASP A 1121 -32.53 25.36 4.74
C ASP A 1121 -31.21 24.64 4.51
N PHE A 1122 -30.13 25.39 4.40
CA PHE A 1122 -28.90 24.86 3.82
C PHE A 1122 -27.71 25.16 4.72
N ASP A 1123 -27.87 24.89 6.01
CA ASP A 1123 -26.77 25.05 6.94
C ASP A 1123 -25.67 24.04 6.63
N ILE A 1124 -24.42 24.45 6.89
CA ILE A 1124 -23.26 23.67 6.49
C ILE A 1124 -23.17 22.39 7.32
N ARG A 1125 -23.72 22.40 8.53
CA ARG A 1125 -23.77 21.18 9.34
C ARG A 1125 -24.71 20.15 8.71
N ALA A 1126 -25.75 20.63 8.02
CA ALA A 1126 -26.71 19.73 7.40
C ALA A 1126 -26.23 19.18 6.06
N ILE A 1127 -25.13 19.72 5.52
CA ILE A 1127 -24.57 19.21 4.26
C ILE A 1127 -23.36 18.33 4.50
N LEU A 1128 -22.97 18.09 5.75
CA LEU A 1128 -21.84 17.24 6.06
C LEU A 1128 -22.14 15.79 5.73
N ASP A 1129 -21.07 15.00 5.62
CA ASP A 1129 -21.19 13.54 5.52
C ASP A 1129 -20.30 12.98 6.62
N TRP A 1130 -20.92 12.55 7.73
CA TRP A 1130 -20.16 12.06 8.87
C TRP A 1130 -19.35 10.82 8.54
N ASP A 1131 -19.83 10.02 7.58
CA ASP A 1131 -19.31 8.67 7.36
C ASP A 1131 -17.83 8.66 7.05
N TYR A 1132 -17.37 9.59 6.21
CA TYR A 1132 -15.94 9.70 5.98
C TYR A 1132 -15.23 10.25 7.21
N TYR A 1133 -15.83 11.24 7.89
CA TYR A 1133 -15.25 11.74 9.12
C TYR A 1133 -15.24 10.69 10.22
N ILE A 1134 -16.35 9.96 10.37
CA ILE A 1134 -16.41 8.91 11.39
C ILE A 1134 -15.43 7.79 11.09
N GLU A 1135 -15.27 7.40 9.82
CA GLU A 1135 -14.30 6.34 9.52
C GLU A 1135 -12.87 6.83 9.71
N ARG A 1136 -12.59 8.11 9.43
CA ARG A 1136 -11.26 8.65 9.65
C ARG A 1136 -10.93 8.66 11.14
N LEU A 1137 -11.84 9.18 11.96
CA LEU A 1137 -11.58 9.22 13.41
C LEU A 1137 -11.56 7.81 13.99
N GLY A 1138 -12.36 6.89 13.45
CA GLY A 1138 -12.34 5.53 13.95
C GLY A 1138 -11.03 4.82 13.65
N SER A 1139 -10.52 4.99 12.42
CA SER A 1139 -9.22 4.43 12.09
C SER A 1139 -8.12 5.03 12.95
N ALA A 1140 -8.17 6.34 13.18
CA ALA A 1140 -7.17 6.99 14.02
C ALA A 1140 -7.23 6.48 15.46
N ILE A 1141 -8.45 6.42 16.03
CA ILE A 1141 -8.63 5.99 17.41
C ILE A 1141 -8.23 4.53 17.58
N GLN A 1142 -8.60 3.68 16.63
CA GLN A 1142 -8.21 2.28 16.70
C GLN A 1142 -6.70 2.13 16.60
N LYS A 1143 -6.06 2.95 15.76
CA LYS A 1143 -4.61 2.88 15.67
C LYS A 1143 -3.92 3.39 16.93
N ILE A 1144 -4.48 4.39 17.59
CA ILE A 1144 -3.75 5.08 18.66
C ILE A 1144 -4.04 4.48 20.03
N ILE A 1145 -5.29 4.13 20.35
CA ILE A 1145 -5.67 3.82 21.72
C ILE A 1145 -6.38 2.48 21.83
N THR A 1146 -7.29 2.18 20.89
CA THR A 1146 -8.21 1.06 21.08
C THR A 1146 -7.51 -0.28 20.92
N ILE A 1147 -6.89 -0.50 19.76
CA ILE A 1147 -6.23 -1.79 19.51
C ILE A 1147 -5.08 -2.08 20.48
N PRO A 1148 -4.14 -1.15 20.76
CA PRO A 1148 -3.12 -1.49 21.77
C PRO A 1148 -3.66 -1.72 23.17
N ALA A 1149 -4.71 -1.02 23.60
CA ALA A 1149 -5.27 -1.27 24.93
C ALA A 1149 -5.98 -2.62 24.97
N ALA A 1150 -6.67 -2.98 23.88
CA ALA A 1150 -7.26 -4.31 23.79
C ALA A 1150 -6.19 -5.39 23.82
N LEU A 1151 -5.04 -5.12 23.19
CA LEU A 1151 -3.91 -6.03 23.29
C LEU A 1151 -3.33 -6.05 24.70
N GLN A 1152 -3.49 -4.97 25.46
CA GLN A 1152 -2.98 -4.85 26.82
C GLN A 1152 -4.03 -5.20 27.86
N GLN A 1153 -4.85 -6.22 27.56
CA GLN A 1153 -5.87 -6.82 28.45
C GLN A 1153 -6.77 -5.78 29.13
N VAL A 1154 -7.00 -4.67 28.45
CA VAL A 1154 -7.95 -3.67 28.92
C VAL A 1154 -9.28 -3.93 28.23
N LYS A 1155 -10.37 -3.95 29.01
CA LYS A 1155 -11.65 -4.46 28.51
C LYS A 1155 -12.23 -3.57 27.41
N ASN A 1156 -12.09 -2.26 27.53
CA ASN A 1156 -12.33 -1.35 26.42
C ASN A 1156 -11.59 -0.04 26.69
N PRO A 1157 -11.30 0.72 25.65
CA PRO A 1157 -10.95 2.13 25.86
C PRO A 1157 -12.18 2.93 26.22
N VAL A 1158 -13.27 2.70 25.50
CA VAL A 1158 -14.53 3.42 25.65
C VAL A 1158 -15.61 2.60 24.97
N PRO A 1159 -16.85 2.58 25.47
CA PRO A 1159 -17.92 1.86 24.75
C PRO A 1159 -18.41 2.57 23.51
N ARG A 1160 -17.77 3.66 23.06
CA ARG A 1160 -18.21 4.38 21.88
C ARG A 1160 -17.51 3.92 20.60
N VAL A 1161 -16.60 2.96 20.68
CA VAL A 1161 -15.88 2.46 19.53
C VAL A 1161 -16.09 0.95 19.44
N LYS A 1162 -16.13 0.43 18.22
CA LYS A 1162 -16.20 -1.00 18.00
C LYS A 1162 -14.84 -1.54 17.61
N HIS A 1163 -14.77 -2.85 17.42
CA HIS A 1163 -13.51 -3.54 17.20
C HIS A 1163 -13.65 -4.47 16.01
N PRO A 1164 -12.56 -4.74 15.29
CA PRO A 1164 -12.58 -5.82 14.30
C PRO A 1164 -12.74 -7.15 15.02
N ASP A 1165 -13.57 -8.03 14.46
CA ASP A 1165 -14.09 -9.14 15.26
C ASP A 1165 -13.10 -10.30 15.36
N TRP A 1166 -11.98 -10.24 14.64
CA TRP A 1166 -10.95 -11.28 14.76
C TRP A 1166 -10.36 -11.32 16.16
N LEU A 1167 -10.10 -10.15 16.76
CA LEU A 1167 -9.63 -10.13 18.14
C LEU A 1167 -10.77 -10.38 19.12
N HIS A 1168 -12.00 -10.06 18.72
CA HIS A 1168 -13.16 -10.25 19.59
C HIS A 1168 -13.34 -11.71 19.94
N LYS A 1169 -13.18 -12.60 18.95
CA LYS A 1169 -13.32 -14.03 19.18
C LYS A 1169 -12.28 -14.53 20.19
N LYS A 1170 -11.02 -14.12 20.04
CA LYS A 1170 -9.99 -14.66 20.93
C LYS A 1170 -10.12 -14.08 22.33
N LEU A 1171 -10.54 -12.82 22.48
CA LEU A 1171 -10.77 -12.29 23.83
C LEU A 1171 -11.94 -12.99 24.52
N LEU A 1172 -13.06 -13.19 23.83
CA LEU A 1172 -14.17 -13.87 24.49
C LEU A 1172 -13.90 -15.35 24.73
N GLU A 1173 -13.03 -15.99 23.94
CA GLU A 1173 -12.70 -17.37 24.31
C GLU A 1173 -11.69 -17.42 25.46
N LYS A 1174 -10.78 -16.44 25.55
CA LYS A 1174 -9.85 -16.47 26.68
C LYS A 1174 -10.47 -15.95 27.96
N ASN A 1175 -11.65 -15.33 27.89
CA ASN A 1175 -12.36 -14.95 29.11
C ASN A 1175 -13.18 -16.07 29.70
N ASP A 1176 -13.14 -17.27 29.13
CA ASP A 1176 -13.84 -18.43 29.67
C ASP A 1176 -12.83 -19.54 29.96
N VAL A 1177 -13.22 -20.45 30.86
CA VAL A 1177 -12.33 -21.50 31.32
C VAL A 1177 -12.22 -22.68 30.35
N TYR A 1178 -12.98 -22.68 29.26
CA TYR A 1178 -12.97 -23.79 28.32
C TYR A 1178 -11.84 -23.55 27.32
N LYS A 1179 -10.62 -23.83 27.76
CA LYS A 1179 -9.43 -23.58 26.95
C LYS A 1179 -9.28 -24.65 25.89
N GLN A 1180 -8.26 -24.51 25.04
CA GLN A 1180 -7.92 -25.56 24.10
C GLN A 1180 -7.03 -26.59 24.79
N LYS A 1181 -7.10 -27.83 24.32
CA LYS A 1181 -6.39 -28.94 24.94
C LYS A 1181 -5.47 -29.60 23.94
N LYS A 1182 -4.24 -29.86 24.37
CA LYS A 1182 -3.27 -30.58 23.57
C LYS A 1182 -3.63 -32.06 23.52
N ILE A 1183 -3.20 -32.71 22.43
CA ILE A 1183 -3.50 -34.12 22.18
C ILE A 1183 -2.86 -34.99 23.26
N SER A 1184 -1.65 -34.64 23.69
CA SER A 1184 -0.77 -35.57 24.39
C SER A 1184 -1.32 -35.98 25.74
N GLU A 1185 -1.97 -35.05 26.44
CA GLU A 1185 -2.48 -35.38 27.78
C GLU A 1185 -3.67 -36.32 27.71
N LEU A 1186 -4.54 -36.16 26.71
CA LEU A 1186 -5.69 -37.05 26.59
C LEU A 1186 -5.38 -38.30 25.77
N PHE A 1187 -4.58 -38.16 24.73
CA PHE A 1187 -4.30 -39.22 23.77
C PHE A 1187 -2.88 -39.72 24.00
N THR A 1188 -2.71 -41.03 24.04
CA THR A 1188 -1.36 -41.59 24.15
C THR A 1188 -0.62 -41.44 22.83
N LEU A 1189 0.72 -41.49 22.92
CA LEU A 1189 1.59 -41.33 21.77
C LEU A 1189 2.09 -42.68 21.30
N GLU A 1190 2.70 -42.68 20.12
CA GLU A 1190 3.34 -43.86 19.57
C GLU A 1190 4.80 -43.64 19.24
N GLY A 1191 5.17 -42.44 18.81
CA GLY A 1191 6.52 -42.14 18.40
C GLY A 1191 6.52 -41.25 17.16
N ARG A 1192 7.69 -40.74 16.82
CA ARG A 1192 7.82 -39.85 15.68
C ARG A 1192 8.20 -40.66 14.44
N ARG A 1193 7.45 -40.49 13.36
CA ARG A 1193 7.66 -41.25 12.14
C ARG A 1193 7.89 -40.30 10.97
N GLN A 1194 8.89 -40.62 10.15
CA GLN A 1194 9.30 -39.81 9.01
C GLN A 1194 9.15 -40.62 7.73
N VAL A 1195 8.53 -40.01 6.72
CA VAL A 1195 8.34 -40.66 5.44
C VAL A 1195 9.57 -40.46 4.57
N THR A 1196 9.98 -41.53 3.90
CA THR A 1196 11.17 -41.60 3.07
C THR A 1196 10.71 -41.63 1.60
N MET A 1197 11.65 -41.52 0.66
CA MET A 1197 11.37 -41.46 -0.77
C MET A 1197 10.84 -42.82 -1.24
N ALA A 1198 9.51 -42.91 -1.29
CA ALA A 1198 8.77 -44.10 -1.73
C ALA A 1198 9.15 -45.37 -0.98
N MET B 1 -31.14 2.79 -44.25
CA MET B 1 -31.62 2.17 -43.03
C MET B 1 -31.27 0.68 -43.02
N PHE B 2 -31.47 0.04 -41.88
CA PHE B 2 -31.12 -1.37 -41.68
C PHE B 2 -32.17 -2.01 -40.80
N GLU B 3 -32.68 -3.17 -41.21
CA GLU B 3 -33.73 -3.85 -40.47
C GLU B 3 -33.56 -5.36 -40.56
N ALA B 4 -33.69 -6.05 -39.43
CA ALA B 4 -33.69 -7.50 -39.36
C ALA B 4 -34.39 -7.93 -38.09
N ARG B 5 -35.01 -9.11 -38.14
CA ARG B 5 -35.75 -9.62 -36.99
C ARG B 5 -35.88 -11.13 -37.09
N LEU B 6 -35.58 -11.81 -35.97
CA LEU B 6 -35.57 -13.27 -35.92
C LEU B 6 -36.14 -13.73 -34.57
N VAL B 7 -36.73 -14.93 -34.57
CA VAL B 7 -37.52 -15.38 -33.43
C VAL B 7 -36.65 -16.06 -32.37
N GLN B 8 -35.59 -16.77 -32.80
CA GLN B 8 -34.73 -17.49 -31.85
C GLN B 8 -33.88 -16.50 -31.06
N GLY B 9 -34.33 -16.16 -29.84
CA GLY B 9 -33.60 -15.20 -29.03
C GLY B 9 -32.38 -15.76 -28.32
N SER B 10 -32.26 -17.09 -28.26
CA SER B 10 -31.16 -17.68 -27.51
C SER B 10 -29.85 -17.61 -28.28
N ILE B 11 -29.91 -17.66 -29.60
CA ILE B 11 -28.72 -17.89 -30.43
C ILE B 11 -27.76 -16.72 -30.32
N LEU B 12 -28.22 -15.52 -30.69
CA LEU B 12 -27.37 -14.35 -30.61
C LEU B 12 -27.03 -13.99 -29.16
N LYS B 13 -27.92 -14.33 -28.23
CA LYS B 13 -27.66 -14.11 -26.81
C LYS B 13 -26.43 -14.88 -26.35
N LYS B 14 -26.38 -16.19 -26.65
CA LYS B 14 -25.21 -16.95 -26.23
C LYS B 14 -24.00 -16.63 -27.09
N VAL B 15 -24.20 -16.20 -28.34
CA VAL B 15 -23.08 -15.77 -29.17
C VAL B 15 -22.40 -14.56 -28.53
N LEU B 16 -23.20 -13.58 -28.11
CA LEU B 16 -22.64 -12.39 -27.49
C LEU B 16 -22.05 -12.71 -26.12
N GLU B 17 -22.66 -13.64 -25.38
CA GLU B 17 -22.09 -14.07 -24.11
C GLU B 17 -20.76 -14.77 -24.31
N ALA B 18 -20.58 -15.43 -25.46
CA ALA B 18 -19.30 -16.02 -25.77
C ALA B 18 -18.26 -14.97 -26.16
N LEU B 19 -18.67 -13.99 -26.96
CA LEU B 19 -17.72 -13.04 -27.51
C LEU B 19 -17.53 -11.81 -26.65
N LYS B 20 -18.17 -11.74 -25.48
CA LYS B 20 -18.20 -10.50 -24.72
C LYS B 20 -16.86 -10.18 -24.05
N ASP B 21 -16.19 -11.19 -23.49
CA ASP B 21 -15.00 -10.91 -22.69
C ASP B 21 -13.72 -11.03 -23.49
N LEU B 22 -13.71 -11.84 -24.55
CA LEU B 22 -12.46 -12.10 -25.25
C LEU B 22 -12.04 -10.90 -26.08
N ILE B 23 -12.99 -10.22 -26.71
CA ILE B 23 -12.72 -9.05 -27.52
C ILE B 23 -13.57 -7.89 -27.01
N ASN B 24 -12.98 -6.71 -26.91
CA ASN B 24 -13.69 -5.53 -26.45
C ASN B 24 -14.33 -4.77 -27.61
N GLU B 25 -13.63 -4.66 -28.73
CA GLU B 25 -14.10 -3.91 -29.88
C GLU B 25 -14.01 -4.75 -31.14
N ALA B 26 -15.04 -4.65 -31.97
CA ALA B 26 -15.05 -5.30 -33.28
C ALA B 26 -15.85 -4.43 -34.23
N CYS B 27 -15.62 -4.66 -35.52
CA CYS B 27 -16.27 -3.89 -36.58
C CYS B 27 -17.41 -4.70 -37.18
N TRP B 28 -18.59 -4.08 -37.26
CA TRP B 28 -19.78 -4.72 -37.80
C TRP B 28 -19.98 -4.25 -39.23
N ASP B 29 -19.26 -4.87 -40.15
CA ASP B 29 -19.27 -4.48 -41.56
C ASP B 29 -20.36 -5.27 -42.26
N ILE B 30 -21.57 -4.72 -42.26
CA ILE B 30 -22.70 -5.34 -42.94
C ILE B 30 -22.50 -5.23 -44.45
N SER B 31 -23.00 -6.23 -45.17
CA SER B 31 -23.02 -6.22 -46.63
C SER B 31 -24.38 -6.73 -47.09
N SER B 32 -24.51 -6.90 -48.41
CA SER B 32 -25.72 -7.49 -48.95
C SER B 32 -25.86 -8.95 -48.53
N SER B 33 -24.75 -9.68 -48.46
CA SER B 33 -24.79 -11.05 -47.99
C SER B 33 -25.05 -11.11 -46.48
N GLY B 34 -24.52 -10.15 -45.74
CA GLY B 34 -24.68 -10.14 -44.29
C GLY B 34 -23.57 -9.35 -43.61
N VAL B 35 -23.24 -9.70 -42.38
CA VAL B 35 -22.19 -9.03 -41.64
C VAL B 35 -21.07 -10.03 -41.38
N ASN B 36 -19.85 -9.51 -41.28
CA ASN B 36 -18.67 -10.31 -40.99
C ASN B 36 -17.96 -9.72 -39.80
N LEU B 37 -17.72 -10.53 -38.77
CA LEU B 37 -17.07 -10.06 -37.54
C LEU B 37 -15.69 -10.68 -37.44
N GLN B 38 -14.69 -9.95 -37.88
CA GLN B 38 -13.30 -10.21 -37.54
C GLN B 38 -12.83 -9.09 -36.64
N SER B 39 -12.02 -9.43 -35.64
CA SER B 39 -11.60 -8.47 -34.62
C SER B 39 -10.11 -8.59 -34.38
N MET B 40 -9.42 -7.45 -34.49
CA MET B 40 -8.02 -7.35 -34.06
C MET B 40 -7.99 -7.46 -32.55
N ASP B 41 -7.62 -8.62 -32.04
CA ASP B 41 -7.74 -8.90 -30.62
C ASP B 41 -6.74 -8.09 -29.81
N SER B 42 -7.13 -7.76 -28.58
CA SER B 42 -6.22 -7.07 -27.67
C SER B 42 -5.07 -7.98 -27.26
N SER B 43 -5.29 -9.30 -27.27
CA SER B 43 -4.20 -10.24 -27.09
C SER B 43 -3.24 -10.22 -28.27
N HIS B 44 -3.72 -9.81 -29.44
CA HIS B 44 -2.96 -9.71 -30.69
C HIS B 44 -2.39 -11.03 -31.16
N VAL B 45 -2.85 -12.16 -30.61
CA VAL B 45 -2.41 -13.49 -31.02
C VAL B 45 -3.58 -14.37 -31.40
N SER B 46 -4.67 -14.34 -30.63
CA SER B 46 -5.81 -15.22 -30.84
C SER B 46 -6.84 -14.49 -31.69
N LEU B 47 -6.78 -14.70 -33.00
CA LEU B 47 -7.64 -13.97 -33.93
C LEU B 47 -8.99 -14.67 -34.06
N VAL B 48 -10.03 -13.89 -34.34
CA VAL B 48 -11.39 -14.39 -34.43
C VAL B 48 -11.97 -13.98 -35.78
N GLN B 49 -12.72 -14.89 -36.40
CA GLN B 49 -13.35 -14.64 -37.70
C GLN B 49 -14.77 -15.20 -37.66
N LEU B 50 -15.76 -14.30 -37.55
CA LEU B 50 -17.16 -14.68 -37.51
C LEU B 50 -17.86 -14.28 -38.81
N THR B 51 -18.64 -15.20 -39.36
CA THR B 51 -19.41 -14.96 -40.56
C THR B 51 -20.90 -15.07 -40.26
N LEU B 52 -21.71 -14.28 -40.96
CA LEU B 52 -23.15 -14.21 -40.71
C LEU B 52 -23.85 -14.03 -42.04
N ARG B 53 -24.66 -15.00 -42.44
CA ARG B 53 -25.39 -14.93 -43.69
C ARG B 53 -26.86 -14.61 -43.44
N SER B 54 -27.61 -14.35 -44.52
CA SER B 54 -28.91 -13.70 -44.43
C SER B 54 -30.09 -14.65 -44.63
N GLU B 55 -29.84 -15.91 -44.99
CA GLU B 55 -30.94 -16.84 -45.23
C GLU B 55 -31.62 -17.28 -43.94
N GLY B 56 -30.93 -17.17 -42.81
CA GLY B 56 -31.51 -17.60 -41.55
C GLY B 56 -32.56 -16.69 -40.98
N PHE B 57 -32.67 -15.48 -41.49
CA PHE B 57 -33.58 -14.48 -40.92
C PHE B 57 -34.98 -14.61 -41.50
N ASP B 58 -35.91 -13.97 -40.81
CA ASP B 58 -37.28 -13.83 -41.31
C ASP B 58 -37.45 -12.56 -42.12
N THR B 59 -36.77 -11.48 -41.73
CA THR B 59 -36.69 -10.28 -42.55
C THR B 59 -35.25 -9.79 -42.55
N TYR B 60 -34.84 -9.20 -43.68
CA TYR B 60 -33.49 -8.67 -43.81
C TYR B 60 -33.53 -7.59 -44.89
N ARG B 61 -33.59 -6.33 -44.46
CA ARG B 61 -33.65 -5.20 -45.36
C ARG B 61 -32.58 -4.21 -44.96
N CYS B 62 -31.86 -3.67 -45.95
CA CYS B 62 -30.86 -2.65 -45.70
C CYS B 62 -30.71 -1.79 -46.94
N ASP B 63 -30.22 -0.57 -46.75
CA ASP B 63 -30.05 0.38 -47.85
C ASP B 63 -28.60 0.55 -48.28
N ARG B 64 -27.66 0.59 -47.33
CA ARG B 64 -26.26 0.79 -47.66
C ARG B 64 -25.41 -0.10 -46.77
N ASN B 65 -24.38 -0.71 -47.34
CA ASN B 65 -23.50 -1.59 -46.58
C ASN B 65 -22.56 -0.74 -45.74
N LEU B 66 -23.06 -0.34 -44.56
CA LEU B 66 -22.24 0.45 -43.63
C LEU B 66 -21.13 -0.40 -43.04
N ALA B 67 -19.93 0.17 -42.99
CA ALA B 67 -18.80 -0.45 -42.28
C ALA B 67 -18.70 0.07 -40.84
N MET B 68 -19.79 -0.04 -40.10
CA MET B 68 -19.89 0.49 -38.76
C MET B 68 -19.30 -0.54 -37.78
N GLY B 69 -19.32 -0.24 -36.48
CA GLY B 69 -18.89 -1.17 -35.46
C GLY B 69 -19.11 -0.59 -34.08
N VAL B 70 -19.29 -1.45 -33.08
CA VAL B 70 -19.56 -1.02 -31.71
C VAL B 70 -18.79 -1.92 -30.74
N ASN B 71 -18.74 -1.49 -29.48
CA ASN B 71 -18.11 -2.30 -28.45
C ASN B 71 -19.01 -3.47 -28.09
N LEU B 72 -18.37 -4.62 -27.87
CA LEU B 72 -19.13 -5.83 -27.56
C LEU B 72 -19.67 -5.82 -26.14
N THR B 73 -19.07 -5.03 -25.25
CA THR B 73 -19.54 -4.97 -23.87
C THR B 73 -20.95 -4.40 -23.80
N SER B 74 -21.18 -3.27 -24.47
CA SER B 74 -22.52 -2.67 -24.49
C SER B 74 -23.52 -3.58 -25.18
N MET B 75 -23.09 -4.27 -26.23
CA MET B 75 -23.95 -5.21 -26.92
C MET B 75 -24.37 -6.35 -25.99
N SER B 76 -23.43 -6.86 -25.21
CA SER B 76 -23.77 -7.88 -24.22
C SER B 76 -24.71 -7.33 -23.16
N LYS B 77 -24.49 -6.09 -22.74
CA LYS B 77 -25.34 -5.50 -21.71
C LYS B 77 -26.76 -5.27 -22.21
N ILE B 78 -26.93 -5.03 -23.51
CA ILE B 78 -28.28 -4.76 -24.00
C ILE B 78 -28.97 -6.05 -24.45
N LEU B 79 -28.22 -7.07 -24.86
CA LEU B 79 -28.87 -8.34 -25.14
C LEU B 79 -28.91 -9.27 -23.94
N LYS B 80 -28.43 -8.84 -22.77
CA LYS B 80 -28.70 -9.58 -21.56
C LYS B 80 -30.18 -9.50 -21.16
N CYS B 81 -30.91 -8.53 -21.70
CA CYS B 81 -32.35 -8.50 -21.52
C CYS B 81 -33.03 -9.65 -22.25
N ALA B 82 -32.41 -10.15 -23.32
CA ALA B 82 -33.01 -11.20 -24.12
C ALA B 82 -33.02 -12.52 -23.37
N GLY B 83 -34.02 -13.35 -23.69
CA GLY B 83 -34.15 -14.65 -23.07
C GLY B 83 -33.76 -15.79 -23.98
N ASN B 84 -34.72 -16.64 -24.32
CA ASN B 84 -34.46 -17.83 -25.13
C ASN B 84 -35.21 -17.86 -26.45
N GLU B 85 -36.51 -17.58 -26.44
CA GLU B 85 -37.30 -17.57 -27.66
C GLU B 85 -38.03 -16.25 -27.86
N ASP B 86 -37.63 -15.21 -27.13
CA ASP B 86 -38.14 -13.87 -27.38
C ASP B 86 -37.69 -13.41 -28.76
N ILE B 87 -38.60 -12.76 -29.48
CA ILE B 87 -38.31 -12.30 -30.83
C ILE B 87 -37.41 -11.08 -30.76
N ILE B 88 -36.25 -11.17 -31.39
CA ILE B 88 -35.27 -10.09 -31.40
C ILE B 88 -35.53 -9.24 -32.63
N THR B 89 -35.60 -7.93 -32.43
CA THR B 89 -35.82 -7.00 -33.53
C THR B 89 -34.87 -5.82 -33.41
N LEU B 90 -34.30 -5.40 -34.53
CA LEU B 90 -33.33 -4.33 -34.58
C LEU B 90 -33.69 -3.34 -35.69
N ARG B 91 -33.52 -2.05 -35.41
CA ARG B 91 -33.75 -1.01 -36.39
C ARG B 91 -32.55 -0.07 -36.42
N ALA B 92 -32.28 0.50 -37.59
CA ALA B 92 -31.15 1.40 -37.78
C ALA B 92 -31.46 2.33 -38.94
N GLU B 93 -30.66 3.39 -39.06
CA GLU B 93 -30.78 4.36 -40.14
C GLU B 93 -29.53 4.33 -41.02
N ASP B 94 -29.52 5.21 -42.02
CA ASP B 94 -28.35 5.31 -42.90
C ASP B 94 -27.16 5.94 -42.18
N ASN B 95 -27.42 6.82 -41.20
CA ASN B 95 -26.38 7.44 -40.40
C ASN B 95 -26.24 6.70 -39.07
N ALA B 96 -25.03 6.74 -38.50
CA ALA B 96 -24.70 5.98 -37.29
C ALA B 96 -24.77 6.90 -36.08
N ASP B 97 -25.96 7.04 -35.51
CA ASP B 97 -26.11 7.82 -34.28
C ASP B 97 -26.77 7.07 -33.14
N THR B 98 -27.82 6.29 -33.40
CA THR B 98 -28.56 5.63 -32.35
C THR B 98 -29.29 4.42 -32.91
N LEU B 99 -29.01 3.25 -32.34
CA LEU B 99 -29.66 2.01 -32.75
C LEU B 99 -30.95 1.80 -31.96
N ALA B 100 -31.81 0.95 -32.50
CA ALA B 100 -33.05 0.58 -31.85
C ALA B 100 -33.07 -0.93 -31.68
N LEU B 101 -33.20 -1.38 -30.43
CA LEU B 101 -33.22 -2.79 -30.10
C LEU B 101 -34.57 -3.14 -29.51
N VAL B 102 -35.31 -4.02 -30.17
CA VAL B 102 -36.68 -4.36 -29.80
C VAL B 102 -36.75 -5.85 -29.50
N PHE B 103 -37.31 -6.20 -28.34
CA PHE B 103 -37.49 -7.59 -27.93
C PHE B 103 -38.98 -7.86 -27.84
N GLU B 104 -39.45 -8.91 -28.51
CA GLU B 104 -40.87 -9.22 -28.58
C GLU B 104 -41.13 -10.63 -28.05
N ALA B 105 -42.12 -10.74 -27.16
CA ALA B 105 -42.34 -11.98 -26.44
C ALA B 105 -42.92 -13.07 -27.35
N PRO B 106 -42.63 -14.34 -27.06
CA PRO B 106 -43.31 -15.42 -27.78
C PRO B 106 -44.81 -15.50 -27.51
N ASN B 107 -45.27 -15.08 -26.34
CA ASN B 107 -46.71 -15.06 -26.08
C ASN B 107 -47.35 -13.72 -26.43
N GLN B 108 -46.65 -12.88 -27.21
CA GLN B 108 -47.19 -11.65 -27.82
C GLN B 108 -47.74 -10.66 -26.80
N GLU B 109 -47.09 -10.56 -25.64
CA GLU B 109 -47.45 -9.53 -24.67
C GLU B 109 -46.31 -8.60 -24.35
N LYS B 110 -45.13 -9.14 -24.00
CA LYS B 110 -43.98 -8.34 -23.64
C LYS B 110 -43.32 -7.75 -24.88
N VAL B 111 -43.16 -6.44 -24.89
CA VAL B 111 -42.36 -5.75 -25.89
C VAL B 111 -41.43 -4.78 -25.17
N SER B 112 -40.45 -4.27 -25.92
CA SER B 112 -39.44 -3.38 -25.35
C SER B 112 -38.76 -2.64 -26.48
N ASP B 113 -38.17 -1.50 -26.16
CA ASP B 113 -37.27 -0.81 -27.08
C ASP B 113 -36.05 -0.31 -26.31
N TYR B 114 -34.88 -0.39 -26.95
CA TYR B 114 -33.63 0.01 -26.33
C TYR B 114 -32.83 0.83 -27.33
N GLU B 115 -32.12 1.83 -26.82
CA GLU B 115 -31.31 2.68 -27.67
C GLU B 115 -29.91 2.83 -27.10
N MET B 116 -28.93 2.86 -28.01
CA MET B 116 -27.52 2.92 -27.69
C MET B 116 -26.82 3.92 -28.59
N LYS B 117 -25.91 4.70 -28.01
CA LYS B 117 -25.04 5.57 -28.77
C LYS B 117 -23.98 4.72 -29.46
N LEU B 118 -23.75 4.99 -30.74
CA LEU B 118 -22.80 4.22 -31.54
C LEU B 118 -21.43 4.90 -31.46
N MET B 119 -20.45 4.33 -32.16
CA MET B 119 -19.12 4.90 -32.20
C MET B 119 -18.46 4.55 -33.53
N ASP B 120 -17.44 5.32 -33.88
CA ASP B 120 -16.76 5.18 -35.17
C ASP B 120 -15.35 4.68 -34.94
N LEU B 121 -14.96 3.66 -35.69
CA LEU B 121 -13.67 3.01 -35.54
C LEU B 121 -12.86 3.12 -36.82
N ASP B 122 -11.59 2.73 -36.71
CA ASP B 122 -10.71 2.64 -37.89
C ASP B 122 -9.85 1.40 -37.68
N VAL B 123 -10.29 0.28 -38.24
CA VAL B 123 -9.59 -0.99 -38.16
C VAL B 123 -9.30 -1.48 -39.56
N GLU B 124 -8.03 -1.74 -39.84
CA GLU B 124 -7.65 -2.31 -41.13
C GLU B 124 -8.16 -3.74 -41.26
N GLN B 125 -8.57 -4.09 -42.47
CA GLN B 125 -9.23 -5.37 -42.73
C GLN B 125 -8.18 -6.48 -42.79
N LEU B 126 -8.20 -7.36 -41.78
CA LEU B 126 -7.31 -8.50 -41.75
C LEU B 126 -7.74 -9.56 -42.74
N GLY B 127 -6.76 -10.29 -43.28
CA GLY B 127 -7.08 -11.40 -44.15
C GLY B 127 -7.48 -12.65 -43.39
N ILE B 128 -8.28 -13.48 -44.05
CA ILE B 128 -8.73 -14.74 -43.47
C ILE B 128 -8.23 -15.86 -44.36
N PRO B 129 -7.03 -16.40 -44.12
CA PRO B 129 -6.48 -17.41 -45.03
C PRO B 129 -7.23 -18.74 -44.92
N GLU B 130 -7.47 -19.34 -46.07
CA GLU B 130 -8.13 -20.64 -46.17
C GLU B 130 -7.16 -21.65 -46.75
N GLN B 131 -7.11 -22.83 -46.13
CA GLN B 131 -6.13 -23.84 -46.50
C GLN B 131 -6.71 -25.22 -46.16
N GLU B 132 -5.95 -26.25 -46.53
CA GLU B 132 -6.25 -27.59 -46.06
C GLU B 132 -5.67 -27.78 -44.65
N TYR B 133 -6.37 -28.57 -43.84
CA TYR B 133 -5.98 -28.77 -42.45
C TYR B 133 -5.58 -30.22 -42.27
N SER B 134 -4.37 -30.45 -41.77
CA SER B 134 -3.82 -31.79 -41.67
C SER B 134 -4.60 -32.64 -40.66
N CYS B 135 -5.02 -32.03 -39.56
CA CYS B 135 -5.85 -32.73 -38.59
C CYS B 135 -7.08 -31.91 -38.28
N VAL B 136 -8.24 -32.56 -38.35
CA VAL B 136 -9.52 -31.98 -37.94
C VAL B 136 -10.19 -32.97 -37.00
N VAL B 137 -10.76 -32.46 -35.92
CA VAL B 137 -11.56 -33.28 -35.02
C VAL B 137 -12.90 -32.60 -34.77
N LYS B 138 -13.97 -33.38 -34.89
CA LYS B 138 -15.31 -32.95 -34.50
C LYS B 138 -15.49 -33.31 -33.04
N MET B 139 -15.24 -32.34 -32.17
CA MET B 139 -15.16 -32.58 -30.73
C MET B 139 -16.48 -32.21 -30.07
N PRO B 140 -17.09 -33.11 -29.30
CA PRO B 140 -18.27 -32.72 -28.53
C PRO B 140 -17.90 -31.67 -27.49
N SER B 141 -18.81 -30.71 -27.31
CA SER B 141 -18.45 -29.47 -26.63
C SER B 141 -18.26 -29.66 -25.13
N GLY B 142 -19.16 -30.41 -24.49
CA GLY B 142 -19.21 -30.49 -23.04
C GLY B 142 -17.98 -31.04 -22.38
N GLU B 143 -17.52 -32.21 -22.82
CA GLU B 143 -16.33 -32.78 -22.20
C GLU B 143 -15.06 -32.09 -22.66
N PHE B 144 -15.08 -31.39 -23.79
CA PHE B 144 -13.93 -30.57 -24.16
C PHE B 144 -13.79 -29.37 -23.22
N ALA B 145 -14.90 -28.71 -22.92
CA ALA B 145 -14.87 -27.66 -21.90
C ALA B 145 -14.50 -28.24 -20.54
N ARG B 146 -14.93 -29.47 -20.28
CA ARG B 146 -14.57 -30.15 -19.04
C ARG B 146 -13.07 -30.37 -18.94
N ILE B 147 -12.42 -30.80 -20.03
CA ILE B 147 -10.99 -31.06 -19.94
C ILE B 147 -10.20 -29.76 -19.96
N CYS B 148 -10.73 -28.71 -20.59
CA CYS B 148 -10.11 -27.40 -20.46
C CYS B 148 -10.14 -26.93 -19.02
N ARG B 149 -11.28 -27.04 -18.35
CA ARG B 149 -11.35 -26.70 -16.93
C ARG B 149 -10.52 -27.65 -16.08
N ASP B 150 -10.36 -28.89 -16.55
CA ASP B 150 -9.55 -29.89 -15.86
C ASP B 150 -8.10 -29.45 -15.78
N LEU B 151 -7.53 -29.10 -16.92
CA LEU B 151 -6.12 -28.71 -16.91
C LEU B 151 -5.93 -27.23 -16.58
N SER B 152 -7.03 -26.47 -16.45
CA SER B 152 -6.92 -25.06 -16.09
C SER B 152 -6.31 -24.88 -14.70
N HIS B 153 -6.85 -25.57 -13.71
CA HIS B 153 -6.34 -25.44 -12.36
C HIS B 153 -5.05 -26.21 -12.13
N ILE B 154 -4.61 -27.00 -13.10
CA ILE B 154 -3.45 -27.86 -12.96
C ILE B 154 -2.24 -27.31 -13.69
N GLY B 155 -2.40 -26.95 -14.97
CA GLY B 155 -1.29 -26.49 -15.76
C GLY B 155 -1.61 -25.18 -16.46
N ASP B 156 -0.56 -24.57 -17.02
CA ASP B 156 -0.68 -23.34 -17.78
C ASP B 156 -0.19 -23.48 -19.22
N ALA B 157 0.11 -24.71 -19.66
CA ALA B 157 0.59 -24.92 -21.03
C ALA B 157 0.18 -26.32 -21.46
N VAL B 158 -0.90 -26.41 -22.23
CA VAL B 158 -1.38 -27.69 -22.75
C VAL B 158 -0.75 -27.98 -24.09
N VAL B 159 -0.20 -29.17 -24.23
CA VAL B 159 0.29 -29.66 -25.52
C VAL B 159 -0.84 -30.43 -26.19
N ILE B 160 -0.86 -30.41 -27.51
CA ILE B 160 -1.82 -31.18 -28.29
C ILE B 160 -1.05 -32.27 -29.02
N SER B 161 -1.54 -33.48 -28.97
CA SER B 161 -0.90 -34.61 -29.65
C SER B 161 -1.97 -35.38 -30.42
N CYS B 162 -2.29 -34.89 -31.61
CA CYS B 162 -3.28 -35.55 -32.45
C CYS B 162 -2.65 -36.71 -33.17
N ALA B 163 -3.18 -37.92 -32.96
CA ALA B 163 -2.61 -39.12 -33.54
C ALA B 163 -3.68 -39.81 -34.38
N LYS B 164 -3.30 -40.97 -34.93
CA LYS B 164 -4.23 -41.75 -35.75
C LYS B 164 -5.39 -42.26 -34.92
N ASP B 165 -5.13 -42.67 -33.68
CA ASP B 165 -6.21 -43.09 -32.80
C ASP B 165 -7.04 -41.90 -32.33
N GLY B 166 -6.39 -40.82 -31.90
CA GLY B 166 -7.10 -39.67 -31.38
C GLY B 166 -6.19 -38.49 -31.09
N VAL B 167 -6.42 -37.82 -29.97
CA VAL B 167 -5.61 -36.67 -29.57
C VAL B 167 -5.27 -36.80 -28.09
N LYS B 168 -4.06 -36.37 -27.73
CA LYS B 168 -3.57 -36.44 -26.36
C LYS B 168 -3.15 -35.05 -25.88
N PHE B 169 -3.61 -34.69 -24.68
CA PHE B 169 -3.24 -33.44 -24.02
C PHE B 169 -2.42 -33.74 -22.78
N SER B 170 -1.26 -33.10 -22.65
CA SER B 170 -0.42 -33.23 -21.47
C SER B 170 0.10 -31.84 -21.10
N ALA B 171 0.75 -31.76 -19.95
CA ALA B 171 1.25 -30.49 -19.44
C ALA B 171 2.34 -30.77 -18.41
N SER B 172 3.01 -29.70 -17.99
CA SER B 172 4.03 -29.75 -16.94
C SER B 172 3.65 -28.72 -15.89
N GLY B 173 3.02 -29.17 -14.81
CA GLY B 173 2.57 -28.28 -13.76
C GLY B 173 3.44 -28.33 -12.53
N GLU B 174 3.23 -27.38 -11.61
CA GLU B 174 4.01 -27.36 -10.37
C GLU B 174 3.66 -28.53 -9.48
N LEU B 175 2.39 -28.96 -9.49
CA LEU B 175 1.98 -30.10 -8.69
C LEU B 175 2.37 -31.42 -9.35
N GLY B 176 2.37 -31.47 -10.68
CA GLY B 176 2.71 -32.70 -11.37
C GLY B 176 2.42 -32.66 -12.85
N ASN B 177 1.95 -33.77 -13.39
CA ASN B 177 1.70 -33.91 -14.82
C ASN B 177 0.66 -35.00 -15.04
N GLY B 178 0.22 -35.11 -16.29
CA GLY B 178 -0.78 -36.11 -16.63
C GLY B 178 -1.12 -36.08 -18.10
N ASN B 179 -2.09 -36.91 -18.47
CA ASN B 179 -2.49 -37.01 -19.87
C ASN B 179 -3.94 -37.51 -19.93
N ILE B 180 -4.63 -37.12 -21.00
CA ILE B 180 -5.99 -37.54 -21.28
C ILE B 180 -6.01 -38.18 -22.66
N LYS B 181 -6.75 -39.28 -22.80
CA LYS B 181 -6.71 -40.10 -24.00
C LYS B 181 -8.01 -40.00 -24.78
N LEU B 182 -7.89 -39.81 -26.09
CA LEU B 182 -9.02 -39.68 -27.00
C LEU B 182 -8.91 -40.69 -28.12
N SER B 183 -10.06 -41.10 -28.64
CA SER B 183 -10.11 -42.02 -29.76
C SER B 183 -11.43 -41.85 -30.50
N GLN B 184 -11.55 -42.52 -31.65
CA GLN B 184 -12.82 -42.53 -32.37
C GLN B 184 -13.90 -43.24 -31.56
N THR B 185 -15.13 -42.78 -31.74
CA THR B 185 -16.30 -43.45 -31.20
C THR B 185 -17.12 -44.02 -32.36
N SER B 186 -17.46 -45.30 -32.27
CA SER B 186 -18.14 -46.01 -33.35
C SER B 186 -19.54 -46.45 -32.97
N ASN B 187 -19.73 -47.01 -31.78
CA ASN B 187 -20.98 -47.64 -31.39
C ASN B 187 -21.99 -46.68 -30.76
N VAL B 188 -21.64 -45.40 -30.58
CA VAL B 188 -22.55 -44.47 -29.94
C VAL B 188 -23.64 -44.06 -30.93
N ASP B 189 -24.89 -44.08 -30.45
CA ASP B 189 -26.04 -43.72 -31.28
C ASP B 189 -26.13 -42.23 -31.51
N LYS B 190 -25.95 -41.42 -30.47
CA LYS B 190 -26.09 -39.97 -30.60
C LYS B 190 -24.81 -39.39 -31.18
N GLU B 191 -24.94 -38.70 -32.30
CA GLU B 191 -23.77 -38.18 -33.01
C GLU B 191 -23.24 -36.91 -32.37
N GLU B 192 -24.05 -36.24 -31.54
CA GLU B 192 -23.57 -35.04 -30.87
C GLU B 192 -22.55 -35.37 -29.79
N GLU B 193 -22.61 -36.57 -29.22
CA GLU B 193 -21.57 -37.04 -28.32
C GLU B 193 -20.48 -37.82 -29.05
N ALA B 194 -20.72 -38.18 -30.30
CA ALA B 194 -19.71 -38.86 -31.08
C ALA B 194 -18.56 -37.91 -31.42
N VAL B 195 -17.35 -38.45 -31.44
CA VAL B 195 -16.16 -37.69 -31.81
C VAL B 195 -15.49 -38.40 -32.99
N THR B 196 -15.14 -37.64 -34.01
CA THR B 196 -14.46 -38.17 -35.18
C THR B 196 -13.27 -37.29 -35.52
N ILE B 197 -12.26 -37.91 -36.13
CA ILE B 197 -10.96 -37.28 -36.32
C ILE B 197 -10.55 -37.42 -37.78
N GLU B 198 -10.21 -36.30 -38.40
CA GLU B 198 -9.47 -36.29 -39.64
C GLU B 198 -7.99 -36.20 -39.31
N MET B 199 -7.17 -36.96 -40.03
CA MET B 199 -5.74 -36.98 -39.79
C MET B 199 -5.00 -37.00 -41.13
N ASN B 200 -3.88 -36.28 -41.19
CA ASN B 200 -2.93 -36.44 -42.28
C ASN B 200 -1.50 -36.50 -41.73
N GLU B 201 -1.30 -35.86 -40.58
CA GLU B 201 0.02 -35.74 -39.95
C GLU B 201 -0.15 -35.32 -38.50
N PRO B 202 0.58 -35.94 -37.57
CA PRO B 202 0.46 -35.57 -36.16
C PRO B 202 1.07 -34.20 -35.88
N VAL B 203 0.31 -33.36 -35.18
CA VAL B 203 0.69 -31.97 -34.94
C VAL B 203 0.84 -31.77 -33.44
N GLN B 204 2.01 -31.27 -33.03
CA GLN B 204 2.31 -31.01 -31.62
C GLN B 204 2.47 -29.52 -31.41
N LEU B 205 1.55 -28.92 -30.66
CA LEU B 205 1.58 -27.50 -30.33
C LEU B 205 1.23 -27.31 -28.87
N THR B 206 1.96 -26.43 -28.20
CA THR B 206 1.69 -26.11 -26.80
C THR B 206 0.93 -24.80 -26.70
N PHE B 207 -0.06 -24.75 -25.80
CA PHE B 207 -1.08 -23.72 -25.82
C PHE B 207 -1.45 -23.30 -24.40
N ALA B 208 -1.85 -22.04 -24.28
CA ALA B 208 -2.37 -21.54 -23.02
C ALA B 208 -3.76 -22.09 -22.77
N LEU B 209 -4.03 -22.49 -21.53
CA LEU B 209 -5.31 -23.14 -21.22
C LEU B 209 -6.45 -22.13 -21.22
N ARG B 210 -6.31 -21.07 -20.43
CA ARG B 210 -7.50 -20.29 -20.15
C ARG B 210 -7.89 -19.38 -21.30
N TYR B 211 -6.99 -19.17 -22.27
CA TYR B 211 -7.43 -18.56 -23.53
C TYR B 211 -8.47 -19.44 -24.20
N LEU B 212 -8.20 -20.74 -24.25
CA LEU B 212 -9.20 -21.69 -24.76
C LEU B 212 -10.42 -21.72 -23.87
N ASN B 213 -10.24 -21.46 -22.57
CA ASN B 213 -11.41 -21.33 -21.68
C ASN B 213 -12.28 -20.16 -22.11
N PHE B 214 -11.66 -19.05 -22.52
CA PHE B 214 -12.43 -17.96 -23.13
C PHE B 214 -13.13 -18.43 -24.39
N PHE B 215 -12.45 -19.23 -25.22
CA PHE B 215 -13.13 -19.72 -26.42
C PHE B 215 -14.20 -20.75 -26.11
N THR B 216 -14.06 -21.52 -25.04
CA THR B 216 -15.05 -22.56 -24.77
C THR B 216 -16.31 -22.01 -24.13
N LYS B 217 -16.41 -20.69 -23.96
CA LYS B 217 -17.65 -20.10 -23.49
C LYS B 217 -18.79 -20.24 -24.49
N ALA B 218 -18.48 -20.59 -25.74
CA ALA B 218 -19.46 -20.86 -26.78
C ALA B 218 -20.03 -22.27 -26.71
N THR B 219 -19.94 -22.93 -25.56
CA THR B 219 -20.52 -24.27 -25.42
C THR B 219 -22.03 -24.38 -25.65
N PRO B 220 -22.92 -23.42 -25.26
CA PRO B 220 -24.34 -23.68 -25.54
C PRO B 220 -24.71 -23.48 -26.99
N LEU B 221 -23.78 -23.03 -27.83
CA LEU B 221 -24.03 -22.88 -29.26
C LEU B 221 -24.42 -24.21 -29.88
N SER B 222 -23.63 -25.23 -29.66
CA SER B 222 -23.92 -26.57 -30.18
C SER B 222 -23.30 -27.58 -29.25
N SER B 223 -23.75 -28.83 -29.38
CA SER B 223 -23.20 -29.90 -28.57
C SER B 223 -21.84 -30.38 -29.06
N THR B 224 -21.44 -29.99 -30.28
CA THR B 224 -20.22 -30.51 -30.87
C THR B 224 -19.50 -29.38 -31.59
N VAL B 225 -18.20 -29.26 -31.34
CA VAL B 225 -17.38 -28.21 -31.92
C VAL B 225 -16.38 -28.85 -32.88
N THR B 226 -15.98 -28.11 -33.90
CA THR B 226 -14.98 -28.55 -34.85
C THR B 226 -13.64 -27.92 -34.51
N LEU B 227 -12.62 -28.75 -34.35
CA LEU B 227 -11.29 -28.30 -33.97
C LEU B 227 -10.31 -28.77 -35.04
N SER B 228 -9.59 -27.83 -35.64
CA SER B 228 -8.74 -28.11 -36.78
C SER B 228 -7.43 -27.34 -36.66
N MET B 229 -6.37 -27.93 -37.20
CA MET B 229 -5.02 -27.37 -37.09
C MET B 229 -4.13 -28.07 -38.10
N SER B 230 -2.90 -27.57 -38.22
CA SER B 230 -1.86 -28.20 -39.00
C SER B 230 -0.50 -27.77 -38.43
N ALA B 231 0.56 -28.24 -39.07
CA ALA B 231 1.90 -27.92 -38.60
C ALA B 231 2.30 -26.52 -39.02
N ASP B 232 2.96 -25.81 -38.09
CA ASP B 232 3.52 -24.47 -38.31
C ASP B 232 2.45 -23.48 -38.78
N VAL B 233 1.28 -23.57 -38.15
CA VAL B 233 0.18 -22.66 -38.49
C VAL B 233 -0.68 -22.49 -37.24
N PRO B 234 -1.26 -21.30 -37.04
CA PRO B 234 -2.21 -21.13 -35.93
C PRO B 234 -3.44 -22.01 -36.09
N LEU B 235 -3.91 -22.52 -34.95
CA LEU B 235 -5.06 -23.42 -34.92
C LEU B 235 -6.35 -22.65 -35.19
N VAL B 236 -7.35 -23.38 -35.68
CA VAL B 236 -8.67 -22.81 -35.94
C VAL B 236 -9.71 -23.63 -35.17
N VAL B 237 -10.53 -22.93 -34.39
CA VAL B 237 -11.67 -23.53 -33.72
C VAL B 237 -12.92 -23.14 -34.51
N GLU B 238 -13.72 -24.13 -34.89
CA GLU B 238 -14.90 -23.91 -35.71
C GLU B 238 -16.16 -24.27 -34.93
N TYR B 239 -17.04 -23.28 -34.75
CA TYR B 239 -18.34 -23.44 -34.12
C TYR B 239 -19.41 -23.27 -35.19
N LYS B 240 -20.41 -24.15 -35.18
CA LYS B 240 -21.44 -24.14 -36.22
C LYS B 240 -22.81 -24.29 -35.58
N ILE B 241 -23.75 -23.44 -35.99
CA ILE B 241 -25.12 -23.49 -35.50
C ILE B 241 -26.09 -23.26 -36.65
N ALA B 242 -27.11 -24.12 -36.71
CA ALA B 242 -28.26 -24.03 -37.64
C ALA B 242 -27.72 -23.99 -39.08
N ASP B 243 -28.09 -23.00 -39.89
CA ASP B 243 -27.37 -22.65 -41.10
C ASP B 243 -26.88 -21.21 -41.02
N MET B 244 -26.44 -20.81 -39.82
CA MET B 244 -26.29 -19.39 -39.52
C MET B 244 -25.03 -18.81 -40.13
N GLY B 245 -23.92 -19.52 -39.96
CA GLY B 245 -22.61 -19.05 -40.38
C GLY B 245 -21.54 -19.85 -39.64
N HIS B 246 -20.33 -19.31 -39.62
CA HIS B 246 -19.24 -20.00 -38.96
C HIS B 246 -18.34 -19.01 -38.25
N LEU B 247 -17.77 -19.47 -37.12
CA LEU B 247 -16.82 -18.71 -36.33
C LEU B 247 -15.47 -19.39 -36.43
N LYS B 248 -14.45 -18.65 -36.88
CA LYS B 248 -13.10 -19.17 -36.97
C LYS B 248 -12.23 -18.47 -35.94
N TYR B 249 -11.41 -19.25 -35.25
CA TYR B 249 -10.70 -18.80 -34.05
C TYR B 249 -9.22 -19.07 -34.24
N TYR B 250 -8.48 -18.05 -34.65
CA TYR B 250 -7.14 -18.21 -35.22
C TYR B 250 -6.11 -17.87 -34.13
N LEU B 251 -5.62 -18.89 -33.44
CA LEU B 251 -4.76 -18.72 -32.27
C LEU B 251 -3.33 -19.13 -32.62
N ALA B 252 -2.41 -18.18 -32.52
CA ALA B 252 -1.02 -18.41 -32.90
C ALA B 252 -0.35 -19.40 -31.94
N PRO B 253 0.51 -20.28 -32.46
CA PRO B 253 1.18 -21.24 -31.57
C PRO B 253 2.39 -20.62 -30.89
N LYS B 254 2.42 -20.70 -29.57
CA LYS B 254 3.59 -20.32 -28.81
C LYS B 254 4.61 -21.44 -28.91
N ILE B 255 5.80 -21.13 -29.42
CA ILE B 255 6.83 -22.13 -29.60
C ILE B 255 7.59 -22.34 -28.29
N GLU B 256 8.38 -23.41 -28.26
CA GLU B 256 9.26 -23.69 -27.13
C GLU B 256 10.33 -22.61 -27.02
N ASP B 257 10.61 -22.19 -25.79
CA ASP B 257 11.68 -21.23 -25.53
C ASP B 257 13.03 -21.85 -25.88
N GLU B 258 13.63 -21.42 -26.98
CA GLU B 258 14.84 -22.02 -27.50
C GLU B 258 16.11 -21.41 -26.94
N GLU B 259 16.00 -20.54 -25.94
CA GLU B 259 17.18 -19.90 -25.35
C GLU B 259 17.98 -20.84 -24.47
N GLY B 260 17.41 -21.99 -24.07
CA GLY B 260 18.12 -22.90 -23.18
C GLY B 260 19.20 -23.71 -23.86
N SER B 261 19.15 -23.86 -25.18
CA SER B 261 20.14 -24.65 -25.90
C SER B 261 21.34 -23.80 -26.32
N MET C 1 -46.93 -15.83 26.61
CA MET C 1 -47.98 -16.59 25.96
C MET C 1 -48.28 -16.10 24.55
N PHE C 2 -47.40 -15.27 23.98
CA PHE C 2 -47.68 -14.66 22.69
C PHE C 2 -47.55 -15.66 21.55
N GLU C 3 -48.54 -16.55 21.45
CA GLU C 3 -48.42 -17.81 20.73
C GLU C 3 -48.88 -17.66 19.29
N ALA C 4 -48.29 -18.48 18.41
CA ALA C 4 -48.69 -18.52 17.00
C ALA C 4 -48.33 -19.89 16.43
N ARG C 5 -49.33 -20.64 15.97
CA ARG C 5 -49.11 -21.88 15.22
C ARG C 5 -49.42 -21.66 13.74
N LEU C 6 -48.60 -22.26 12.89
CA LEU C 6 -48.72 -22.11 11.44
C LEU C 6 -47.97 -23.23 10.74
N VAL C 7 -48.56 -23.75 9.66
CA VAL C 7 -48.05 -24.96 9.02
C VAL C 7 -46.78 -24.68 8.22
N GLN C 8 -46.78 -23.58 7.46
CA GLN C 8 -45.74 -23.35 6.46
C GLN C 8 -44.40 -23.04 7.10
N GLY C 9 -43.32 -23.24 6.35
CA GLY C 9 -42.01 -22.88 6.85
C GLY C 9 -41.25 -21.89 5.99
N SER C 10 -41.42 -21.98 4.67
CA SER C 10 -40.59 -21.20 3.76
C SER C 10 -40.98 -19.74 3.74
N ILE C 11 -42.27 -19.46 3.92
CA ILE C 11 -42.80 -18.14 3.65
C ILE C 11 -42.32 -17.12 4.68
N LEU C 12 -42.39 -17.46 5.98
CA LEU C 12 -41.95 -16.50 6.99
C LEU C 12 -40.45 -16.25 6.90
N LYS C 13 -39.68 -17.31 6.68
CA LYS C 13 -38.23 -17.15 6.63
C LYS C 13 -37.82 -16.39 5.38
N LYS C 14 -38.60 -16.50 4.30
CA LYS C 14 -38.22 -15.78 3.10
C LYS C 14 -38.70 -14.33 3.13
N VAL C 15 -39.80 -14.04 3.84
CA VAL C 15 -40.24 -12.64 3.90
C VAL C 15 -39.38 -11.88 4.89
N LEU C 16 -38.86 -12.57 5.91
CA LEU C 16 -37.86 -11.93 6.75
C LEU C 16 -36.50 -11.94 6.06
N GLU C 17 -36.30 -12.86 5.11
CA GLU C 17 -35.14 -12.84 4.25
C GLU C 17 -35.25 -11.72 3.22
N ALA C 18 -36.48 -11.30 2.90
CA ALA C 18 -36.69 -10.23 1.94
C ALA C 18 -36.19 -8.89 2.44
N LEU C 19 -36.06 -8.72 3.75
CA LEU C 19 -35.65 -7.46 4.34
C LEU C 19 -34.18 -7.44 4.72
N LYS C 20 -33.36 -8.30 4.10
CA LYS C 20 -31.99 -8.49 4.56
C LYS C 20 -31.12 -7.27 4.26
N ASP C 21 -31.47 -6.50 3.24
CA ASP C 21 -30.63 -5.40 2.77
C ASP C 21 -31.35 -4.05 2.82
N LEU C 22 -32.53 -3.99 3.43
CA LEU C 22 -33.30 -2.76 3.44
C LEU C 22 -33.63 -2.33 4.86
N ILE C 23 -33.80 -3.30 5.76
CA ILE C 23 -34.06 -3.01 7.16
C ILE C 23 -33.20 -3.92 8.03
N ASN C 24 -32.41 -3.33 8.92
CA ASN C 24 -31.68 -4.09 9.93
C ASN C 24 -32.38 -4.15 11.27
N GLU C 25 -33.27 -3.21 11.55
CA GLU C 25 -34.01 -3.15 12.80
C GLU C 25 -35.39 -2.58 12.53
N ALA C 26 -36.42 -3.23 13.05
CA ALA C 26 -37.80 -2.85 12.79
C ALA C 26 -38.62 -2.99 14.07
N CYS C 27 -39.94 -2.96 13.92
CA CYS C 27 -40.87 -3.00 15.03
C CYS C 27 -41.93 -4.06 14.77
N TRP C 28 -42.19 -4.90 15.77
CA TRP C 28 -43.15 -6.00 15.69
C TRP C 28 -44.15 -5.88 16.83
N ASP C 29 -45.24 -5.15 16.57
CA ASP C 29 -46.33 -5.05 17.53
C ASP C 29 -47.09 -6.36 17.57
N ILE C 30 -46.68 -7.24 18.48
CA ILE C 30 -47.35 -8.52 18.62
C ILE C 30 -48.65 -8.30 19.38
N SER C 31 -49.75 -8.17 18.64
CA SER C 31 -51.05 -7.86 19.20
C SER C 31 -52.00 -9.04 19.02
N SER C 32 -53.19 -8.90 19.62
CA SER C 32 -54.22 -9.92 19.46
C SER C 32 -54.73 -9.95 18.03
N SER C 33 -54.78 -8.78 17.38
CA SER C 33 -55.19 -8.73 15.97
C SER C 33 -54.15 -9.39 15.08
N GLY C 34 -52.87 -9.25 15.43
CA GLY C 34 -51.80 -9.85 14.65
C GLY C 34 -50.49 -9.14 14.91
N VAL C 35 -49.60 -9.21 13.92
CA VAL C 35 -48.33 -8.51 13.95
C VAL C 35 -48.24 -7.64 12.70
N ASN C 36 -47.55 -6.50 12.82
CA ASN C 36 -47.48 -5.52 11.75
C ASN C 36 -46.08 -4.93 11.66
N LEU C 37 -45.70 -4.50 10.47
CA LEU C 37 -44.41 -3.86 10.21
C LEU C 37 -44.66 -2.50 9.59
N GLN C 38 -43.91 -1.49 10.04
CA GLN C 38 -44.02 -0.14 9.48
C GLN C 38 -42.80 0.66 9.92
N SER C 39 -41.99 1.13 8.97
CA SER C 39 -40.81 1.91 9.33
C SER C 39 -40.29 2.69 8.14
N MET C 40 -39.48 3.70 8.45
CA MET C 40 -38.49 4.22 7.52
C MET C 40 -37.54 3.11 7.09
N ASP C 41 -36.92 3.30 5.93
CA ASP C 41 -35.80 2.44 5.57
C ASP C 41 -34.52 2.94 6.24
N SER C 42 -33.39 2.31 5.88
CA SER C 42 -32.11 2.71 6.44
C SER C 42 -31.73 4.12 5.97
N SER C 43 -31.98 4.43 4.71
CA SER C 43 -31.76 5.78 4.20
C SER C 43 -32.95 6.69 4.42
N HIS C 44 -34.03 6.19 5.02
CA HIS C 44 -35.24 6.95 5.36
C HIS C 44 -35.88 7.58 4.13
N VAL C 45 -35.90 6.85 3.02
CA VAL C 45 -36.49 7.33 1.77
C VAL C 45 -37.69 6.49 1.36
N SER C 46 -38.02 5.44 2.10
CA SER C 46 -39.07 4.53 1.69
C SER C 46 -39.87 4.09 2.91
N LEU C 47 -41.05 3.54 2.65
CA LEU C 47 -41.88 2.90 3.66
C LEU C 47 -42.01 1.42 3.34
N VAL C 48 -41.84 0.58 4.35
CA VAL C 48 -42.11 -0.85 4.24
C VAL C 48 -43.30 -1.19 5.12
N GLN C 49 -43.99 -2.27 4.76
CA GLN C 49 -45.12 -2.75 5.53
C GLN C 49 -45.25 -4.24 5.32
N LEU C 50 -45.50 -4.97 6.40
CA LEU C 50 -45.91 -6.37 6.35
C LEU C 50 -47.07 -6.54 7.32
N THR C 51 -48.20 -7.04 6.83
CA THR C 51 -49.35 -7.32 7.68
C THR C 51 -49.52 -8.83 7.82
N LEU C 52 -49.90 -9.25 9.02
CA LEU C 52 -50.04 -10.67 9.35
C LEU C 52 -51.03 -10.76 10.50
N ARG C 53 -52.27 -11.11 10.18
CA ARG C 53 -53.36 -11.09 11.15
C ARG C 53 -53.61 -12.48 11.72
N SER C 54 -54.54 -12.54 12.68
CA SER C 54 -54.69 -13.71 13.54
C SER C 54 -55.24 -14.92 12.79
N GLU C 55 -56.25 -14.70 11.94
CA GLU C 55 -56.97 -15.84 11.37
C GLU C 55 -56.13 -16.60 10.34
N GLY C 56 -55.01 -16.03 9.89
CA GLY C 56 -54.07 -16.81 9.12
C GLY C 56 -53.46 -17.95 9.92
N PHE C 57 -53.09 -17.67 11.18
CA PHE C 57 -52.46 -18.66 12.03
C PHE C 57 -53.41 -19.81 12.36
N ASP C 58 -52.83 -20.97 12.65
CA ASP C 58 -53.61 -22.10 13.13
C ASP C 58 -54.20 -21.80 14.50
N THR C 59 -53.33 -21.59 15.49
CA THR C 59 -53.71 -21.02 16.76
C THR C 59 -52.84 -19.79 17.01
N TYR C 60 -53.43 -18.78 17.63
CA TYR C 60 -52.73 -17.51 17.83
C TYR C 60 -53.24 -16.89 19.14
N ARG C 61 -52.45 -17.05 20.20
CA ARG C 61 -52.81 -16.55 21.52
C ARG C 61 -51.95 -15.33 21.82
N CYS C 62 -52.61 -14.21 22.14
CA CYS C 62 -51.91 -12.96 22.43
C CYS C 62 -52.87 -12.08 23.25
N ASP C 63 -52.57 -11.92 24.55
CA ASP C 63 -53.49 -11.18 25.40
C ASP C 63 -53.26 -9.66 25.30
N ARG C 64 -52.03 -9.21 25.48
CA ARG C 64 -51.70 -7.80 25.37
C ARG C 64 -51.01 -7.54 24.04
N ASN C 65 -50.52 -6.32 23.85
CA ASN C 65 -49.75 -5.95 22.66
C ASN C 65 -48.35 -5.56 23.12
N LEU C 66 -47.34 -6.12 22.47
CA LEU C 66 -45.95 -5.78 22.75
C LEU C 66 -45.22 -5.59 21.44
N ALA C 67 -44.50 -4.47 21.34
CA ALA C 67 -43.75 -4.10 20.14
C ALA C 67 -42.28 -4.38 20.39
N MET C 68 -41.83 -5.55 19.93
CA MET C 68 -40.46 -5.99 20.14
C MET C 68 -39.56 -5.58 18.99
N GLY C 69 -38.26 -5.79 19.19
CA GLY C 69 -37.27 -5.47 18.17
C GLY C 69 -36.14 -6.48 18.12
N VAL C 70 -35.68 -6.79 16.92
CA VAL C 70 -34.62 -7.78 16.70
C VAL C 70 -33.82 -7.37 15.47
N ASN C 71 -32.52 -7.66 15.49
CA ASN C 71 -31.70 -7.46 14.30
C ASN C 71 -32.14 -8.45 13.23
N LEU C 72 -32.48 -7.92 12.06
CA LEU C 72 -33.01 -8.76 10.99
C LEU C 72 -31.96 -9.74 10.47
N THR C 73 -30.71 -9.28 10.37
CA THR C 73 -29.63 -10.16 9.92
C THR C 73 -29.43 -11.32 10.88
N SER C 74 -29.53 -11.03 12.18
CA SER C 74 -29.31 -12.04 13.21
C SER C 74 -30.31 -13.18 13.10
N MET C 75 -31.60 -12.86 13.26
CA MET C 75 -32.60 -13.93 13.21
C MET C 75 -32.75 -14.49 11.80
N SER C 76 -32.40 -13.71 10.78
CA SER C 76 -32.38 -14.23 9.42
C SER C 76 -31.36 -15.34 9.28
N LYS C 77 -30.17 -15.15 9.86
CA LYS C 77 -29.20 -16.23 9.92
C LYS C 77 -29.72 -17.37 10.80
N ILE C 78 -30.46 -17.03 11.85
CA ILE C 78 -31.06 -18.07 12.69
C ILE C 78 -32.15 -18.81 11.92
N LEU C 79 -33.00 -18.07 11.21
CA LEU C 79 -34.12 -18.69 10.48
C LEU C 79 -33.67 -19.47 9.24
N LYS C 80 -32.38 -19.64 8.95
CA LYS C 80 -31.95 -20.56 7.91
C LYS C 80 -31.72 -21.97 8.45
N CYS C 81 -32.28 -22.29 9.62
CA CYS C 81 -32.04 -23.58 10.25
C CYS C 81 -32.92 -24.68 9.67
N ALA C 82 -34.22 -24.58 9.88
CA ALA C 82 -35.10 -25.67 9.47
C ALA C 82 -35.40 -25.60 7.98
N GLY C 83 -35.94 -26.70 7.47
CA GLY C 83 -36.28 -26.77 6.07
C GLY C 83 -37.53 -25.98 5.74
N ASN C 84 -37.78 -25.88 4.44
CA ASN C 84 -38.97 -25.16 3.96
C ASN C 84 -40.25 -25.90 4.34
N GLU C 85 -40.20 -27.22 4.45
CA GLU C 85 -41.36 -28.02 4.81
C GLU C 85 -41.64 -28.00 6.31
N ASP C 86 -40.75 -27.42 7.10
CA ASP C 86 -40.90 -27.45 8.56
C ASP C 86 -42.09 -26.63 9.01
N ILE C 87 -42.72 -27.07 10.09
CA ILE C 87 -43.86 -26.37 10.69
C ILE C 87 -43.36 -25.54 11.87
N ILE C 88 -43.73 -24.27 11.89
CA ILE C 88 -43.06 -23.28 12.72
C ILE C 88 -44.02 -22.76 13.79
N THR C 89 -43.47 -22.44 14.95
CA THR C 89 -44.22 -21.76 15.99
C THR C 89 -43.31 -20.81 16.75
N LEU C 90 -43.87 -19.68 17.15
CA LEU C 90 -43.17 -18.65 17.91
C LEU C 90 -44.05 -18.19 19.05
N ARG C 91 -43.48 -18.06 20.24
CA ARG C 91 -44.22 -17.53 21.38
C ARG C 91 -43.32 -16.56 22.12
N ALA C 92 -43.95 -15.80 23.02
CA ALA C 92 -43.23 -14.87 23.88
C ALA C 92 -43.95 -14.82 25.22
N GLU C 93 -43.39 -14.08 26.16
CA GLU C 93 -43.94 -13.99 27.51
C GLU C 93 -44.12 -12.52 27.87
N ASP C 94 -44.49 -12.28 29.14
CA ASP C 94 -44.61 -10.91 29.62
C ASP C 94 -43.26 -10.24 29.74
N ASN C 95 -42.27 -10.97 30.28
CA ASN C 95 -40.88 -10.52 30.29
C ASN C 95 -40.12 -11.12 29.11
N ALA C 96 -40.59 -10.81 27.91
CA ALA C 96 -40.01 -11.36 26.68
C ALA C 96 -38.80 -10.53 26.26
N ASP C 97 -37.76 -10.60 27.10
CA ASP C 97 -36.47 -10.03 26.74
C ASP C 97 -35.79 -10.82 25.64
N THR C 98 -36.15 -12.09 25.48
CA THR C 98 -35.67 -12.94 24.40
C THR C 98 -36.87 -13.59 23.72
N LEU C 99 -36.74 -13.84 22.42
CA LEU C 99 -37.77 -14.57 21.69
C LEU C 99 -37.68 -16.06 21.98
N ALA C 100 -38.79 -16.75 21.77
CA ALA C 100 -38.87 -18.19 22.04
C ALA C 100 -39.41 -18.87 20.78
N LEU C 101 -38.50 -19.40 19.97
CA LEU C 101 -38.82 -19.94 18.66
C LEU C 101 -38.55 -21.44 18.65
N VAL C 102 -39.50 -22.21 18.12
CA VAL C 102 -39.34 -23.66 17.96
C VAL C 102 -39.54 -24.03 16.50
N PHE C 103 -38.57 -24.77 15.95
CA PHE C 103 -38.67 -25.45 14.67
C PHE C 103 -38.91 -26.93 14.96
N GLU C 104 -40.01 -27.48 14.44
CA GLU C 104 -40.32 -28.89 14.66
C GLU C 104 -40.47 -29.59 13.31
N ALA C 105 -39.76 -30.70 13.15
CA ALA C 105 -39.73 -31.40 11.87
C ALA C 105 -41.06 -32.10 11.59
N PRO C 106 -41.42 -32.29 10.31
CA PRO C 106 -42.70 -32.94 9.99
C PRO C 106 -42.79 -34.38 10.48
N ASN C 107 -41.68 -35.13 10.51
CA ASN C 107 -41.72 -36.49 11.01
C ASN C 107 -41.69 -36.56 12.54
N GLN C 108 -41.55 -35.40 13.21
CA GLN C 108 -41.77 -35.26 14.65
C GLN C 108 -40.75 -36.07 15.46
N GLU C 109 -39.47 -35.89 15.11
CA GLU C 109 -38.37 -36.32 15.97
C GLU C 109 -37.26 -35.30 16.09
N LYS C 110 -37.16 -34.33 15.17
CA LYS C 110 -36.09 -33.36 15.13
C LYS C 110 -36.68 -32.00 15.50
N VAL C 111 -36.64 -31.66 16.78
CA VAL C 111 -37.23 -30.42 17.28
C VAL C 111 -36.12 -29.54 17.85
N SER C 112 -36.11 -28.27 17.43
CA SER C 112 -35.09 -27.32 17.83
C SER C 112 -35.75 -26.08 18.41
N ASP C 113 -35.20 -25.58 19.52
CA ASP C 113 -35.67 -24.35 20.15
C ASP C 113 -34.61 -23.28 20.03
N TYR C 114 -35.05 -22.05 19.74
CA TYR C 114 -34.15 -20.93 19.48
C TYR C 114 -34.53 -19.73 20.33
N GLU C 115 -33.52 -19.00 20.78
CA GLU C 115 -33.73 -17.74 21.50
C GLU C 115 -32.75 -16.70 20.99
N MET C 116 -33.16 -15.43 21.13
CA MET C 116 -32.37 -14.29 20.68
C MET C 116 -32.54 -13.15 21.67
N LYS C 117 -31.42 -12.69 22.23
CA LYS C 117 -31.46 -11.52 23.10
C LYS C 117 -31.82 -10.29 22.27
N LEU C 118 -32.91 -9.63 22.65
CA LEU C 118 -33.54 -8.63 21.80
C LEU C 118 -33.00 -7.25 22.14
N MET C 119 -33.54 -6.22 21.47
CA MET C 119 -33.26 -4.84 21.83
C MET C 119 -34.46 -4.00 21.41
N ASP C 120 -34.67 -2.90 22.13
CA ASP C 120 -35.81 -2.05 21.88
C ASP C 120 -35.52 -1.06 20.75
N LEU C 121 -36.56 -0.32 20.36
CA LEU C 121 -36.44 0.64 19.27
C LEU C 121 -37.40 1.80 19.53
N ASP C 122 -37.06 2.95 18.96
CA ASP C 122 -37.96 4.10 18.97
C ASP C 122 -37.85 4.78 17.59
N VAL C 123 -38.71 4.36 16.68
CA VAL C 123 -38.82 4.94 15.34
C VAL C 123 -40.25 5.41 15.16
N GLU C 124 -40.43 6.65 14.71
CA GLU C 124 -41.74 7.26 14.62
C GLU C 124 -42.62 6.56 13.59
N GLN C 125 -43.89 6.37 13.94
CA GLN C 125 -44.86 5.73 13.08
C GLN C 125 -45.76 6.80 12.46
N LEU C 126 -45.99 6.70 11.16
CA LEU C 126 -46.85 7.62 10.45
C LEU C 126 -47.98 6.87 9.76
N GLY C 127 -49.08 7.57 9.51
CA GLY C 127 -50.22 6.96 8.86
C GLY C 127 -50.01 6.86 7.36
N ILE C 128 -50.39 5.71 6.80
CA ILE C 128 -50.27 5.49 5.35
C ILE C 128 -51.32 6.33 4.64
N PRO C 129 -50.95 7.10 3.60
CA PRO C 129 -51.96 7.86 2.86
C PRO C 129 -52.86 6.96 2.04
N GLU C 130 -54.10 6.79 2.48
CA GLU C 130 -55.06 5.91 1.82
C GLU C 130 -55.95 6.74 0.90
N GLN C 131 -55.95 6.40 -0.38
CA GLN C 131 -56.77 7.09 -1.36
C GLN C 131 -56.95 6.18 -2.56
N GLU C 132 -57.73 6.66 -3.53
CA GLU C 132 -57.97 5.92 -4.76
C GLU C 132 -56.69 5.85 -5.58
N TYR C 133 -56.43 4.68 -6.16
CA TYR C 133 -55.24 4.43 -6.95
C TYR C 133 -55.59 4.37 -8.43
N SER C 134 -54.90 5.21 -9.23
CA SER C 134 -55.28 5.41 -10.62
C SER C 134 -54.90 4.22 -11.49
N CYS C 135 -53.69 3.70 -11.32
CA CYS C 135 -53.19 2.63 -12.16
C CYS C 135 -52.66 1.49 -11.30
N VAL C 136 -52.95 0.26 -11.71
CA VAL C 136 -52.44 -0.93 -11.05
C VAL C 136 -51.95 -1.90 -12.12
N VAL C 137 -50.78 -2.48 -11.91
CA VAL C 137 -50.18 -3.42 -12.87
C VAL C 137 -50.21 -4.79 -12.22
N LYS C 138 -51.21 -5.60 -12.61
CA LYS C 138 -51.41 -6.94 -12.06
C LYS C 138 -50.74 -7.95 -13.00
N MET C 139 -49.41 -7.99 -12.97
CA MET C 139 -48.64 -8.77 -13.92
C MET C 139 -47.68 -9.63 -13.11
N PRO C 140 -47.36 -10.87 -13.57
CA PRO C 140 -46.49 -11.77 -12.79
C PRO C 140 -45.13 -11.19 -12.42
N SER C 141 -44.86 -11.13 -11.12
CA SER C 141 -43.72 -10.38 -10.59
C SER C 141 -42.38 -10.98 -10.98
N GLY C 142 -42.35 -12.25 -11.41
CA GLY C 142 -41.09 -12.83 -11.86
C GLY C 142 -40.55 -12.12 -13.09
N GLU C 143 -41.43 -11.90 -14.08
CA GLU C 143 -41.03 -11.15 -15.27
C GLU C 143 -40.69 -9.70 -14.91
N PHE C 144 -41.43 -9.10 -13.99
CA PHE C 144 -41.16 -7.73 -13.56
C PHE C 144 -39.78 -7.62 -12.92
N ALA C 145 -39.44 -8.56 -12.05
CA ALA C 145 -38.13 -8.58 -11.43
C ALA C 145 -37.04 -8.80 -12.47
N ARG C 146 -37.27 -9.72 -13.40
CA ARG C 146 -36.29 -10.00 -14.44
C ARG C 146 -36.01 -8.78 -15.29
N ILE C 147 -37.06 -8.07 -15.72
CA ILE C 147 -36.86 -6.94 -16.60
C ILE C 147 -36.27 -5.76 -15.84
N CYS C 148 -36.66 -5.56 -14.58
CA CYS C 148 -36.12 -4.42 -13.84
C CYS C 148 -34.65 -4.64 -13.51
N ARG C 149 -34.28 -5.88 -13.17
CA ARG C 149 -32.87 -6.18 -12.96
C ARG C 149 -32.09 -6.09 -14.26
N ASP C 150 -32.71 -6.47 -15.38
CA ASP C 150 -32.04 -6.39 -16.67
C ASP C 150 -31.77 -4.94 -17.06
N LEU C 151 -32.75 -4.05 -16.88
CA LEU C 151 -32.51 -2.65 -17.19
C LEU C 151 -31.66 -1.97 -16.14
N SER C 152 -31.55 -2.56 -14.94
CA SER C 152 -30.65 -2.03 -13.93
C SER C 152 -29.20 -2.13 -14.36
N HIS C 153 -28.89 -3.09 -15.25
CA HIS C 153 -27.53 -3.24 -15.75
C HIS C 153 -27.13 -2.07 -16.64
N ILE C 154 -28.07 -1.48 -17.35
CA ILE C 154 -27.82 -0.35 -18.22
C ILE C 154 -28.28 0.96 -17.60
N GLY C 155 -29.44 0.95 -16.93
CA GLY C 155 -29.98 2.16 -16.36
C GLY C 155 -29.80 2.23 -14.86
N ASP C 156 -29.77 3.45 -14.35
CA ASP C 156 -29.67 3.72 -12.92
C ASP C 156 -30.98 4.12 -12.27
N ALA C 157 -31.85 4.80 -13.01
CA ALA C 157 -33.15 5.21 -12.51
C ALA C 157 -34.20 4.85 -13.54
N VAL C 158 -35.46 4.87 -13.12
CA VAL C 158 -36.56 4.46 -13.97
C VAL C 158 -37.55 5.61 -14.14
N VAL C 159 -38.34 5.51 -15.20
CA VAL C 159 -39.47 6.41 -15.44
C VAL C 159 -40.71 5.54 -15.59
N ILE C 160 -41.60 5.59 -14.60
CA ILE C 160 -42.88 4.90 -14.66
C ILE C 160 -43.85 5.74 -15.48
N SER C 161 -44.61 5.08 -16.35
CA SER C 161 -45.61 5.77 -17.16
C SER C 161 -46.66 4.75 -17.57
N CYS C 162 -47.89 4.95 -17.10
CA CYS C 162 -49.05 4.14 -17.48
C CYS C 162 -50.05 5.07 -18.15
N ALA C 163 -50.07 5.07 -19.48
CA ALA C 163 -50.97 5.91 -20.24
C ALA C 163 -52.04 5.04 -20.90
N LYS C 164 -52.87 5.67 -21.74
CA LYS C 164 -53.98 4.98 -22.36
C LYS C 164 -53.54 3.91 -23.36
N ASP C 165 -52.35 4.05 -23.94
CA ASP C 165 -51.85 3.01 -24.84
C ASP C 165 -51.32 1.81 -24.06
N GLY C 166 -50.73 2.04 -22.90
CA GLY C 166 -50.19 0.95 -22.10
C GLY C 166 -49.27 1.49 -21.01
N VAL C 167 -48.37 0.62 -20.54
CA VAL C 167 -47.41 0.96 -19.50
C VAL C 167 -46.04 1.12 -20.12
N LYS C 168 -45.35 2.20 -19.76
CA LYS C 168 -44.01 2.48 -20.26
C LYS C 168 -43.06 2.51 -19.06
N PHE C 169 -42.02 1.69 -19.13
CA PHE C 169 -41.05 1.60 -18.04
C PHE C 169 -39.74 2.12 -18.61
N SER C 170 -39.58 3.43 -18.63
CA SER C 170 -38.43 4.03 -19.27
C SER C 170 -37.28 4.15 -18.30
N ALA C 171 -36.06 4.07 -18.83
CA ALA C 171 -34.87 4.09 -17.98
C ALA C 171 -33.70 4.63 -18.79
N SER C 172 -33.24 5.83 -18.44
CA SER C 172 -32.10 6.44 -19.10
C SER C 172 -30.82 6.09 -18.35
N GLY C 173 -29.81 5.64 -19.10
CA GLY C 173 -28.52 5.33 -18.50
C GLY C 173 -27.39 6.10 -19.15
N GLU C 174 -26.22 6.10 -18.51
CA GLU C 174 -25.07 6.81 -19.05
C GLU C 174 -24.58 6.18 -20.34
N LEU C 175 -24.71 4.86 -20.45
CA LEU C 175 -24.32 4.15 -21.66
C LEU C 175 -25.41 4.13 -22.71
N GLY C 176 -26.63 3.82 -22.32
CA GLY C 176 -27.76 3.81 -23.24
C GLY C 176 -29.06 3.88 -22.49
N ASN C 177 -30.13 4.10 -23.24
CA ASN C 177 -31.47 4.26 -22.70
C ASN C 177 -32.34 3.12 -23.19
N GLY C 178 -33.37 2.81 -22.41
CA GLY C 178 -34.31 1.76 -22.77
C GLY C 178 -35.65 1.99 -22.13
N ASN C 179 -36.68 1.41 -22.73
CA ASN C 179 -38.04 1.51 -22.21
C ASN C 179 -38.74 0.17 -22.42
N ILE C 180 -39.64 -0.15 -21.48
CA ILE C 180 -40.40 -1.39 -21.48
C ILE C 180 -41.86 -1.07 -21.71
N LYS C 181 -42.47 -1.75 -22.67
CA LYS C 181 -43.88 -1.54 -23.00
C LYS C 181 -44.63 -2.85 -22.78
N LEU C 182 -45.83 -2.75 -22.22
CA LEU C 182 -46.71 -3.90 -22.07
C LEU C 182 -48.15 -3.46 -22.29
N SER C 183 -48.93 -4.32 -22.94
CA SER C 183 -50.35 -4.08 -23.17
C SER C 183 -51.16 -5.14 -22.42
N GLN C 184 -52.48 -5.07 -22.58
CA GLN C 184 -53.36 -5.99 -21.89
C GLN C 184 -53.26 -7.38 -22.49
N THR C 185 -53.35 -8.40 -21.64
CA THR C 185 -53.46 -9.76 -22.12
C THR C 185 -54.84 -10.00 -22.72
N SER C 186 -54.88 -10.66 -23.86
CA SER C 186 -56.12 -10.96 -24.55
C SER C 186 -56.29 -12.44 -24.89
N ASN C 187 -55.20 -13.12 -25.22
CA ASN C 187 -55.26 -14.52 -25.64
C ASN C 187 -54.74 -15.48 -24.59
N VAL C 188 -54.55 -15.02 -23.35
CA VAL C 188 -54.05 -15.87 -22.28
C VAL C 188 -55.25 -16.36 -21.47
N ASP C 189 -55.43 -17.69 -21.43
CA ASP C 189 -56.55 -18.26 -20.68
C ASP C 189 -56.32 -18.17 -19.19
N LYS C 190 -55.12 -18.50 -18.73
CA LYS C 190 -54.81 -18.42 -17.30
C LYS C 190 -54.70 -16.97 -16.87
N GLU C 191 -55.23 -16.66 -15.69
CA GLU C 191 -55.21 -15.30 -15.19
C GLU C 191 -54.00 -15.00 -14.32
N GLU C 192 -53.20 -16.02 -13.98
CA GLU C 192 -51.99 -15.78 -13.22
C GLU C 192 -50.87 -15.20 -14.09
N GLU C 193 -50.86 -15.55 -15.38
CA GLU C 193 -49.96 -14.88 -16.31
C GLU C 193 -50.55 -13.62 -16.93
N ALA C 194 -51.84 -13.37 -16.71
CA ALA C 194 -52.50 -12.23 -17.32
C ALA C 194 -52.10 -10.93 -16.65
N VAL C 195 -52.15 -9.84 -17.42
CA VAL C 195 -51.98 -8.49 -16.90
C VAL C 195 -53.27 -7.72 -17.14
N THR C 196 -53.80 -7.09 -16.09
CA THR C 196 -55.08 -6.37 -16.13
C THR C 196 -54.86 -5.03 -15.43
N ILE C 197 -54.68 -3.98 -16.23
CA ILE C 197 -54.48 -2.64 -15.71
C ILE C 197 -55.78 -1.87 -15.86
N GLU C 198 -56.45 -1.59 -14.73
CA GLU C 198 -57.56 -0.66 -14.76
C GLU C 198 -57.03 0.74 -15.03
N MET C 199 -57.76 1.49 -15.86
CA MET C 199 -57.21 2.67 -16.51
C MET C 199 -58.02 3.90 -16.09
N ASN C 200 -57.32 4.87 -15.50
CA ASN C 200 -57.98 6.10 -15.03
C ASN C 200 -57.42 7.35 -15.68
N GLU C 201 -56.10 7.53 -15.69
CA GLU C 201 -55.52 8.72 -16.32
C GLU C 201 -54.07 8.43 -16.71
N PRO C 202 -53.57 9.06 -17.76
CA PRO C 202 -52.15 8.89 -18.13
C PRO C 202 -51.22 9.60 -17.15
N VAL C 203 -50.06 8.99 -16.91
CA VAL C 203 -49.12 9.45 -15.89
C VAL C 203 -47.70 9.42 -16.45
N GLN C 204 -46.89 10.40 -16.05
CA GLN C 204 -45.44 10.45 -16.31
C GLN C 204 -44.77 10.87 -15.00
N LEU C 205 -44.09 9.94 -14.34
CA LEU C 205 -43.46 10.24 -13.05
C LEU C 205 -42.18 9.44 -12.91
N THR C 206 -41.29 9.91 -12.03
CA THR C 206 -39.96 9.34 -11.87
C THR C 206 -39.77 8.77 -10.46
N PHE C 207 -39.14 7.60 -10.40
CA PHE C 207 -38.86 6.93 -9.13
C PHE C 207 -37.44 6.37 -9.17
N ALA C 208 -37.04 5.79 -8.04
CA ALA C 208 -35.75 5.12 -7.96
C ALA C 208 -35.84 3.71 -8.53
N LEU C 209 -34.67 3.08 -8.69
CA LEU C 209 -34.59 1.75 -9.29
C LEU C 209 -33.94 0.73 -8.38
N ARG C 210 -32.88 1.10 -7.66
CA ARG C 210 -32.18 0.13 -6.82
C ARG C 210 -33.03 -0.28 -5.63
N TYR C 211 -33.79 0.66 -5.06
CA TYR C 211 -34.78 0.31 -4.05
C TYR C 211 -35.88 -0.55 -4.64
N LEU C 212 -36.25 -0.29 -5.90
CA LEU C 212 -37.21 -1.16 -6.59
C LEU C 212 -36.64 -2.55 -6.78
N ASN C 213 -35.35 -2.65 -7.10
CA ASN C 213 -34.70 -3.96 -7.20
C ASN C 213 -34.73 -4.68 -5.86
N PHE C 214 -34.46 -3.94 -4.78
CA PHE C 214 -34.51 -4.50 -3.44
C PHE C 214 -35.91 -5.01 -3.11
N PHE C 215 -36.93 -4.28 -3.56
CA PHE C 215 -38.30 -4.76 -3.38
C PHE C 215 -38.56 -6.00 -4.22
N THR C 216 -37.98 -6.06 -5.42
CA THR C 216 -38.17 -7.22 -6.28
C THR C 216 -37.25 -8.38 -5.93
N LYS C 217 -36.49 -8.28 -4.85
CA LYS C 217 -35.87 -9.50 -4.34
C LYS C 217 -36.88 -10.48 -3.75
N ALA C 218 -38.11 -10.05 -3.49
CA ALA C 218 -39.10 -10.83 -2.75
C ALA C 218 -40.16 -11.46 -3.64
N THR C 219 -39.80 -11.90 -4.85
CA THR C 219 -40.82 -12.48 -5.73
C THR C 219 -41.35 -13.85 -5.31
N PRO C 220 -40.51 -14.90 -4.96
CA PRO C 220 -41.05 -16.27 -4.96
C PRO C 220 -42.12 -16.59 -3.92
N LEU C 221 -42.58 -15.59 -3.17
CA LEU C 221 -43.71 -15.77 -2.29
C LEU C 221 -45.05 -15.59 -3.01
N SER C 222 -45.05 -14.90 -4.14
CA SER C 222 -46.26 -14.63 -4.90
C SER C 222 -46.02 -14.91 -6.38
N SER C 223 -47.09 -15.28 -7.07
CA SER C 223 -47.01 -15.42 -8.51
C SER C 223 -46.97 -14.07 -9.21
N THR C 224 -47.76 -13.12 -8.72
CA THR C 224 -47.92 -11.81 -9.36
C THR C 224 -47.82 -10.69 -8.34
N VAL C 225 -47.78 -9.47 -8.87
CA VAL C 225 -47.67 -8.24 -8.10
C VAL C 225 -48.76 -7.31 -8.58
N THR C 226 -49.26 -6.48 -7.66
CA THR C 226 -50.01 -5.27 -7.99
C THR C 226 -49.10 -4.08 -7.81
N LEU C 227 -48.94 -3.27 -8.87
CA LEU C 227 -48.13 -2.07 -8.83
C LEU C 227 -49.12 -0.91 -8.79
N SER C 228 -49.58 -0.58 -7.60
CA SER C 228 -50.65 0.39 -7.42
C SER C 228 -50.07 1.79 -7.30
N MET C 229 -50.69 2.73 -8.02
CA MET C 229 -50.08 4.05 -8.16
C MET C 229 -51.13 5.07 -8.58
N SER C 230 -50.80 6.33 -8.29
CA SER C 230 -51.56 7.50 -8.75
C SER C 230 -50.57 8.61 -9.11
N ALA C 231 -51.10 9.79 -9.36
CA ALA C 231 -50.27 10.92 -9.77
C ALA C 231 -49.66 11.56 -8.53
N ASP C 232 -48.33 11.67 -8.53
CA ASP C 232 -47.53 12.30 -7.47
C ASP C 232 -47.78 11.64 -6.11
N VAL C 233 -47.67 10.31 -6.11
CA VAL C 233 -47.73 9.52 -4.87
C VAL C 233 -46.66 8.45 -4.94
N PRO C 234 -46.12 8.05 -3.79
CA PRO C 234 -45.22 6.89 -3.77
C PRO C 234 -45.87 5.62 -4.28
N LEU C 235 -45.08 4.79 -4.97
CA LEU C 235 -45.58 3.56 -5.56
C LEU C 235 -46.01 2.56 -4.49
N VAL C 236 -46.98 1.74 -4.84
CA VAL C 236 -47.43 0.64 -4.00
C VAL C 236 -47.12 -0.65 -4.76
N VAL C 237 -45.99 -1.27 -4.45
CA VAL C 237 -45.60 -2.56 -5.03
C VAL C 237 -46.02 -3.60 -4.00
N GLU C 238 -47.21 -4.16 -4.18
CA GLU C 238 -47.80 -5.05 -3.20
C GLU C 238 -47.60 -6.50 -3.63
N TYR C 239 -47.09 -7.32 -2.72
CA TYR C 239 -46.94 -8.75 -2.91
C TYR C 239 -47.98 -9.45 -2.03
N LYS C 240 -48.76 -10.34 -2.62
CA LYS C 240 -49.65 -11.16 -1.81
C LYS C 240 -48.81 -12.25 -1.14
N ILE C 241 -48.83 -12.29 0.18
CA ILE C 241 -48.04 -13.30 0.88
C ILE C 241 -48.71 -14.66 0.78
N ALA C 242 -49.89 -14.78 1.36
CA ALA C 242 -50.69 -16.00 1.42
C ALA C 242 -52.05 -15.60 1.97
N ASP C 243 -52.84 -16.59 2.37
CA ASP C 243 -53.95 -16.33 3.27
C ASP C 243 -53.48 -15.87 4.65
N MET C 244 -52.19 -16.06 4.96
CA MET C 244 -51.62 -15.61 6.21
C MET C 244 -51.68 -14.09 6.34
N GLY C 245 -51.15 -13.39 5.33
CA GLY C 245 -51.03 -11.95 5.44
C GLY C 245 -50.67 -11.34 4.10
N HIS C 246 -50.21 -10.09 4.16
CA HIS C 246 -49.78 -9.36 2.98
C HIS C 246 -48.64 -8.43 3.37
N LEU C 247 -48.12 -7.70 2.37
CA LEU C 247 -47.04 -6.75 2.64
C LEU C 247 -47.10 -5.63 1.62
N LYS C 248 -46.65 -4.45 2.04
CA LYS C 248 -46.59 -3.29 1.16
C LYS C 248 -45.21 -2.63 1.24
N TYR C 249 -44.71 -2.17 0.08
CA TYR C 249 -43.51 -1.37 -0.02
C TYR C 249 -43.85 -0.05 -0.68
N TYR C 250 -43.40 1.06 -0.09
CA TYR C 250 -43.71 2.39 -0.60
C TYR C 250 -42.39 3.09 -0.95
N LEU C 251 -42.16 3.31 -2.25
CA LEU C 251 -40.94 3.92 -2.74
C LEU C 251 -41.28 5.35 -3.16
N ALA C 252 -40.48 6.31 -2.69
CA ALA C 252 -40.80 7.72 -2.88
C ALA C 252 -40.54 8.16 -4.33
N PRO C 253 -41.35 9.08 -4.85
CA PRO C 253 -41.08 9.62 -6.19
C PRO C 253 -39.82 10.46 -6.23
N LYS C 254 -39.15 10.43 -7.37
CA LYS C 254 -37.98 11.26 -7.59
C LYS C 254 -38.44 12.63 -8.09
N ILE C 255 -38.13 13.67 -7.33
CA ILE C 255 -38.60 15.02 -7.64
C ILE C 255 -37.61 15.62 -8.62
N GLU C 256 -37.86 15.40 -9.91
CA GLU C 256 -37.06 16.05 -10.95
C GLU C 256 -37.55 17.49 -11.13
N ASP C 257 -36.67 18.34 -11.63
CA ASP C 257 -36.96 19.75 -11.79
C ASP C 257 -37.81 19.95 -13.04
N GLU C 258 -39.09 20.26 -12.85
CA GLU C 258 -40.00 20.46 -13.98
C GLU C 258 -39.86 21.83 -14.62
N GLU C 259 -39.20 22.77 -13.94
CA GLU C 259 -39.04 24.11 -14.47
C GLU C 259 -37.96 24.15 -15.55
N GLY C 260 -38.11 25.08 -16.48
CA GLY C 260 -37.14 25.26 -17.54
C GLY C 260 -35.92 26.03 -17.09
N SER C 261 -34.95 26.14 -18.00
CA SER C 261 -33.71 26.84 -17.70
C SER C 261 -33.82 28.32 -18.04
N MET D 1 5.56 -51.72 -7.45
CA MET D 1 4.67 -52.86 -7.66
C MET D 1 3.56 -52.92 -6.62
N PHE D 2 2.93 -51.78 -6.38
CA PHE D 2 1.73 -51.71 -5.54
C PHE D 2 0.55 -51.30 -6.41
N GLU D 3 -0.54 -52.04 -6.31
CA GLU D 3 -1.74 -51.75 -7.10
C GLU D 3 -2.96 -51.82 -6.20
N ALA D 4 -3.90 -50.89 -6.42
CA ALA D 4 -5.13 -50.84 -5.63
C ALA D 4 -6.18 -50.10 -6.46
N ARG D 5 -7.16 -50.85 -6.96
CA ARG D 5 -8.23 -50.26 -7.77
C ARG D 5 -9.58 -50.48 -7.09
N LEU D 6 -10.43 -49.46 -7.17
CA LEU D 6 -11.74 -49.46 -6.54
C LEU D 6 -12.79 -48.98 -7.54
N VAL D 7 -13.94 -49.65 -7.53
CA VAL D 7 -14.99 -49.35 -8.51
C VAL D 7 -15.69 -48.03 -8.20
N GLN D 8 -15.94 -47.77 -6.91
CA GLN D 8 -16.72 -46.60 -6.51
C GLN D 8 -15.77 -45.40 -6.39
N GLY D 9 -15.42 -44.84 -7.54
CA GLY D 9 -14.52 -43.71 -7.55
C GLY D 9 -15.09 -42.48 -6.87
N SER D 10 -16.41 -42.32 -6.90
CA SER D 10 -17.07 -41.17 -6.31
C SER D 10 -16.85 -41.12 -4.80
N ILE D 11 -16.89 -42.28 -4.14
CA ILE D 11 -16.78 -42.27 -2.69
C ILE D 11 -15.36 -41.89 -2.31
N LEU D 12 -14.39 -42.25 -3.17
CA LEU D 12 -13.00 -41.83 -2.98
C LEU D 12 -12.85 -40.34 -3.21
N LYS D 13 -13.51 -39.81 -4.25
CA LYS D 13 -13.54 -38.38 -4.50
C LYS D 13 -13.99 -37.61 -3.26
N LYS D 14 -15.14 -38.02 -2.71
CA LYS D 14 -15.70 -37.23 -1.62
C LYS D 14 -14.90 -37.41 -0.34
N VAL D 15 -14.33 -38.61 -0.10
CA VAL D 15 -13.57 -38.79 1.13
C VAL D 15 -12.26 -38.01 1.05
N LEU D 16 -11.66 -37.90 -0.14
CA LEU D 16 -10.39 -37.19 -0.21
C LEU D 16 -10.60 -35.69 -0.25
N GLU D 17 -11.78 -35.22 -0.70
CA GLU D 17 -11.99 -33.78 -0.62
C GLU D 17 -12.47 -33.34 0.76
N ALA D 18 -13.15 -34.23 1.49
CA ALA D 18 -13.74 -33.85 2.78
C ALA D 18 -12.75 -33.90 3.94
N LEU D 19 -11.45 -33.85 3.65
CA LEU D 19 -10.40 -33.81 4.66
C LEU D 19 -9.55 -32.55 4.57
N LYS D 20 -10.10 -31.49 4.00
CA LYS D 20 -9.29 -30.37 3.51
C LYS D 20 -8.88 -29.41 4.63
N ASP D 21 -9.84 -28.73 5.19
CA ASP D 21 -9.60 -27.52 5.97
C ASP D 21 -9.08 -27.78 7.37
N LEU D 22 -8.61 -28.97 7.71
CA LEU D 22 -7.92 -29.20 8.96
C LEU D 22 -6.47 -29.63 8.79
N ILE D 23 -6.09 -30.15 7.63
CA ILE D 23 -4.76 -30.70 7.47
C ILE D 23 -4.29 -30.44 6.04
N ASN D 24 -3.01 -30.08 5.90
CA ASN D 24 -2.40 -29.87 4.59
C ASN D 24 -1.50 -31.03 4.16
N GLU D 25 -0.98 -31.81 5.10
CA GLU D 25 -0.11 -32.94 4.80
C GLU D 25 -0.61 -34.16 5.55
N ALA D 26 -1.25 -35.08 4.83
CA ALA D 26 -1.80 -36.27 5.47
C ALA D 26 -0.72 -37.32 5.68
N CYS D 27 -1.07 -38.35 6.45
CA CYS D 27 -0.18 -39.46 6.73
C CYS D 27 -0.86 -40.73 6.21
N TRP D 28 -0.67 -40.99 4.92
CA TRP D 28 -1.28 -42.13 4.26
C TRP D 28 -0.35 -43.33 4.35
N ASP D 29 -0.89 -44.47 4.76
CA ASP D 29 -0.10 -45.68 4.90
C ASP D 29 -0.79 -46.86 4.25
N ILE D 30 0.02 -47.80 3.74
CA ILE D 30 -0.45 -48.96 3.00
C ILE D 30 0.06 -50.21 3.72
N SER D 31 -0.86 -51.14 4.00
CA SER D 31 -0.50 -52.34 4.74
C SER D 31 -1.35 -53.50 4.23
N SER D 32 -1.27 -54.64 4.93
CA SER D 32 -2.02 -55.82 4.55
C SER D 32 -3.51 -55.67 4.82
N SER D 33 -3.88 -54.83 5.79
CA SER D 33 -5.28 -54.61 6.12
C SER D 33 -6.00 -53.74 5.10
N GLY D 34 -5.29 -53.20 4.13
CA GLY D 34 -5.84 -52.25 3.19
C GLY D 34 -5.00 -50.99 3.22
N VAL D 35 -5.60 -49.86 2.88
CA VAL D 35 -4.92 -48.57 2.96
C VAL D 35 -5.62 -47.77 4.05
N ASN D 36 -4.84 -47.12 4.90
CA ASN D 36 -5.38 -46.46 6.08
C ASN D 36 -4.82 -45.06 6.21
N LEU D 37 -5.66 -44.13 6.65
CA LEU D 37 -5.28 -42.74 6.82
C LEU D 37 -5.52 -42.32 8.27
N GLN D 38 -4.50 -41.72 8.87
CA GLN D 38 -4.60 -41.15 10.20
C GLN D 38 -3.88 -39.81 10.18
N SER D 39 -4.59 -38.73 10.46
CA SER D 39 -3.97 -37.42 10.33
C SER D 39 -4.53 -36.46 11.37
N MET D 40 -3.66 -35.60 11.88
CA MET D 40 -3.96 -34.71 12.99
C MET D 40 -3.64 -33.27 12.59
N ASP D 41 -4.43 -32.34 13.10
CA ASP D 41 -4.48 -30.98 12.56
C ASP D 41 -3.22 -30.18 12.87
N SER D 42 -3.01 -29.11 12.10
CA SER D 42 -1.87 -28.25 12.34
C SER D 42 -2.01 -27.43 13.61
N SER D 43 -3.23 -27.24 14.10
CA SER D 43 -3.47 -26.44 15.29
C SER D 43 -3.57 -27.29 16.56
N HIS D 44 -3.03 -28.51 16.51
CA HIS D 44 -2.89 -29.44 17.63
C HIS D 44 -4.19 -29.67 18.40
N VAL D 45 -5.29 -29.83 17.68
CA VAL D 45 -6.56 -30.09 18.33
C VAL D 45 -7.08 -31.49 18.05
N SER D 46 -7.31 -31.81 16.78
CA SER D 46 -8.15 -32.96 16.44
C SER D 46 -7.43 -33.92 15.50
N LEU D 47 -7.94 -35.15 15.47
CA LEU D 47 -7.41 -36.25 14.69
C LEU D 47 -8.51 -36.83 13.80
N VAL D 48 -8.13 -37.23 12.61
CA VAL D 48 -9.04 -37.93 11.71
C VAL D 48 -8.46 -39.30 11.42
N GLN D 49 -9.36 -40.27 11.20
CA GLN D 49 -8.95 -41.63 10.90
C GLN D 49 -9.75 -42.15 9.71
N LEU D 50 -9.04 -42.73 8.75
CA LEU D 50 -9.68 -43.42 7.63
C LEU D 50 -9.03 -44.78 7.47
N THR D 51 -9.84 -45.81 7.30
CA THR D 51 -9.35 -47.14 6.97
C THR D 51 -10.12 -47.68 5.78
N LEU D 52 -9.46 -48.52 4.99
CA LEU D 52 -10.09 -49.20 3.87
C LEU D 52 -9.76 -50.69 3.97
N ARG D 53 -10.71 -51.54 3.60
CA ARG D 53 -10.47 -52.96 3.59
C ARG D 53 -9.63 -53.35 2.37
N SER D 54 -8.83 -54.41 2.52
CA SER D 54 -8.07 -54.93 1.39
C SER D 54 -9.00 -55.46 0.31
N GLU D 55 -10.05 -56.17 0.71
CA GLU D 55 -11.04 -56.65 -0.24
C GLU D 55 -12.00 -55.54 -0.67
N GLY D 56 -11.95 -54.39 0.01
CA GLY D 56 -12.70 -53.24 -0.47
C GLY D 56 -12.29 -52.80 -1.86
N PHE D 57 -10.98 -52.80 -2.12
CA PHE D 57 -10.52 -52.68 -3.49
C PHE D 57 -10.91 -53.90 -4.30
N ASP D 58 -11.21 -53.68 -5.57
CA ASP D 58 -11.46 -54.80 -6.47
C ASP D 58 -10.20 -55.65 -6.62
N THR D 59 -9.06 -55.02 -6.86
CA THR D 59 -7.76 -55.64 -6.68
C THR D 59 -6.94 -54.75 -5.76
N TYR D 60 -6.22 -55.36 -4.82
CA TYR D 60 -5.38 -54.63 -3.88
C TYR D 60 -4.09 -55.42 -3.69
N ARG D 61 -3.03 -54.97 -4.34
CA ARG D 61 -1.75 -55.67 -4.33
C ARG D 61 -0.77 -54.87 -3.48
N CYS D 62 -0.73 -55.16 -2.19
CA CYS D 62 0.19 -54.51 -1.25
C CYS D 62 1.48 -55.32 -1.22
N ASP D 63 2.53 -54.77 -1.82
CA ASP D 63 3.83 -55.44 -1.85
C ASP D 63 4.70 -55.10 -0.65
N ARG D 64 4.45 -53.98 0.01
CA ARG D 64 5.26 -53.59 1.16
C ARG D 64 4.44 -52.66 2.04
N ASN D 65 4.86 -52.54 3.30
CA ASN D 65 4.17 -51.71 4.28
C ASN D 65 4.66 -50.26 4.16
N LEU D 66 4.28 -49.63 3.06
CA LEU D 66 4.74 -48.29 2.74
C LEU D 66 3.74 -47.24 3.24
N ALA D 67 4.27 -46.21 3.86
CA ALA D 67 3.51 -45.03 4.25
C ALA D 67 4.02 -43.84 3.44
N MET D 68 3.09 -43.01 2.98
CA MET D 68 3.42 -41.82 2.19
C MET D 68 2.78 -40.58 2.81
N GLY D 69 3.60 -39.56 3.05
CA GLY D 69 3.12 -38.26 3.48
C GLY D 69 3.27 -37.21 2.40
N VAL D 70 2.15 -36.84 1.77
CA VAL D 70 2.11 -35.97 0.60
C VAL D 70 1.15 -34.83 0.94
N ASN D 71 1.29 -33.71 0.23
CA ASN D 71 0.41 -32.56 0.41
C ASN D 71 -1.04 -32.91 0.02
N LEU D 72 -1.96 -32.02 0.35
CA LEU D 72 -3.38 -32.29 0.20
C LEU D 72 -4.12 -31.33 -0.72
N THR D 73 -3.72 -30.06 -0.77
CA THR D 73 -4.40 -29.09 -1.62
C THR D 73 -4.28 -29.47 -3.09
N SER D 74 -3.05 -29.68 -3.55
CA SER D 74 -2.83 -30.12 -4.92
C SER D 74 -3.37 -31.52 -5.15
N MET D 75 -3.40 -32.34 -4.09
CA MET D 75 -3.97 -33.69 -4.20
C MET D 75 -5.46 -33.61 -4.55
N SER D 76 -6.20 -32.71 -3.89
CA SER D 76 -7.61 -32.60 -4.20
C SER D 76 -7.85 -31.89 -5.51
N LYS D 77 -6.98 -30.93 -5.86
CA LYS D 77 -7.13 -30.26 -7.16
C LYS D 77 -6.92 -31.24 -8.31
N ILE D 78 -5.92 -32.12 -8.20
CA ILE D 78 -5.74 -33.14 -9.22
C ILE D 78 -6.77 -34.24 -9.05
N LEU D 79 -7.41 -34.33 -7.88
CA LEU D 79 -8.43 -35.35 -7.66
C LEU D 79 -9.73 -34.99 -8.38
N LYS D 80 -10.15 -33.73 -8.28
CA LYS D 80 -11.43 -33.28 -8.84
C LYS D 80 -11.45 -33.32 -10.35
N CYS D 81 -10.29 -33.54 -10.98
CA CYS D 81 -10.23 -33.82 -12.41
C CYS D 81 -11.08 -35.02 -12.80
N ALA D 82 -11.21 -36.00 -11.91
CA ALA D 82 -12.02 -37.17 -12.20
C ALA D 82 -13.49 -36.83 -12.25
N GLY D 83 -14.22 -37.55 -13.11
CA GLY D 83 -15.66 -37.45 -13.13
C GLY D 83 -16.28 -38.24 -11.98
N ASN D 84 -17.61 -38.20 -11.94
CA ASN D 84 -18.31 -38.77 -10.79
C ASN D 84 -18.31 -40.29 -10.81
N GLU D 85 -18.57 -40.89 -11.97
CA GLU D 85 -18.82 -42.33 -12.05
C GLU D 85 -17.67 -43.08 -12.69
N ASP D 86 -16.44 -42.62 -12.44
CA ASP D 86 -15.26 -43.17 -13.10
C ASP D 86 -14.45 -44.03 -12.14
N ILE D 87 -13.91 -45.13 -12.66
CA ILE D 87 -13.12 -46.06 -11.85
C ILE D 87 -11.73 -45.46 -11.61
N ILE D 88 -11.18 -45.74 -10.44
CA ILE D 88 -9.91 -45.16 -10.00
C ILE D 88 -8.98 -46.30 -9.63
N THR D 89 -7.69 -46.15 -9.97
CA THR D 89 -6.66 -47.06 -9.47
C THR D 89 -5.48 -46.25 -8.96
N LEU D 90 -4.81 -46.78 -7.94
CA LEU D 90 -3.65 -46.15 -7.32
C LEU D 90 -2.44 -47.07 -7.49
N ARG D 91 -1.31 -46.49 -7.90
CA ARG D 91 -0.10 -47.26 -8.17
C ARG D 91 1.06 -46.65 -7.39
N ALA D 92 1.88 -47.51 -6.80
CA ALA D 92 3.13 -47.08 -6.18
C ALA D 92 4.18 -48.17 -6.34
N GLU D 93 5.43 -47.80 -6.11
CA GLU D 93 6.58 -48.65 -6.37
C GLU D 93 7.42 -48.78 -5.12
N ASP D 94 8.19 -49.87 -5.04
CA ASP D 94 9.16 -50.03 -3.95
C ASP D 94 10.20 -48.92 -3.98
N ASN D 95 10.54 -48.42 -5.15
CA ASN D 95 11.42 -47.26 -5.28
C ASN D 95 11.03 -46.42 -6.50
N ALA D 96 10.61 -45.19 -6.25
CA ALA D 96 10.16 -44.30 -7.31
C ALA D 96 10.34 -42.86 -6.83
N ASP D 97 9.72 -41.92 -7.53
CA ASP D 97 9.76 -40.51 -7.19
C ASP D 97 8.40 -39.85 -7.25
N THR D 98 7.35 -40.56 -7.66
CA THR D 98 6.10 -39.91 -8.03
C THR D 98 4.95 -40.89 -7.89
N LEU D 99 3.90 -40.47 -7.18
CA LEU D 99 2.69 -41.28 -7.09
C LEU D 99 1.96 -41.30 -8.43
N ALA D 100 1.36 -42.44 -8.76
CA ALA D 100 0.67 -42.64 -10.03
C ALA D 100 -0.81 -42.88 -9.77
N LEU D 101 -1.65 -42.07 -10.40
CA LEU D 101 -3.10 -42.23 -10.34
C LEU D 101 -3.65 -42.23 -11.76
N VAL D 102 -4.49 -43.22 -12.07
CA VAL D 102 -5.09 -43.37 -13.39
C VAL D 102 -6.61 -43.31 -13.24
N PHE D 103 -7.24 -42.45 -14.03
CA PHE D 103 -8.68 -42.24 -13.99
C PHE D 103 -9.31 -42.86 -15.23
N GLU D 104 -10.28 -43.75 -15.05
CA GLU D 104 -10.92 -44.42 -16.17
C GLU D 104 -12.44 -44.40 -16.00
N ALA D 105 -13.14 -44.09 -17.08
CA ALA D 105 -14.58 -43.84 -17.17
C ALA D 105 -15.31 -45.07 -17.70
N PRO D 106 -16.62 -45.20 -17.40
CA PRO D 106 -17.35 -46.41 -17.86
C PRO D 106 -17.50 -46.52 -19.37
N ASN D 107 -17.35 -45.43 -20.11
CA ASN D 107 -17.43 -45.50 -21.57
C ASN D 107 -16.11 -45.92 -22.20
N GLN D 108 -15.14 -46.36 -21.39
CA GLN D 108 -13.79 -46.84 -21.76
C GLN D 108 -13.07 -45.93 -22.76
N GLU D 109 -13.42 -44.64 -22.79
CA GLU D 109 -12.78 -43.69 -23.67
C GLU D 109 -12.19 -42.50 -22.94
N LYS D 110 -12.91 -41.96 -21.94
CA LYS D 110 -12.44 -40.86 -21.12
C LYS D 110 -11.49 -41.43 -20.07
N VAL D 111 -10.29 -41.82 -20.50
CA VAL D 111 -9.30 -42.41 -19.61
C VAL D 111 -8.14 -41.43 -19.45
N SER D 112 -7.74 -41.22 -18.19
CA SER D 112 -6.68 -40.27 -17.86
C SER D 112 -5.75 -40.87 -16.84
N ASP D 113 -4.48 -40.49 -16.90
CA ASP D 113 -3.49 -40.84 -15.90
C ASP D 113 -2.87 -39.57 -15.35
N TYR D 114 -2.34 -39.67 -14.14
CA TYR D 114 -1.74 -38.51 -13.48
C TYR D 114 -0.47 -38.93 -12.76
N GLU D 115 0.42 -37.96 -12.56
CA GLU D 115 1.69 -38.19 -11.90
C GLU D 115 1.87 -37.14 -10.81
N MET D 116 1.77 -37.58 -9.55
CA MET D 116 1.88 -36.69 -8.39
C MET D 116 3.19 -36.94 -7.66
N LYS D 117 4.01 -35.90 -7.54
CA LYS D 117 5.33 -36.03 -6.96
C LYS D 117 5.25 -36.25 -5.45
N LEU D 118 6.09 -37.14 -4.94
CA LEU D 118 6.11 -37.50 -3.54
C LEU D 118 7.04 -36.58 -2.75
N MET D 119 6.66 -36.26 -1.52
CA MET D 119 7.46 -35.42 -0.63
C MET D 119 7.77 -36.17 0.66
N ASP D 120 8.63 -35.56 1.49
CA ASP D 120 9.14 -36.18 2.69
C ASP D 120 9.00 -35.22 3.87
N LEU D 121 8.45 -35.73 4.98
CA LEU D 121 8.26 -34.97 6.21
C LEU D 121 8.33 -35.92 7.39
N ASP D 122 8.61 -35.35 8.56
CA ASP D 122 8.55 -36.09 9.82
C ASP D 122 7.32 -35.66 10.59
N VAL D 123 6.53 -36.64 11.04
CA VAL D 123 5.23 -36.39 11.65
C VAL D 123 5.09 -37.20 12.92
N GLU D 124 4.21 -36.73 13.80
CA GLU D 124 3.88 -37.41 15.03
C GLU D 124 2.72 -38.39 14.82
N GLN D 125 2.81 -39.53 15.49
CA GLN D 125 1.77 -40.54 15.48
C GLN D 125 1.25 -40.77 16.89
N LEU D 126 -0.08 -40.81 17.02
CA LEU D 126 -0.73 -40.82 18.33
C LEU D 126 -1.49 -42.12 18.51
N GLY D 127 -1.47 -42.63 19.75
CA GLY D 127 -2.13 -43.89 20.04
C GLY D 127 -3.63 -43.75 20.09
N ILE D 128 -4.31 -44.88 19.90
CA ILE D 128 -5.76 -44.95 19.89
C ILE D 128 -6.21 -45.66 21.17
N PRO D 129 -6.79 -44.95 22.13
CA PRO D 129 -7.33 -45.62 23.31
C PRO D 129 -8.74 -46.13 23.10
N GLU D 130 -8.95 -47.42 23.27
CA GLU D 130 -10.26 -48.05 23.10
C GLU D 130 -10.80 -48.42 24.48
N GLN D 131 -11.97 -47.90 24.80
CA GLN D 131 -12.59 -48.16 26.10
C GLN D 131 -14.10 -48.08 25.94
N GLU D 132 -14.81 -48.50 26.98
CA GLU D 132 -16.27 -48.52 26.94
C GLU D 132 -16.79 -47.08 26.97
N TYR D 133 -17.34 -46.63 25.86
CA TYR D 133 -17.88 -45.29 25.76
C TYR D 133 -19.33 -45.30 26.19
N SER D 134 -19.78 -44.17 26.75
CA SER D 134 -21.08 -44.12 27.41
C SER D 134 -22.23 -44.31 26.43
N CYS D 135 -22.25 -43.53 25.35
CA CYS D 135 -23.41 -43.46 24.48
C CYS D 135 -22.99 -43.66 23.02
N VAL D 136 -23.76 -44.47 22.31
CA VAL D 136 -23.59 -44.66 20.88
C VAL D 136 -24.92 -44.37 20.21
N VAL D 137 -24.94 -43.38 19.32
CA VAL D 137 -26.13 -43.02 18.57
C VAL D 137 -25.98 -43.53 17.15
N LYS D 138 -27.10 -43.77 16.48
CA LYS D 138 -27.12 -44.18 15.08
C LYS D 138 -27.92 -43.14 14.32
N MET D 139 -27.27 -42.06 13.97
CA MET D 139 -27.91 -40.86 13.49
C MET D 139 -27.88 -40.82 11.95
N PRO D 140 -28.94 -40.32 11.31
CA PRO D 140 -28.86 -40.07 9.87
C PRO D 140 -27.78 -39.05 9.55
N SER D 141 -27.09 -39.28 8.44
CA SER D 141 -25.92 -38.47 8.11
C SER D 141 -26.31 -37.04 7.73
N GLY D 142 -27.30 -36.91 6.83
CA GLY D 142 -27.68 -35.59 6.35
C GLY D 142 -28.27 -34.71 7.43
N GLU D 143 -29.02 -35.31 8.36
CA GLU D 143 -29.62 -34.53 9.43
C GLU D 143 -28.57 -34.01 10.39
N PHE D 144 -27.61 -34.85 10.77
CA PHE D 144 -26.55 -34.40 11.67
C PHE D 144 -25.65 -33.35 11.01
N ALA D 145 -25.33 -33.56 9.73
CA ALA D 145 -24.52 -32.57 9.02
C ALA D 145 -25.28 -31.26 8.86
N ARG D 146 -26.61 -31.35 8.67
CA ARG D 146 -27.44 -30.15 8.62
C ARG D 146 -27.45 -29.44 9.96
N ILE D 147 -27.45 -30.20 11.06
CA ILE D 147 -27.35 -29.61 12.39
C ILE D 147 -26.02 -28.89 12.56
N CYS D 148 -24.94 -29.51 12.11
CA CYS D 148 -23.62 -28.90 12.19
C CYS D 148 -23.56 -27.61 11.37
N ARG D 149 -24.17 -27.62 10.19
CA ARG D 149 -24.13 -26.45 9.32
C ARG D 149 -25.00 -25.32 9.86
N ASP D 150 -26.19 -25.65 10.38
CA ASP D 150 -27.13 -24.61 10.79
C ASP D 150 -26.78 -24.03 12.14
N LEU D 151 -26.32 -24.87 13.08
CA LEU D 151 -25.93 -24.37 14.39
C LEU D 151 -24.59 -23.66 14.37
N SER D 152 -23.99 -23.48 13.20
CA SER D 152 -22.64 -22.95 13.08
C SER D 152 -22.57 -21.49 13.47
N HIS D 153 -23.67 -20.76 13.35
CA HIS D 153 -23.67 -19.32 13.49
C HIS D 153 -24.45 -18.81 14.69
N ILE D 154 -25.11 -19.69 15.45
CA ILE D 154 -25.69 -19.27 16.72
C ILE D 154 -24.58 -18.92 17.71
N GLY D 155 -23.39 -19.51 17.51
CA GLY D 155 -22.23 -19.19 18.33
C GLY D 155 -20.98 -19.88 17.82
N ASP D 156 -20.07 -20.20 18.73
CA ASP D 156 -18.87 -20.96 18.38
C ASP D 156 -18.60 -22.10 19.35
N ALA D 157 -19.42 -22.27 20.38
CA ALA D 157 -19.26 -23.35 21.34
C ALA D 157 -20.58 -24.11 21.44
N VAL D 158 -20.51 -25.42 21.28
CA VAL D 158 -21.68 -26.30 21.36
C VAL D 158 -21.51 -27.26 22.53
N VAL D 159 -22.56 -27.39 23.34
CA VAL D 159 -22.59 -28.40 24.38
C VAL D 159 -23.52 -29.51 23.92
N ILE D 160 -23.18 -30.75 24.28
CA ILE D 160 -23.87 -31.93 23.78
C ILE D 160 -24.18 -32.84 24.96
N SER D 161 -25.44 -33.28 25.03
CA SER D 161 -25.91 -34.14 26.12
C SER D 161 -26.57 -35.39 25.56
N CYS D 162 -26.53 -36.48 26.33
CA CYS D 162 -27.19 -37.72 26.00
C CYS D 162 -28.01 -38.17 27.20
N ALA D 163 -29.21 -38.68 26.96
CA ALA D 163 -30.10 -39.09 28.04
C ALA D 163 -31.01 -40.21 27.54
N LYS D 164 -31.91 -40.67 28.42
CA LYS D 164 -32.97 -41.58 28.01
C LYS D 164 -33.88 -40.94 26.98
N ASP D 165 -34.05 -39.62 27.04
CA ASP D 165 -34.88 -38.92 26.07
C ASP D 165 -34.28 -38.99 24.67
N GLY D 166 -32.96 -38.90 24.58
CA GLY D 166 -32.28 -38.99 23.30
C GLY D 166 -30.93 -38.32 23.29
N VAL D 167 -30.65 -37.53 22.26
CA VAL D 167 -29.42 -36.77 22.15
C VAL D 167 -29.78 -35.31 21.90
N LYS D 168 -29.06 -34.40 22.56
CA LYS D 168 -29.28 -32.98 22.43
C LYS D 168 -27.95 -32.27 22.17
N PHE D 169 -27.99 -31.32 21.25
CA PHE D 169 -26.85 -30.46 20.94
C PHE D 169 -27.29 -29.02 21.17
N SER D 170 -26.62 -28.33 22.09
CA SER D 170 -26.97 -26.95 22.40
C SER D 170 -25.75 -26.06 22.20
N ALA D 171 -25.92 -24.98 21.46
CA ALA D 171 -24.85 -24.04 21.18
C ALA D 171 -25.36 -22.63 21.39
N SER D 172 -24.44 -21.72 21.72
CA SER D 172 -24.79 -20.34 21.96
C SER D 172 -23.62 -19.43 21.64
N GLY D 173 -23.93 -18.16 21.42
CA GLY D 173 -22.93 -17.13 21.23
C GLY D 173 -23.36 -15.82 21.84
N GLU D 174 -22.81 -14.71 21.33
CA GLU D 174 -23.18 -13.40 21.84
C GLU D 174 -24.61 -13.02 21.47
N LEU D 175 -25.16 -13.66 20.44
CA LEU D 175 -26.46 -13.27 19.93
C LEU D 175 -27.60 -14.03 20.61
N GLY D 176 -27.43 -15.33 20.81
CA GLY D 176 -28.50 -16.11 21.39
C GLY D 176 -28.08 -17.56 21.53
N ASN D 177 -29.04 -18.40 21.92
CA ASN D 177 -28.80 -19.81 22.16
C ASN D 177 -29.82 -20.64 21.37
N GLY D 178 -29.33 -21.77 20.83
CA GLY D 178 -30.20 -22.72 20.18
C GLY D 178 -29.85 -24.16 20.52
N ASN D 179 -30.88 -24.97 20.79
CA ASN D 179 -30.68 -26.38 21.10
C ASN D 179 -31.60 -27.24 20.22
N ILE D 180 -31.04 -28.36 19.76
CA ILE D 180 -31.77 -29.32 18.94
C ILE D 180 -31.97 -30.60 19.75
N LYS D 181 -33.19 -31.14 19.72
CA LYS D 181 -33.54 -32.31 20.51
C LYS D 181 -34.00 -33.42 19.57
N LEU D 182 -33.47 -34.63 19.79
CA LEU D 182 -33.83 -35.80 18.99
C LEU D 182 -34.46 -36.85 19.89
N SER D 183 -35.61 -37.36 19.47
CA SER D 183 -36.26 -38.48 20.14
C SER D 183 -35.74 -39.79 19.51
N GLN D 184 -36.42 -40.90 19.79
CA GLN D 184 -36.03 -42.20 19.26
C GLN D 184 -37.03 -42.68 18.21
N THR D 185 -36.53 -43.47 17.26
CA THR D 185 -37.30 -43.92 16.12
C THR D 185 -37.60 -45.42 16.25
N SER D 186 -38.87 -45.78 16.10
CA SER D 186 -39.27 -47.18 16.12
C SER D 186 -40.26 -47.47 15.01
N ASN D 187 -40.91 -46.42 14.50
CA ASN D 187 -42.00 -46.56 13.54
C ASN D 187 -41.52 -46.46 12.09
N VAL D 188 -40.23 -46.61 11.83
CA VAL D 188 -39.67 -46.51 10.49
C VAL D 188 -38.79 -47.72 10.24
N ASP D 189 -38.89 -48.28 9.03
CA ASP D 189 -38.13 -49.44 8.64
C ASP D 189 -36.73 -49.12 8.13
N LYS D 190 -36.56 -47.96 7.49
CA LYS D 190 -35.26 -47.56 6.96
C LYS D 190 -34.39 -47.09 8.11
N GLU D 191 -33.39 -47.91 8.47
CA GLU D 191 -32.54 -47.59 9.60
C GLU D 191 -31.56 -46.46 9.29
N GLU D 192 -31.35 -46.15 8.00
CA GLU D 192 -30.52 -45.00 7.66
C GLU D 192 -31.16 -43.70 8.12
N GLU D 193 -32.49 -43.59 7.94
CA GLU D 193 -33.21 -42.44 8.48
C GLU D 193 -33.42 -42.56 9.99
N ALA D 194 -33.57 -43.79 10.49
CA ALA D 194 -33.88 -44.02 11.88
C ALA D 194 -32.73 -43.62 12.80
N VAL D 195 -33.07 -43.25 14.02
CA VAL D 195 -32.09 -42.93 15.06
C VAL D 195 -32.32 -43.84 16.26
N THR D 196 -31.25 -44.45 16.74
CA THR D 196 -31.26 -45.31 17.91
C THR D 196 -30.08 -44.97 18.80
N ILE D 197 -30.27 -45.11 20.11
CA ILE D 197 -29.28 -44.69 21.10
C ILE D 197 -29.02 -45.83 22.07
N GLU D 198 -27.87 -45.76 22.74
CA GLU D 198 -27.59 -46.55 23.93
C GLU D 198 -26.95 -45.63 24.96
N MET D 199 -26.91 -46.08 26.22
CA MET D 199 -26.46 -45.24 27.31
C MET D 199 -25.83 -46.08 28.40
N ASN D 200 -24.77 -45.56 29.02
CA ASN D 200 -24.19 -46.15 30.21
C ASN D 200 -24.24 -45.20 31.40
N GLU D 201 -23.80 -43.96 31.23
CA GLU D 201 -23.81 -42.95 32.29
C GLU D 201 -24.21 -41.61 31.68
N PRO D 202 -24.67 -40.67 32.51
CA PRO D 202 -24.99 -39.32 32.00
C PRO D 202 -23.79 -38.63 31.37
N VAL D 203 -24.07 -37.93 30.27
CA VAL D 203 -23.05 -37.24 29.48
C VAL D 203 -23.45 -35.77 29.37
N GLN D 204 -22.57 -34.88 29.83
CA GLN D 204 -22.78 -33.44 29.68
C GLN D 204 -21.40 -32.85 29.39
N LEU D 205 -21.07 -32.73 28.11
CA LEU D 205 -19.79 -32.22 27.67
C LEU D 205 -19.99 -31.15 26.61
N THR D 206 -18.87 -30.68 26.06
CA THR D 206 -18.89 -29.67 25.02
C THR D 206 -17.66 -29.84 24.15
N PHE D 207 -17.77 -29.37 22.90
CA PHE D 207 -16.72 -29.57 21.91
C PHE D 207 -16.62 -28.34 21.03
N ALA D 208 -15.55 -28.31 20.23
CA ALA D 208 -15.29 -27.20 19.32
C ALA D 208 -16.29 -27.25 18.17
N LEU D 209 -17.21 -26.28 18.15
CA LEU D 209 -18.20 -26.21 17.07
C LEU D 209 -17.56 -25.94 15.73
N ARG D 210 -16.56 -25.06 15.68
CA ARG D 210 -15.98 -24.64 14.42
C ARG D 210 -15.24 -25.78 13.73
N TYR D 211 -14.52 -26.61 14.49
CA TYR D 211 -13.82 -27.71 13.84
C TYR D 211 -14.77 -28.79 13.38
N LEU D 212 -15.88 -29.00 14.09
CA LEU D 212 -16.88 -29.92 13.59
C LEU D 212 -17.54 -29.36 12.34
N ASN D 213 -17.69 -28.03 12.27
CA ASN D 213 -18.18 -27.39 11.04
C ASN D 213 -17.25 -27.65 9.87
N PHE D 214 -15.96 -27.40 10.05
CA PHE D 214 -15.04 -27.68 8.94
C PHE D 214 -14.90 -29.18 8.65
N PHE D 215 -15.19 -30.04 9.62
CA PHE D 215 -15.08 -31.47 9.34
C PHE D 215 -16.33 -32.05 8.68
N THR D 216 -17.51 -31.46 8.92
CA THR D 216 -18.78 -32.10 8.54
C THR D 216 -19.04 -32.16 7.04
N LYS D 217 -18.05 -31.76 6.21
CA LYS D 217 -18.20 -31.82 4.76
C LYS D 217 -18.19 -33.25 4.21
N ALA D 218 -18.19 -34.26 5.07
CA ALA D 218 -18.18 -35.66 4.64
C ALA D 218 -19.57 -36.28 4.69
N THR D 219 -20.60 -35.51 4.36
CA THR D 219 -21.99 -35.94 4.53
C THR D 219 -22.38 -37.19 3.75
N PRO D 220 -22.18 -37.31 2.43
CA PRO D 220 -22.73 -38.47 1.72
C PRO D 220 -21.83 -39.68 1.72
N LEU D 221 -20.79 -39.68 2.57
CA LEU D 221 -19.87 -40.80 2.64
C LEU D 221 -20.57 -42.06 3.14
N SER D 222 -21.30 -41.93 4.23
CA SER D 222 -22.18 -42.99 4.70
C SER D 222 -23.59 -42.42 4.76
N SER D 223 -24.59 -43.27 4.52
CA SER D 223 -25.97 -42.83 4.55
C SER D 223 -26.41 -42.45 5.96
N THR D 224 -25.78 -43.01 6.98
CA THR D 224 -26.05 -42.67 8.36
C THR D 224 -24.72 -42.32 9.01
N VAL D 225 -24.78 -41.81 10.25
CA VAL D 225 -23.58 -41.57 11.03
C VAL D 225 -23.76 -42.17 12.41
N THR D 226 -22.69 -42.78 12.93
CA THR D 226 -22.67 -43.31 14.27
C THR D 226 -21.60 -42.57 15.07
N LEU D 227 -21.91 -42.34 16.34
CA LEU D 227 -21.03 -41.60 17.23
C LEU D 227 -20.78 -42.44 18.47
N SER D 228 -19.79 -42.01 19.26
CA SER D 228 -19.44 -42.73 20.48
C SER D 228 -18.56 -41.82 21.33
N MET D 229 -18.90 -41.68 22.62
CA MET D 229 -18.21 -40.72 23.46
C MET D 229 -18.42 -41.05 24.93
N SER D 230 -17.61 -40.42 25.77
CA SER D 230 -17.77 -40.40 27.23
C SER D 230 -17.17 -39.09 27.74
N ALA D 231 -16.90 -39.02 29.04
CA ALA D 231 -16.48 -37.78 29.70
C ALA D 231 -14.96 -37.74 29.87
N ASP D 232 -14.34 -36.65 29.41
CA ASP D 232 -12.89 -36.53 29.25
C ASP D 232 -12.34 -37.71 28.46
N VAL D 233 -12.99 -37.99 27.34
CA VAL D 233 -12.82 -39.19 26.53
C VAL D 233 -12.80 -38.70 25.08
N PRO D 234 -12.06 -39.35 24.18
CA PRO D 234 -12.13 -39.00 22.76
C PRO D 234 -13.55 -39.05 22.21
N LEU D 235 -13.91 -38.00 21.46
CA LEU D 235 -15.12 -38.05 20.66
C LEU D 235 -14.86 -38.98 19.48
N VAL D 236 -15.68 -40.01 19.34
CA VAL D 236 -15.54 -40.93 18.22
C VAL D 236 -16.79 -40.82 17.38
N VAL D 237 -16.73 -39.98 16.35
CA VAL D 237 -17.71 -39.97 15.27
C VAL D 237 -17.11 -40.73 14.10
N GLU D 238 -17.90 -41.62 13.51
CA GLU D 238 -17.34 -42.51 12.50
C GLU D 238 -18.36 -42.68 11.38
N TYR D 239 -17.84 -42.76 10.15
CA TYR D 239 -18.66 -42.80 8.95
C TYR D 239 -18.30 -44.11 8.25
N LYS D 240 -19.12 -45.13 8.45
CA LYS D 240 -18.85 -46.46 7.91
C LYS D 240 -19.16 -46.46 6.42
N ILE D 241 -18.12 -46.48 5.59
CA ILE D 241 -18.30 -46.46 4.13
C ILE D 241 -18.41 -47.92 3.68
N ALA D 242 -19.63 -48.47 3.86
CA ALA D 242 -20.01 -49.82 3.47
C ALA D 242 -19.02 -50.89 3.94
N ASP D 243 -18.71 -51.84 3.07
CA ASP D 243 -17.63 -52.78 3.30
C ASP D 243 -16.31 -52.29 2.72
N MET D 244 -16.27 -51.08 2.16
CA MET D 244 -15.01 -50.51 1.69
C MET D 244 -14.08 -50.24 2.87
N GLY D 245 -14.62 -49.68 3.94
CA GLY D 245 -13.86 -49.30 5.12
C GLY D 245 -14.70 -48.39 5.99
N HIS D 246 -14.06 -47.52 6.77
CA HIS D 246 -14.81 -46.51 7.51
C HIS D 246 -13.93 -45.32 7.78
N LEU D 247 -14.56 -44.15 7.86
CA LEU D 247 -13.94 -42.93 8.31
C LEU D 247 -14.16 -42.81 9.81
N LYS D 248 -13.20 -42.23 10.52
CA LYS D 248 -13.33 -41.98 11.95
C LYS D 248 -12.66 -40.65 12.25
N TYR D 249 -12.95 -40.10 13.43
CA TYR D 249 -12.54 -38.75 13.74
C TYR D 249 -12.44 -38.57 15.24
N TYR D 250 -11.36 -37.92 15.68
CA TYR D 250 -11.06 -37.75 17.10
C TYR D 250 -10.90 -36.26 17.39
N LEU D 251 -11.46 -35.82 18.53
CA LEU D 251 -11.55 -34.41 18.81
C LEU D 251 -11.15 -34.13 20.26
N ALA D 252 -10.52 -32.97 20.46
CA ALA D 252 -10.18 -32.50 21.79
C ALA D 252 -11.38 -31.78 22.41
N PRO D 253 -11.90 -32.25 23.53
CA PRO D 253 -13.05 -31.58 24.16
C PRO D 253 -12.64 -30.33 24.94
N LYS D 254 -13.57 -29.79 25.72
CA LYS D 254 -13.26 -28.73 26.67
C LYS D 254 -13.43 -29.30 28.07
N ILE D 255 -12.55 -28.93 29.00
CA ILE D 255 -12.76 -29.28 30.40
C ILE D 255 -12.86 -27.99 31.20
N GLU D 256 -13.72 -28.02 32.22
CA GLU D 256 -13.96 -26.86 33.07
C GLU D 256 -12.87 -26.79 34.13
N ASP D 257 -12.04 -25.76 34.05
CA ASP D 257 -10.99 -25.56 35.04
C ASP D 257 -11.62 -25.17 36.38
N GLU D 258 -11.11 -25.78 37.46
CA GLU D 258 -11.67 -25.54 38.79
C GLU D 258 -11.39 -24.12 39.25
N GLU D 259 -12.29 -23.61 40.08
CA GLU D 259 -12.23 -22.25 40.60
C GLU D 259 -12.08 -22.27 42.11
N GLY D 260 -11.82 -21.10 42.68
CA GLY D 260 -11.69 -20.97 44.12
C GLY D 260 -13.04 -20.99 44.81
N SER D 261 -13.08 -21.66 45.96
CA SER D 261 -14.30 -21.77 46.75
C SER D 261 -13.99 -21.98 48.22
#